data_2F7N
# 
_entry.id   2F7N 
# 
_audit_conform.dict_name       mmcif_pdbx.dic 
_audit_conform.dict_version    5.387 
_audit_conform.dict_location   http://mmcif.pdb.org/dictionaries/ascii/mmcif_pdbx.dic 
# 
loop_
_database_2.database_id 
_database_2.database_code 
_database_2.pdbx_database_accession 
_database_2.pdbx_DOI 
PDB   2F7N         pdb_00002f7n 10.2210/pdb2f7n/pdb 
RCSB  RCSB035552   ?            ?                   
WWPDB D_1000035552 ?            ?                   
# 
loop_
_pdbx_audit_revision_history.ordinal 
_pdbx_audit_revision_history.data_content_type 
_pdbx_audit_revision_history.major_revision 
_pdbx_audit_revision_history.minor_revision 
_pdbx_audit_revision_history.revision_date 
1 'Structure model' 1 0 2006-11-14 
2 'Structure model' 1 1 2008-05-01 
3 'Structure model' 1 2 2011-07-13 
4 'Structure model' 1 3 2011-11-16 
5 'Structure model' 1 4 2017-10-18 
6 'Structure model' 1 5 2024-02-14 
# 
_pdbx_audit_revision_details.ordinal             1 
_pdbx_audit_revision_details.revision_ordinal    1 
_pdbx_audit_revision_details.data_content_type   'Structure model' 
_pdbx_audit_revision_details.provider            repository 
_pdbx_audit_revision_details.type                'Initial release' 
_pdbx_audit_revision_details.description         ? 
_pdbx_audit_revision_details.details             ? 
# 
loop_
_pdbx_audit_revision_group.ordinal 
_pdbx_audit_revision_group.revision_ordinal 
_pdbx_audit_revision_group.data_content_type 
_pdbx_audit_revision_group.group 
1 2 'Structure model' 'Version format compliance' 
2 3 'Structure model' 'Derived calculations'      
3 3 'Structure model' 'Version format compliance' 
4 4 'Structure model' 'Atomic model'              
5 5 'Structure model' 'Refinement description'    
6 6 'Structure model' 'Data collection'           
7 6 'Structure model' 'Database references'       
8 6 'Structure model' 'Derived calculations'      
# 
loop_
_pdbx_audit_revision_category.ordinal 
_pdbx_audit_revision_category.revision_ordinal 
_pdbx_audit_revision_category.data_content_type 
_pdbx_audit_revision_category.category 
1 5 'Structure model' software               
2 6 'Structure model' chem_comp_atom         
3 6 'Structure model' chem_comp_bond         
4 6 'Structure model' database_2             
5 6 'Structure model' pdbx_struct_conn_angle 
6 6 'Structure model' struct_conn            
7 6 'Structure model' struct_site            
# 
loop_
_pdbx_audit_revision_item.ordinal 
_pdbx_audit_revision_item.revision_ordinal 
_pdbx_audit_revision_item.data_content_type 
_pdbx_audit_revision_item.item 
1  6 'Structure model' '_database_2.pdbx_DOI'                        
2  6 'Structure model' '_database_2.pdbx_database_accession'         
3  6 'Structure model' '_pdbx_struct_conn_angle.ptnr1_auth_comp_id'  
4  6 'Structure model' '_pdbx_struct_conn_angle.ptnr1_auth_seq_id'   
5  6 'Structure model' '_pdbx_struct_conn_angle.ptnr1_label_asym_id' 
6  6 'Structure model' '_pdbx_struct_conn_angle.ptnr1_label_atom_id' 
7  6 'Structure model' '_pdbx_struct_conn_angle.ptnr1_label_comp_id' 
8  6 'Structure model' '_pdbx_struct_conn_angle.ptnr1_label_seq_id'  
9  6 'Structure model' '_pdbx_struct_conn_angle.ptnr1_symmetry'      
10 6 'Structure model' '_pdbx_struct_conn_angle.ptnr2_auth_seq_id'   
11 6 'Structure model' '_pdbx_struct_conn_angle.ptnr2_label_asym_id' 
12 6 'Structure model' '_pdbx_struct_conn_angle.ptnr3_auth_comp_id'  
13 6 'Structure model' '_pdbx_struct_conn_angle.ptnr3_auth_seq_id'   
14 6 'Structure model' '_pdbx_struct_conn_angle.ptnr3_label_asym_id' 
15 6 'Structure model' '_pdbx_struct_conn_angle.ptnr3_label_atom_id' 
16 6 'Structure model' '_pdbx_struct_conn_angle.ptnr3_label_comp_id' 
17 6 'Structure model' '_pdbx_struct_conn_angle.ptnr3_label_seq_id'  
18 6 'Structure model' '_pdbx_struct_conn_angle.ptnr3_symmetry'      
19 6 'Structure model' '_pdbx_struct_conn_angle.value'               
20 6 'Structure model' '_struct_conn.pdbx_dist_value'                
21 6 'Structure model' '_struct_conn.ptnr1_auth_comp_id'             
22 6 'Structure model' '_struct_conn.ptnr1_auth_seq_id'              
23 6 'Structure model' '_struct_conn.ptnr1_label_asym_id'            
24 6 'Structure model' '_struct_conn.ptnr1_label_atom_id'            
25 6 'Structure model' '_struct_conn.ptnr1_label_comp_id'            
26 6 'Structure model' '_struct_conn.ptnr1_label_seq_id'             
27 6 'Structure model' '_struct_conn.ptnr1_symmetry'                 
28 6 'Structure model' '_struct_conn.ptnr2_auth_comp_id'             
29 6 'Structure model' '_struct_conn.ptnr2_auth_seq_id'              
30 6 'Structure model' '_struct_conn.ptnr2_label_asym_id'            
31 6 'Structure model' '_struct_conn.ptnr2_label_atom_id'            
32 6 'Structure model' '_struct_conn.ptnr2_label_comp_id'            
33 6 'Structure model' '_struct_conn.ptnr2_label_seq_id'             
34 6 'Structure model' '_struct_conn.ptnr2_symmetry'                 
35 6 'Structure model' '_struct_site.pdbx_auth_asym_id'              
36 6 'Structure model' '_struct_site.pdbx_auth_comp_id'              
37 6 'Structure model' '_struct_site.pdbx_auth_seq_id'               
# 
_pdbx_database_status.entry_id                        2F7N 
_pdbx_database_status.status_code                     REL 
_pdbx_database_status.recvd_initial_deposition_date   2005-12-01 
_pdbx_database_status.deposit_site                    RCSB 
_pdbx_database_status.process_site                    RCSB 
_pdbx_database_status.status_code_sf                  REL 
_pdbx_database_status.SG_entry                        N 
_pdbx_database_status.status_code_mr                  ? 
_pdbx_database_status.pdb_format_compatible           Y 
_pdbx_database_status.status_code_cs                  ? 
_pdbx_database_status.methods_development_category    ? 
_pdbx_database_status.status_code_nmr_data            ? 
# 
loop_
_audit_author.name 
_audit_author.pdbx_ordinal 
'Lee, Y.H.'         1 
'Kim, S.G.'         2 
'Bhattacharyya, G.' 3 
'Grove, A.'         4 
# 
_citation.id                        primary 
_citation.title                     'Crystal structure of Dps-1, a functionally distinct Dps protein from Deinococcus radiodurans.' 
_citation.journal_abbrev            J.Mol.Biol. 
_citation.journal_volume            361 
_citation.page_first                105 
_citation.page_last                 114 
_citation.year                      2006 
_citation.journal_id_ASTM           JMOBAK 
_citation.country                   UK 
_citation.journal_id_ISSN           0022-2836 
_citation.journal_id_CSD            0070 
_citation.book_publisher            ? 
_citation.pdbx_database_id_PubMed   16828801 
_citation.pdbx_database_id_DOI      10.1016/j.jmb.2006.06.010 
# 
loop_
_citation_author.citation_id 
_citation_author.name 
_citation_author.ordinal 
_citation_author.identifier_ORCID 
primary 'Kim, S.G.'         1 ? 
primary 'Bhattacharyya, G.' 2 ? 
primary 'Grove, A.'         3 ? 
primary 'Lee, Y.H.'         4 ? 
# 
loop_
_entity.id 
_entity.type 
_entity.src_method 
_entity.pdbx_description 
_entity.formula_weight 
_entity.pdbx_number_of_molecules 
_entity.pdbx_ec 
_entity.pdbx_mutation 
_entity.pdbx_fragment 
_entity.details 
1 polymer     man 'DNA-binding stress response protein, Dps family' 23050.719 1   ? ? ? ? 
2 non-polymer syn 'COBALT (II) ION'                                 58.933    4   ? ? ? ? 
3 non-polymer syn 'SULFATE ION'                                     96.063    1   ? ? ? ? 
4 water       nat water                                             18.015    115 ? ? ? ? 
# 
_entity_name_com.entity_id   1 
_entity_name_com.name        'Dps-1 Iron sequester ferritin homolog' 
# 
_entity_poly.entity_id                      1 
_entity_poly.type                           'polypeptide(L)' 
_entity_poly.nstd_linkage                   no 
_entity_poly.nstd_monomer                   no 
_entity_poly.pdbx_seq_one_letter_code       
;MTKKSTKSEAASKTKKSGVPETGAQGVRAGGADHADAAHLGTVNNALVNHHYLEEKEFQTVAETLQRNLATTISLYLKFK
KYHWDIRGRFFRDLHLAYDEFIAEIFPSIDEQAERLVALGGSPLAAPADLARYSTVQVPQETVRDARTQVADLVQDLSRV
GKGYRDDSQACDEANDPVTADMYNGYAATIDKIRWMLQAIMDDERLD
;
_entity_poly.pdbx_seq_one_letter_code_can   
;MTKKSTKSEAASKTKKSGVPETGAQGVRAGGADHADAAHLGTVNNALVNHHYLEEKEFQTVAETLQRNLATTISLYLKFK
KYHWDIRGRFFRDLHLAYDEFIAEIFPSIDEQAERLVALGGSPLAAPADLARYSTVQVPQETVRDARTQVADLVQDLSRV
GKGYRDDSQACDEANDPVTADMYNGYAATIDKIRWMLQAIMDDERLD
;
_entity_poly.pdbx_strand_id                 A 
_entity_poly.pdbx_target_identifier         ? 
# 
loop_
_pdbx_entity_nonpoly.entity_id 
_pdbx_entity_nonpoly.name 
_pdbx_entity_nonpoly.comp_id 
2 'COBALT (II) ION' CO  
3 'SULFATE ION'     SO4 
4 water             HOH 
# 
loop_
_entity_poly_seq.entity_id 
_entity_poly_seq.num 
_entity_poly_seq.mon_id 
_entity_poly_seq.hetero 
1 1   MET n 
1 2   THR n 
1 3   LYS n 
1 4   LYS n 
1 5   SER n 
1 6   THR n 
1 7   LYS n 
1 8   SER n 
1 9   GLU n 
1 10  ALA n 
1 11  ALA n 
1 12  SER n 
1 13  LYS n 
1 14  THR n 
1 15  LYS n 
1 16  LYS n 
1 17  SER n 
1 18  GLY n 
1 19  VAL n 
1 20  PRO n 
1 21  GLU n 
1 22  THR n 
1 23  GLY n 
1 24  ALA n 
1 25  GLN n 
1 26  GLY n 
1 27  VAL n 
1 28  ARG n 
1 29  ALA n 
1 30  GLY n 
1 31  GLY n 
1 32  ALA n 
1 33  ASP n 
1 34  HIS n 
1 35  ALA n 
1 36  ASP n 
1 37  ALA n 
1 38  ALA n 
1 39  HIS n 
1 40  LEU n 
1 41  GLY n 
1 42  THR n 
1 43  VAL n 
1 44  ASN n 
1 45  ASN n 
1 46  ALA n 
1 47  LEU n 
1 48  VAL n 
1 49  ASN n 
1 50  HIS n 
1 51  HIS n 
1 52  TYR n 
1 53  LEU n 
1 54  GLU n 
1 55  GLU n 
1 56  LYS n 
1 57  GLU n 
1 58  PHE n 
1 59  GLN n 
1 60  THR n 
1 61  VAL n 
1 62  ALA n 
1 63  GLU n 
1 64  THR n 
1 65  LEU n 
1 66  GLN n 
1 67  ARG n 
1 68  ASN n 
1 69  LEU n 
1 70  ALA n 
1 71  THR n 
1 72  THR n 
1 73  ILE n 
1 74  SER n 
1 75  LEU n 
1 76  TYR n 
1 77  LEU n 
1 78  LYS n 
1 79  PHE n 
1 80  LYS n 
1 81  LYS n 
1 82  TYR n 
1 83  HIS n 
1 84  TRP n 
1 85  ASP n 
1 86  ILE n 
1 87  ARG n 
1 88  GLY n 
1 89  ARG n 
1 90  PHE n 
1 91  PHE n 
1 92  ARG n 
1 93  ASP n 
1 94  LEU n 
1 95  HIS n 
1 96  LEU n 
1 97  ALA n 
1 98  TYR n 
1 99  ASP n 
1 100 GLU n 
1 101 PHE n 
1 102 ILE n 
1 103 ALA n 
1 104 GLU n 
1 105 ILE n 
1 106 PHE n 
1 107 PRO n 
1 108 SER n 
1 109 ILE n 
1 110 ASP n 
1 111 GLU n 
1 112 GLN n 
1 113 ALA n 
1 114 GLU n 
1 115 ARG n 
1 116 LEU n 
1 117 VAL n 
1 118 ALA n 
1 119 LEU n 
1 120 GLY n 
1 121 GLY n 
1 122 SER n 
1 123 PRO n 
1 124 LEU n 
1 125 ALA n 
1 126 ALA n 
1 127 PRO n 
1 128 ALA n 
1 129 ASP n 
1 130 LEU n 
1 131 ALA n 
1 132 ARG n 
1 133 TYR n 
1 134 SER n 
1 135 THR n 
1 136 VAL n 
1 137 GLN n 
1 138 VAL n 
1 139 PRO n 
1 140 GLN n 
1 141 GLU n 
1 142 THR n 
1 143 VAL n 
1 144 ARG n 
1 145 ASP n 
1 146 ALA n 
1 147 ARG n 
1 148 THR n 
1 149 GLN n 
1 150 VAL n 
1 151 ALA n 
1 152 ASP n 
1 153 LEU n 
1 154 VAL n 
1 155 GLN n 
1 156 ASP n 
1 157 LEU n 
1 158 SER n 
1 159 ARG n 
1 160 VAL n 
1 161 GLY n 
1 162 LYS n 
1 163 GLY n 
1 164 TYR n 
1 165 ARG n 
1 166 ASP n 
1 167 ASP n 
1 168 SER n 
1 169 GLN n 
1 170 ALA n 
1 171 CYS n 
1 172 ASP n 
1 173 GLU n 
1 174 ALA n 
1 175 ASN n 
1 176 ASP n 
1 177 PRO n 
1 178 VAL n 
1 179 THR n 
1 180 ALA n 
1 181 ASP n 
1 182 MET n 
1 183 TYR n 
1 184 ASN n 
1 185 GLY n 
1 186 TYR n 
1 187 ALA n 
1 188 ALA n 
1 189 THR n 
1 190 ILE n 
1 191 ASP n 
1 192 LYS n 
1 193 ILE n 
1 194 ARG n 
1 195 TRP n 
1 196 MET n 
1 197 LEU n 
1 198 GLN n 
1 199 ALA n 
1 200 ILE n 
1 201 MET n 
1 202 ASP n 
1 203 ASP n 
1 204 GLU n 
1 205 ARG n 
1 206 LEU n 
1 207 ASP n 
# 
_entity_src_gen.entity_id                          1 
_entity_src_gen.pdbx_src_id                        1 
_entity_src_gen.pdbx_alt_source_flag               sample 
_entity_src_gen.pdbx_seq_type                      ? 
_entity_src_gen.pdbx_beg_seq_num                   ? 
_entity_src_gen.pdbx_end_seq_num                   ? 
_entity_src_gen.gene_src_common_name               ? 
_entity_src_gen.gene_src_genus                     Deinococcus 
_entity_src_gen.pdbx_gene_src_gene                 ? 
_entity_src_gen.gene_src_species                   ? 
_entity_src_gen.gene_src_strain                    ? 
_entity_src_gen.gene_src_tissue                    ? 
_entity_src_gen.gene_src_tissue_fraction           ? 
_entity_src_gen.gene_src_details                   ? 
_entity_src_gen.pdbx_gene_src_fragment             ? 
_entity_src_gen.pdbx_gene_src_scientific_name      'Deinococcus radiodurans' 
_entity_src_gen.pdbx_gene_src_ncbi_taxonomy_id     1299 
_entity_src_gen.pdbx_gene_src_variant              ? 
_entity_src_gen.pdbx_gene_src_cell_line            ? 
_entity_src_gen.pdbx_gene_src_atcc                 ? 
_entity_src_gen.pdbx_gene_src_organ                ? 
_entity_src_gen.pdbx_gene_src_organelle            ? 
_entity_src_gen.pdbx_gene_src_cell                 ? 
_entity_src_gen.pdbx_gene_src_cellular_location    ? 
_entity_src_gen.host_org_common_name               ? 
_entity_src_gen.pdbx_host_org_scientific_name      'Escherichia coli BL21(DE3)' 
_entity_src_gen.pdbx_host_org_ncbi_taxonomy_id     469008 
_entity_src_gen.host_org_genus                     Escherichia 
_entity_src_gen.pdbx_host_org_gene                 ? 
_entity_src_gen.pdbx_host_org_organ                ? 
_entity_src_gen.host_org_species                   'Escherichia coli' 
_entity_src_gen.pdbx_host_org_tissue               ? 
_entity_src_gen.pdbx_host_org_tissue_fraction      ? 
_entity_src_gen.pdbx_host_org_strain               BL21DE3 
_entity_src_gen.pdbx_host_org_variant              ? 
_entity_src_gen.pdbx_host_org_cell_line            ? 
_entity_src_gen.pdbx_host_org_atcc                 ? 
_entity_src_gen.pdbx_host_org_culture_collection   ? 
_entity_src_gen.pdbx_host_org_cell                 ? 
_entity_src_gen.pdbx_host_org_organelle            ? 
_entity_src_gen.pdbx_host_org_cellular_location    ? 
_entity_src_gen.pdbx_host_org_vector_type          plasmid 
_entity_src_gen.pdbx_host_org_vector               ? 
_entity_src_gen.host_org_details                   ? 
_entity_src_gen.expression_system_id               ? 
_entity_src_gen.plasmid_name                       pET3 
_entity_src_gen.plasmid_details                    ? 
_entity_src_gen.pdbx_description                   ? 
# 
loop_
_chem_comp.id 
_chem_comp.type 
_chem_comp.mon_nstd_flag 
_chem_comp.name 
_chem_comp.pdbx_synonyms 
_chem_comp.formula 
_chem_comp.formula_weight 
ALA 'L-peptide linking' y ALANINE           ? 'C3 H7 N O2'     89.093  
ARG 'L-peptide linking' y ARGININE          ? 'C6 H15 N4 O2 1' 175.209 
ASN 'L-peptide linking' y ASPARAGINE        ? 'C4 H8 N2 O3'    132.118 
ASP 'L-peptide linking' y 'ASPARTIC ACID'   ? 'C4 H7 N O4'     133.103 
CO  non-polymer         . 'COBALT (II) ION' ? 'Co 2'           58.933  
CYS 'L-peptide linking' y CYSTEINE          ? 'C3 H7 N O2 S'   121.158 
GLN 'L-peptide linking' y GLUTAMINE         ? 'C5 H10 N2 O3'   146.144 
GLU 'L-peptide linking' y 'GLUTAMIC ACID'   ? 'C5 H9 N O4'     147.129 
GLY 'peptide linking'   y GLYCINE           ? 'C2 H5 N O2'     75.067  
HIS 'L-peptide linking' y HISTIDINE         ? 'C6 H10 N3 O2 1' 156.162 
HOH non-polymer         . WATER             ? 'H2 O'           18.015  
ILE 'L-peptide linking' y ISOLEUCINE        ? 'C6 H13 N O2'    131.173 
LEU 'L-peptide linking' y LEUCINE           ? 'C6 H13 N O2'    131.173 
LYS 'L-peptide linking' y LYSINE            ? 'C6 H15 N2 O2 1' 147.195 
MET 'L-peptide linking' y METHIONINE        ? 'C5 H11 N O2 S'  149.211 
PHE 'L-peptide linking' y PHENYLALANINE     ? 'C9 H11 N O2'    165.189 
PRO 'L-peptide linking' y PROLINE           ? 'C5 H9 N O2'     115.130 
SER 'L-peptide linking' y SERINE            ? 'C3 H7 N O3'     105.093 
SO4 non-polymer         . 'SULFATE ION'     ? 'O4 S -2'        96.063  
THR 'L-peptide linking' y THREONINE         ? 'C4 H9 N O3'     119.119 
TRP 'L-peptide linking' y TRYPTOPHAN        ? 'C11 H12 N2 O2'  204.225 
TYR 'L-peptide linking' y TYROSINE          ? 'C9 H11 N O3'    181.189 
VAL 'L-peptide linking' y VALINE            ? 'C5 H11 N O2'    117.146 
# 
loop_
_pdbx_poly_seq_scheme.asym_id 
_pdbx_poly_seq_scheme.entity_id 
_pdbx_poly_seq_scheme.seq_id 
_pdbx_poly_seq_scheme.mon_id 
_pdbx_poly_seq_scheme.ndb_seq_num 
_pdbx_poly_seq_scheme.pdb_seq_num 
_pdbx_poly_seq_scheme.auth_seq_num 
_pdbx_poly_seq_scheme.pdb_mon_id 
_pdbx_poly_seq_scheme.auth_mon_id 
_pdbx_poly_seq_scheme.pdb_strand_id 
_pdbx_poly_seq_scheme.pdb_ins_code 
_pdbx_poly_seq_scheme.hetero 
A 1 1   MET 1   1   ?   ?   ?   A . n 
A 1 2   THR 2   2   ?   ?   ?   A . n 
A 1 3   LYS 3   3   ?   ?   ?   A . n 
A 1 4   LYS 4   4   ?   ?   ?   A . n 
A 1 5   SER 5   5   ?   ?   ?   A . n 
A 1 6   THR 6   6   ?   ?   ?   A . n 
A 1 7   LYS 7   7   ?   ?   ?   A . n 
A 1 8   SER 8   8   ?   ?   ?   A . n 
A 1 9   GLU 9   9   ?   ?   ?   A . n 
A 1 10  ALA 10  10  ?   ?   ?   A . n 
A 1 11  ALA 11  11  ?   ?   ?   A . n 
A 1 12  SER 12  12  ?   ?   ?   A . n 
A 1 13  LYS 13  13  ?   ?   ?   A . n 
A 1 14  THR 14  14  ?   ?   ?   A . n 
A 1 15  LYS 15  15  ?   ?   ?   A . n 
A 1 16  LYS 16  16  ?   ?   ?   A . n 
A 1 17  SER 17  17  ?   ?   ?   A . n 
A 1 18  GLY 18  18  ?   ?   ?   A . n 
A 1 19  VAL 19  19  ?   ?   ?   A . n 
A 1 20  PRO 20  20  ?   ?   ?   A . n 
A 1 21  GLU 21  21  ?   ?   ?   A . n 
A 1 22  THR 22  22  ?   ?   ?   A . n 
A 1 23  GLY 23  23  ?   ?   ?   A . n 
A 1 24  ALA 24  24  ?   ?   ?   A . n 
A 1 25  GLN 25  25  ?   ?   ?   A . n 
A 1 26  GLY 26  26  ?   ?   ?   A . n 
A 1 27  VAL 27  27  ?   ?   ?   A . n 
A 1 28  ARG 28  28  ?   ?   ?   A . n 
A 1 29  ALA 29  29  ?   ?   ?   A . n 
A 1 30  GLY 30  30  ?   ?   ?   A . n 
A 1 31  GLY 31  31  ?   ?   ?   A . n 
A 1 32  ALA 32  32  32  ALA ALA A . n 
A 1 33  ASP 33  33  33  ASP ASP A . n 
A 1 34  HIS 34  34  34  HIS HIS A . n 
A 1 35  ALA 35  35  35  ALA ALA A . n 
A 1 36  ASP 36  36  36  ASP ASP A . n 
A 1 37  ALA 37  37  37  ALA ALA A . n 
A 1 38  ALA 38  38  38  ALA ALA A . n 
A 1 39  HIS 39  39  39  HIS HIS A . n 
A 1 40  LEU 40  40  40  LEU LEU A . n 
A 1 41  GLY 41  41  41  GLY GLY A . n 
A 1 42  THR 42  42  42  THR THR A . n 
A 1 43  VAL 43  43  43  VAL VAL A . n 
A 1 44  ASN 44  44  44  ASN ASN A . n 
A 1 45  ASN 45  45  45  ASN ASN A . n 
A 1 46  ALA 46  46  46  ALA ALA A . n 
A 1 47  LEU 47  47  47  LEU LEU A . n 
A 1 48  VAL 48  48  48  VAL VAL A . n 
A 1 49  ASN 49  49  49  ASN ASN A . n 
A 1 50  HIS 50  50  50  HIS HIS A . n 
A 1 51  HIS 51  51  51  HIS HIS A . n 
A 1 52  TYR 52  52  52  TYR TYR A . n 
A 1 53  LEU 53  53  53  LEU LEU A . n 
A 1 54  GLU 54  54  54  GLU GLU A . n 
A 1 55  GLU 55  55  55  GLU GLU A . n 
A 1 56  LYS 56  56  56  LYS LYS A . n 
A 1 57  GLU 57  57  57  GLU GLU A . n 
A 1 58  PHE 58  58  58  PHE PHE A . n 
A 1 59  GLN 59  59  59  GLN GLN A . n 
A 1 60  THR 60  60  60  THR THR A . n 
A 1 61  VAL 61  61  61  VAL VAL A . n 
A 1 62  ALA 62  62  62  ALA ALA A . n 
A 1 63  GLU 63  63  63  GLU GLU A . n 
A 1 64  THR 64  64  64  THR THR A . n 
A 1 65  LEU 65  65  65  LEU LEU A . n 
A 1 66  GLN 66  66  66  GLN GLN A . n 
A 1 67  ARG 67  67  67  ARG ARG A . n 
A 1 68  ASN 68  68  68  ASN ASN A . n 
A 1 69  LEU 69  69  69  LEU LEU A . n 
A 1 70  ALA 70  70  70  ALA ALA A . n 
A 1 71  THR 71  71  71  THR THR A . n 
A 1 72  THR 72  72  72  THR THR A . n 
A 1 73  ILE 73  73  73  ILE ILE A . n 
A 1 74  SER 74  74  74  SER SER A . n 
A 1 75  LEU 75  75  75  LEU LEU A . n 
A 1 76  TYR 76  76  76  TYR TYR A . n 
A 1 77  LEU 77  77  77  LEU LEU A . n 
A 1 78  LYS 78  78  78  LYS LYS A . n 
A 1 79  PHE 79  79  79  PHE PHE A . n 
A 1 80  LYS 80  80  80  LYS LYS A . n 
A 1 81  LYS 81  81  81  LYS LYS A . n 
A 1 82  TYR 82  82  82  TYR TYR A . n 
A 1 83  HIS 83  83  83  HIS HIS A . n 
A 1 84  TRP 84  84  84  TRP TRP A . n 
A 1 85  ASP 85  85  85  ASP ASP A . n 
A 1 86  ILE 86  86  86  ILE ILE A . n 
A 1 87  ARG 87  87  87  ARG ARG A . n 
A 1 88  GLY 88  88  88  GLY GLY A . n 
A 1 89  ARG 89  89  89  ARG ARG A . n 
A 1 90  PHE 90  90  90  PHE PHE A . n 
A 1 91  PHE 91  91  91  PHE PHE A . n 
A 1 92  ARG 92  92  92  ARG ARG A . n 
A 1 93  ASP 93  93  93  ASP ASP A . n 
A 1 94  LEU 94  94  94  LEU LEU A . n 
A 1 95  HIS 95  95  95  HIS HIS A . n 
A 1 96  LEU 96  96  96  LEU LEU A . n 
A 1 97  ALA 97  97  97  ALA ALA A . n 
A 1 98  TYR 98  98  98  TYR TYR A . n 
A 1 99  ASP 99  99  99  ASP ASP A . n 
A 1 100 GLU 100 100 100 GLU GLU A . n 
A 1 101 PHE 101 101 101 PHE PHE A . n 
A 1 102 ILE 102 102 102 ILE ILE A . n 
A 1 103 ALA 103 103 103 ALA ALA A . n 
A 1 104 GLU 104 104 104 GLU GLU A . n 
A 1 105 ILE 105 105 105 ILE ILE A . n 
A 1 106 PHE 106 106 106 PHE PHE A . n 
A 1 107 PRO 107 107 107 PRO PRO A . n 
A 1 108 SER 108 108 108 SER SER A . n 
A 1 109 ILE 109 109 109 ILE ILE A . n 
A 1 110 ASP 110 110 110 ASP ASP A . n 
A 1 111 GLU 111 111 111 GLU GLU A . n 
A 1 112 GLN 112 112 112 GLN GLN A . n 
A 1 113 ALA 113 113 113 ALA ALA A . n 
A 1 114 GLU 114 114 114 GLU GLU A . n 
A 1 115 ARG 115 115 115 ARG ARG A . n 
A 1 116 LEU 116 116 116 LEU LEU A . n 
A 1 117 VAL 117 117 117 VAL VAL A . n 
A 1 118 ALA 118 118 118 ALA ALA A . n 
A 1 119 LEU 119 119 119 LEU LEU A . n 
A 1 120 GLY 120 120 120 GLY GLY A . n 
A 1 121 GLY 121 121 121 GLY GLY A . n 
A 1 122 SER 122 122 122 SER SER A . n 
A 1 123 PRO 123 123 123 PRO PRO A . n 
A 1 124 LEU 124 124 124 LEU LEU A . n 
A 1 125 ALA 125 125 125 ALA ALA A . n 
A 1 126 ALA 126 126 126 ALA ALA A . n 
A 1 127 PRO 127 127 127 PRO PRO A . n 
A 1 128 ALA 128 128 128 ALA ALA A . n 
A 1 129 ASP 129 129 129 ASP ASP A . n 
A 1 130 LEU 130 130 130 LEU LEU A . n 
A 1 131 ALA 131 131 131 ALA ALA A . n 
A 1 132 ARG 132 132 132 ARG ARG A . n 
A 1 133 TYR 133 133 133 TYR TYR A . n 
A 1 134 SER 134 134 134 SER SER A . n 
A 1 135 THR 135 135 135 THR THR A . n 
A 1 136 VAL 136 136 136 VAL VAL A . n 
A 1 137 GLN 137 137 137 GLN GLN A . n 
A 1 138 VAL 138 138 138 VAL VAL A . n 
A 1 139 PRO 139 139 139 PRO PRO A . n 
A 1 140 GLN 140 140 140 GLN GLN A . n 
A 1 141 GLU 141 141 141 GLU GLU A . n 
A 1 142 THR 142 142 142 THR THR A . n 
A 1 143 VAL 143 143 143 VAL VAL A . n 
A 1 144 ARG 144 144 144 ARG ARG A . n 
A 1 145 ASP 145 145 145 ASP ASP A . n 
A 1 146 ALA 146 146 146 ALA ALA A . n 
A 1 147 ARG 147 147 147 ARG ARG A . n 
A 1 148 THR 148 148 148 THR THR A . n 
A 1 149 GLN 149 149 149 GLN GLN A . n 
A 1 150 VAL 150 150 150 VAL VAL A . n 
A 1 151 ALA 151 151 151 ALA ALA A . n 
A 1 152 ASP 152 152 152 ASP ASP A . n 
A 1 153 LEU 153 153 153 LEU LEU A . n 
A 1 154 VAL 154 154 154 VAL VAL A . n 
A 1 155 GLN 155 155 155 GLN GLN A . n 
A 1 156 ASP 156 156 156 ASP ASP A . n 
A 1 157 LEU 157 157 157 LEU LEU A . n 
A 1 158 SER 158 158 158 SER SER A . n 
A 1 159 ARG 159 159 159 ARG ARG A . n 
A 1 160 VAL 160 160 160 VAL VAL A . n 
A 1 161 GLY 161 161 161 GLY GLY A . n 
A 1 162 LYS 162 162 162 LYS LYS A . n 
A 1 163 GLY 163 163 163 GLY GLY A . n 
A 1 164 TYR 164 164 164 TYR TYR A . n 
A 1 165 ARG 165 165 165 ARG ARG A . n 
A 1 166 ASP 166 166 166 ASP ASP A . n 
A 1 167 ASP 167 167 167 ASP ASP A . n 
A 1 168 SER 168 168 168 SER SER A . n 
A 1 169 GLN 169 169 169 GLN GLN A . n 
A 1 170 ALA 170 170 170 ALA ALA A . n 
A 1 171 CYS 171 171 171 CYS CYS A . n 
A 1 172 ASP 172 172 172 ASP ASP A . n 
A 1 173 GLU 173 173 173 GLU GLU A . n 
A 1 174 ALA 174 174 174 ALA ALA A . n 
A 1 175 ASN 175 175 175 ASN ASN A . n 
A 1 176 ASP 176 176 176 ASP ASP A . n 
A 1 177 PRO 177 177 177 PRO PRO A . n 
A 1 178 VAL 178 178 178 VAL VAL A . n 
A 1 179 THR 179 179 179 THR THR A . n 
A 1 180 ALA 180 180 180 ALA ALA A . n 
A 1 181 ASP 181 181 181 ASP ASP A . n 
A 1 182 MET 182 182 182 MET MET A . n 
A 1 183 TYR 183 183 183 TYR TYR A . n 
A 1 184 ASN 184 184 184 ASN ASN A . n 
A 1 185 GLY 185 185 185 GLY GLY A . n 
A 1 186 TYR 186 186 186 TYR TYR A . n 
A 1 187 ALA 187 187 187 ALA ALA A . n 
A 1 188 ALA 188 188 188 ALA ALA A . n 
A 1 189 THR 189 189 189 THR THR A . n 
A 1 190 ILE 190 190 190 ILE ILE A . n 
A 1 191 ASP 191 191 191 ASP ASP A . n 
A 1 192 LYS 192 192 192 LYS LYS A . n 
A 1 193 ILE 193 193 193 ILE ILE A . n 
A 1 194 ARG 194 194 194 ARG ARG A . n 
A 1 195 TRP 195 195 195 TRP TRP A . n 
A 1 196 MET 196 196 196 MET MET A . n 
A 1 197 LEU 197 197 197 LEU LEU A . n 
A 1 198 GLN 198 198 198 GLN GLN A . n 
A 1 199 ALA 199 199 199 ALA ALA A . n 
A 1 200 ILE 200 200 200 ILE ILE A . n 
A 1 201 MET 201 201 201 MET MET A . n 
A 1 202 ASP 202 202 202 ASP ASP A . n 
A 1 203 ASP 203 203 203 ASP ASP A . n 
A 1 204 GLU 204 204 204 GLU GLU A . n 
A 1 205 ARG 205 205 205 ARG ARG A . n 
A 1 206 LEU 206 206 206 LEU LEU A . n 
A 1 207 ASP 207 207 207 ASP ASP A . n 
# 
loop_
_pdbx_nonpoly_scheme.asym_id 
_pdbx_nonpoly_scheme.entity_id 
_pdbx_nonpoly_scheme.mon_id 
_pdbx_nonpoly_scheme.ndb_seq_num 
_pdbx_nonpoly_scheme.pdb_seq_num 
_pdbx_nonpoly_scheme.auth_seq_num 
_pdbx_nonpoly_scheme.pdb_mon_id 
_pdbx_nonpoly_scheme.auth_mon_id 
_pdbx_nonpoly_scheme.pdb_strand_id 
_pdbx_nonpoly_scheme.pdb_ins_code 
B 2 CO  1   208 208 CO  CO  A . 
C 2 CO  1   209 209 CO  CO  A . 
D 2 CO  1   210 210 CO  CO  A . 
E 2 CO  1   211 211 CO  CO  A . 
F 3 SO4 1   301 301 SO4 SO4 A . 
G 4 HOH 1   213 213 HOH HOH A . 
G 4 HOH 2   214 214 HOH HOH A . 
G 4 HOH 3   215 215 HOH HOH A . 
G 4 HOH 4   216 216 HOH HOH A . 
G 4 HOH 5   217 217 HOH HOH A . 
G 4 HOH 6   218 218 HOH HOH A . 
G 4 HOH 7   219 219 HOH HOH A . 
G 4 HOH 8   220 220 HOH HOH A . 
G 4 HOH 9   221 221 HOH HOH A . 
G 4 HOH 10  222 222 HOH HOH A . 
G 4 HOH 11  223 223 HOH HOH A . 
G 4 HOH 12  224 224 HOH HOH A . 
G 4 HOH 13  225 225 HOH HOH A . 
G 4 HOH 14  226 226 HOH HOH A . 
G 4 HOH 15  227 227 HOH HOH A . 
G 4 HOH 16  228 228 HOH HOH A . 
G 4 HOH 17  229 229 HOH HOH A . 
G 4 HOH 18  230 230 HOH HOH A . 
G 4 HOH 19  231 231 HOH HOH A . 
G 4 HOH 20  232 232 HOH HOH A . 
G 4 HOH 21  233 233 HOH HOH A . 
G 4 HOH 22  234 234 HOH HOH A . 
G 4 HOH 23  235 235 HOH HOH A . 
G 4 HOH 24  236 236 HOH HOH A . 
G 4 HOH 25  237 237 HOH HOH A . 
G 4 HOH 26  238 238 HOH HOH A . 
G 4 HOH 27  239 239 HOH HOH A . 
G 4 HOH 28  240 240 HOH HOH A . 
G 4 HOH 29  241 241 HOH HOH A . 
G 4 HOH 30  242 242 HOH HOH A . 
G 4 HOH 31  244 244 HOH HOH A . 
G 4 HOH 32  245 245 HOH HOH A . 
G 4 HOH 33  246 246 HOH HOH A . 
G 4 HOH 34  248 248 HOH HOH A . 
G 4 HOH 35  249 249 HOH HOH A . 
G 4 HOH 36  250 250 HOH HOH A . 
G 4 HOH 37  251 251 HOH HOH A . 
G 4 HOH 38  252 252 HOH HOH A . 
G 4 HOH 39  253 253 HOH HOH A . 
G 4 HOH 40  254 254 HOH HOH A . 
G 4 HOH 41  255 255 HOH HOH A . 
G 4 HOH 42  256 256 HOH HOH A . 
G 4 HOH 43  257 257 HOH HOH A . 
G 4 HOH 44  259 259 HOH HOH A . 
G 4 HOH 45  260 260 HOH HOH A . 
G 4 HOH 46  261 261 HOH HOH A . 
G 4 HOH 47  262 262 HOH HOH A . 
G 4 HOH 48  263 263 HOH HOH A . 
G 4 HOH 49  264 264 HOH HOH A . 
G 4 HOH 50  265 265 HOH HOH A . 
G 4 HOH 51  266 266 HOH HOH A . 
G 4 HOH 52  267 267 HOH HOH A . 
G 4 HOH 53  268 268 HOH HOH A . 
G 4 HOH 54  269 269 HOH HOH A . 
G 4 HOH 55  270 270 HOH HOH A . 
G 4 HOH 56  271 271 HOH HOH A . 
G 4 HOH 57  272 272 HOH HOH A . 
G 4 HOH 58  273 273 HOH HOH A . 
G 4 HOH 59  274 274 HOH HOH A . 
G 4 HOH 60  275 275 HOH HOH A . 
G 4 HOH 61  276 276 HOH HOH A . 
G 4 HOH 62  277 277 HOH HOH A . 
G 4 HOH 63  278 278 HOH HOH A . 
G 4 HOH 64  279 279 HOH HOH A . 
G 4 HOH 65  280 280 HOH HOH A . 
G 4 HOH 66  281 281 HOH HOH A . 
G 4 HOH 67  282 282 HOH HOH A . 
G 4 HOH 68  283 283 HOH HOH A . 
G 4 HOH 69  284 284 HOH HOH A . 
G 4 HOH 70  285 285 HOH HOH A . 
G 4 HOH 71  286 286 HOH HOH A . 
G 4 HOH 72  287 287 HOH HOH A . 
G 4 HOH 73  288 288 HOH HOH A . 
G 4 HOH 74  289 289 HOH HOH A . 
G 4 HOH 75  290 290 HOH HOH A . 
G 4 HOH 76  291 291 HOH HOH A . 
G 4 HOH 77  292 292 HOH HOH A . 
G 4 HOH 78  293 293 HOH HOH A . 
G 4 HOH 79  294 294 HOH HOH A . 
G 4 HOH 80  295 295 HOH HOH A . 
G 4 HOH 81  296 296 HOH HOH A . 
G 4 HOH 82  297 297 HOH HOH A . 
G 4 HOH 83  298 298 HOH HOH A . 
G 4 HOH 84  299 299 HOH HOH A . 
G 4 HOH 85  300 300 HOH HOH A . 
G 4 HOH 86  302 302 HOH HOH A . 
G 4 HOH 87  303 303 HOH HOH A . 
G 4 HOH 88  304 304 HOH HOH A . 
G 4 HOH 89  305 305 HOH HOH A . 
G 4 HOH 90  306 306 HOH HOH A . 
G 4 HOH 91  307 307 HOH HOH A . 
G 4 HOH 92  308 308 HOH HOH A . 
G 4 HOH 93  309 309 HOH HOH A . 
G 4 HOH 94  310 310 HOH HOH A . 
G 4 HOH 95  311 311 HOH HOH A . 
G 4 HOH 96  312 312 HOH HOH A . 
G 4 HOH 97  313 313 HOH HOH A . 
G 4 HOH 98  314 314 HOH HOH A . 
G 4 HOH 99  315 315 HOH HOH A . 
G 4 HOH 100 316 316 HOH HOH A . 
G 4 HOH 101 317 317 HOH HOH A . 
G 4 HOH 102 318 318 HOH HOH A . 
G 4 HOH 103 319 319 HOH HOH A . 
G 4 HOH 104 320 320 HOH HOH A . 
G 4 HOH 105 321 321 HOH HOH A . 
G 4 HOH 106 322 322 HOH HOH A . 
G 4 HOH 107 323 323 HOH HOH A . 
G 4 HOH 108 324 324 HOH HOH A . 
G 4 HOH 109 325 325 HOH HOH A . 
G 4 HOH 110 326 326 HOH HOH A . 
G 4 HOH 111 327 327 HOH HOH A . 
G 4 HOH 112 328 328 HOH HOH A . 
G 4 HOH 113 329 329 HOH HOH A . 
G 4 HOH 114 331 331 HOH HOH A . 
G 4 HOH 115 340 340 HOH HOH A . 
# 
loop_
_software.name 
_software.classification 
_software.version 
_software.citation_id 
_software.pdbx_ordinal 
MAR345    'data collection' . ? 1 
SCALEPACK 'data scaling'    . ? 2 
CNS       refinement        . ? 3 
CNS       phasing           . ? 4 
# 
_cell.entry_id           2F7N 
_cell.length_a           90.130 
_cell.length_b           90.130 
_cell.length_c           90.130 
_cell.angle_alpha        90.00 
_cell.angle_beta         90.00 
_cell.angle_gamma        90.00 
_cell.Z_PDB              12 
_cell.pdbx_unique_axis   ? 
_cell.length_a_esd       ? 
_cell.length_b_esd       ? 
_cell.length_c_esd       ? 
_cell.angle_alpha_esd    ? 
_cell.angle_beta_esd     ? 
_cell.angle_gamma_esd    ? 
# 
_symmetry.entry_id                         2F7N 
_symmetry.space_group_name_H-M             'P 2 3' 
_symmetry.pdbx_full_space_group_name_H-M   ? 
_symmetry.Int_Tables_number                195 
_symmetry.cell_setting                     ? 
_symmetry.space_group_name_Hall            ? 
# 
_exptl.entry_id          2F7N 
_exptl.method            'X-RAY DIFFRACTION' 
_exptl.crystals_number   1 
# 
_exptl_crystal.id                    1 
_exptl_crystal.density_meas          ? 
_exptl_crystal.density_Matthews      2.65 
_exptl_crystal.density_percent_sol   53.52 
_exptl_crystal.description           ? 
_exptl_crystal.F_000                 ? 
_exptl_crystal.preparation           ? 
# 
_exptl_crystal_grow.crystal_id      1 
_exptl_crystal_grow.method          'VAPOR DIFFUSION, SITTING DROP' 
_exptl_crystal_grow.temp            293 
_exptl_crystal_grow.pH              6.5 
_exptl_crystal_grow.pdbx_details    
'100mM MES; 100mM cobalt chloride; 2M anmmonium sulfate, pH 6.5, VAPOR DIFFUSION, SITTING DROP, temperature 293K' 
_exptl_crystal_grow.temp_details    ? 
_exptl_crystal_grow.pdbx_pH_range   . 
# 
_diffrn.id                     1 
_diffrn.ambient_temp           100 
_diffrn.ambient_temp_details   ? 
_diffrn.crystal_id             1 
# 
_diffrn_detector.diffrn_id              1 
_diffrn_detector.detector               'IMAGE PLATE' 
_diffrn_detector.type                   MARRESEARCH 
_diffrn_detector.pdbx_collection_date   2005-05-14 
_diffrn_detector.details                ? 
# 
_diffrn_radiation.diffrn_id                        1 
_diffrn_radiation.wavelength_id                    1 
_diffrn_radiation.pdbx_monochromatic_or_laue_m_l   M 
_diffrn_radiation.monochromator                    silicon 
_diffrn_radiation.pdbx_diffrn_protocol             'SINGLE WAVELENGTH' 
_diffrn_radiation.pdbx_scattering_type             x-ray 
# 
_diffrn_radiation_wavelength.id           1 
_diffrn_radiation_wavelength.wavelength   1.5418 
_diffrn_radiation_wavelength.wt           1.0 
# 
_diffrn_source.diffrn_id                   1 
_diffrn_source.source                      'ROTATING ANODE' 
_diffrn_source.type                        'RIGAKU RU200' 
_diffrn_source.pdbx_synchrotron_site       ? 
_diffrn_source.pdbx_synchrotron_beamline   ? 
_diffrn_source.pdbx_wavelength             ? 
_diffrn_source.pdbx_wavelength_list        1.5418 
# 
_reflns.entry_id                     2F7N 
_reflns.observed_criterion_sigma_I   5 
_reflns.observed_criterion_sigma_F   ? 
_reflns.d_resolution_low             30 
_reflns.d_resolution_high            2.0 
_reflns.number_obs                   16568 
_reflns.number_all                   31997 
_reflns.percent_possible_obs         99.8 
_reflns.pdbx_Rmerge_I_obs            0.11 
_reflns.pdbx_Rsym_value              ? 
_reflns.pdbx_netI_over_sigmaI        14.7 
_reflns.B_iso_Wilson_estimate        ? 
_reflns.pdbx_redundancy              9.2 
_reflns.R_free_details               ? 
_reflns.limit_h_max                  ? 
_reflns.limit_h_min                  ? 
_reflns.limit_k_max                  ? 
_reflns.limit_k_min                  ? 
_reflns.limit_l_max                  ? 
_reflns.limit_l_min                  ? 
_reflns.observed_criterion_F_max     ? 
_reflns.observed_criterion_F_min     ? 
_reflns.pdbx_chi_squared             ? 
_reflns.pdbx_scaling_rejects         ? 
_reflns.pdbx_ordinal                 1 
_reflns.pdbx_diffrn_id               1 
# 
_reflns_shell.d_res_high             2.00 
_reflns_shell.d_res_low              2.09 
_reflns_shell.percent_possible_all   90.3 
_reflns_shell.Rmerge_I_obs           0.48 
_reflns_shell.pdbx_Rsym_value        ? 
_reflns_shell.meanI_over_sigI_obs    1.9 
_reflns_shell.pdbx_redundancy        8.4 
_reflns_shell.percent_possible_obs   ? 
_reflns_shell.number_unique_all      ? 
_reflns_shell.number_measured_all    ? 
_reflns_shell.number_measured_obs    ? 
_reflns_shell.number_unique_obs      ? 
_reflns_shell.pdbx_chi_squared       ? 
_reflns_shell.pdbx_ordinal           1 
_reflns_shell.pdbx_diffrn_id         1 
# 
_refine.entry_id                                 2F7N 
_refine.ls_number_reflns_obs                     16568 
_refine.ls_number_reflns_all                     16568 
_refine.pdbx_ls_sigma_I                          ? 
_refine.pdbx_ls_sigma_F                          0 
_refine.pdbx_data_cutoff_high_absF               ? 
_refine.pdbx_data_cutoff_low_absF                ? 
_refine.pdbx_data_cutoff_high_rms_absF           ? 
_refine.ls_d_res_low                             30 
_refine.ls_d_res_high                            2.0 
_refine.ls_percent_reflns_obs                    ? 
_refine.ls_R_factor_obs                          0.2 
_refine.ls_R_factor_all                          0.2 
_refine.ls_R_factor_R_work                       0.195 
_refine.ls_R_factor_R_free                       0.22 
_refine.ls_R_factor_R_free_error                 ? 
_refine.ls_R_factor_R_free_error_details         ? 
_refine.ls_percent_reflns_R_free                 10. 
_refine.ls_number_reflns_R_free                  3025 
_refine.ls_number_parameters                     ? 
_refine.ls_number_restraints                     ? 
_refine.occupancy_min                            ? 
_refine.occupancy_max                            ? 
_refine.correlation_coeff_Fo_to_Fc               ? 
_refine.correlation_coeff_Fo_to_Fc_free          ? 
_refine.B_iso_mean                               ? 
_refine.aniso_B[1][1]                            ? 
_refine.aniso_B[2][2]                            ? 
_refine.aniso_B[3][3]                            ? 
_refine.aniso_B[1][2]                            ? 
_refine.aniso_B[1][3]                            ? 
_refine.aniso_B[2][3]                            ? 
_refine.solvent_model_details                    ? 
_refine.solvent_model_param_ksol                 ? 
_refine.solvent_model_param_bsol                 ? 
_refine.pdbx_solvent_vdw_probe_radii             ? 
_refine.pdbx_solvent_ion_probe_radii             ? 
_refine.pdbx_solvent_shrinkage_radii             ? 
_refine.pdbx_ls_cross_valid_method               THROUGHOUT 
_refine.details                                  ? 
_refine.pdbx_starting_model                      ? 
_refine.pdbx_method_to_determine_struct          SAD 
_refine.pdbx_isotropic_thermal_model             ? 
_refine.pdbx_stereochemistry_target_values       'Engh & Huber' 
_refine.pdbx_stereochem_target_val_spec_case     ? 
_refine.pdbx_R_Free_selection_details            Random 
_refine.pdbx_overall_ESU_R                       ? 
_refine.pdbx_overall_ESU_R_Free                  ? 
_refine.overall_SU_ML                            ? 
_refine.overall_SU_B                             ? 
_refine.ls_redundancy_reflns_obs                 ? 
_refine.B_iso_min                                ? 
_refine.B_iso_max                                ? 
_refine.overall_SU_R_Cruickshank_DPI             ? 
_refine.overall_SU_R_free                        ? 
_refine.ls_wR_factor_R_free                      ? 
_refine.ls_wR_factor_R_work                      ? 
_refine.overall_FOM_free_R_set                   ? 
_refine.overall_FOM_work_R_set                   ? 
_refine.pdbx_refine_id                           'X-RAY DIFFRACTION' 
_refine.pdbx_overall_phase_error                 ? 
_refine.pdbx_diffrn_id                           1 
_refine.pdbx_TLS_residual_ADP_flag               ? 
_refine.pdbx_overall_SU_R_free_Cruickshank_DPI   ? 
_refine.pdbx_overall_SU_R_Blow_DPI               ? 
_refine.pdbx_overall_SU_R_free_Blow_DPI          ? 
# 
_refine_analyze.entry_id                        2F7N 
_refine_analyze.Luzzati_coordinate_error_obs    0.22 
_refine_analyze.Luzzati_sigma_a_obs             0.2 
_refine_analyze.Luzzati_d_res_low_obs           ? 
_refine_analyze.Luzzati_coordinate_error_free   ? 
_refine_analyze.Luzzati_sigma_a_free            ? 
_refine_analyze.Luzzati_d_res_low_free          ? 
_refine_analyze.number_disordered_residues      ? 
_refine_analyze.occupancy_sum_hydrogen          ? 
_refine_analyze.occupancy_sum_non_hydrogen      ? 
_refine_analyze.pdbx_Luzzati_d_res_high_obs     ? 
_refine_analyze.pdbx_refine_id                  'X-RAY DIFFRACTION' 
# 
_refine_hist.pdbx_refine_id                   'X-RAY DIFFRACTION' 
_refine_hist.cycle_id                         LAST 
_refine_hist.pdbx_number_atoms_protein        1407 
_refine_hist.pdbx_number_atoms_nucleic_acid   0 
_refine_hist.pdbx_number_atoms_ligand         9 
_refine_hist.number_atoms_solvent             115 
_refine_hist.number_atoms_total               1531 
_refine_hist.d_res_high                       2.0 
_refine_hist.d_res_low                        30 
# 
loop_
_refine_ls_restr.type 
_refine_ls_restr.dev_ideal 
_refine_ls_restr.dev_ideal_target 
_refine_ls_restr.number 
_refine_ls_restr.weight 
_refine_ls_restr.pdbx_refine_id 
_refine_ls_restr.pdbx_restraint_function 
c_bond_d           0.007 ?   ? ? 'X-RAY DIFFRACTION' ? 
c_angle_deg        1.1   ?   ? ? 'X-RAY DIFFRACTION' ? 
c_dihedral_angle_d 19.6  ?   ? ? 'X-RAY DIFFRACTION' ? 
c_mcbond_it        0.879 1.5 ? ? 'X-RAY DIFFRACTION' ? 
c_mcangle_it       1.331 2.0 ? ? 'X-RAY DIFFRACTION' ? 
c_scbond_it        1.562 2.0 ? ? 'X-RAY DIFFRACTION' ? 
c_scangle_it       2.164 2.5 ? ? 'X-RAY DIFFRACTION' ? 
# 
_struct.entry_id                  2F7N 
_struct.title                     'Structure of D. radiodurans Dps-1' 
_struct.pdbx_model_details        ? 
_struct.pdbx_CASP_flag            ? 
_struct.pdbx_model_type_details   ? 
# 
_struct_keywords.entry_id        2F7N 
_struct_keywords.pdbx_keywords   'DNA BINDING PROTEIN' 
_struct_keywords.text            '4-helix bundle, DNA BINDING PROTEIN' 
# 
loop_
_struct_asym.id 
_struct_asym.pdbx_blank_PDB_chainid_flag 
_struct_asym.pdbx_modified 
_struct_asym.entity_id 
_struct_asym.details 
A N N 1 ? 
B N N 2 ? 
C N N 2 ? 
D N N 2 ? 
E N N 2 ? 
F N N 3 ? 
G N N 4 ? 
# 
_struct_ref.id                         1 
_struct_ref.entity_id                  1 
_struct_ref.db_name                    GB 
_struct_ref.db_code                    NP_295984 
_struct_ref.pdbx_db_accession          15807254 
_struct_ref.pdbx_align_begin           1 
_struct_ref.pdbx_seq_one_letter_code   
;MTKKSTKSEAASKTKKSGVPETGAQGVRAGGADHADAAHLGTVNNALVNHHYLEEKEFQTVAETLQRNLATTISLYLKFK
KYHWDIRGRFFRDLHLAYDEFIAEIFPSIDEQAERLVALGGSPLAAPADLARYSTVQVPQETVRDARTQVADLVQDLSRV
GKGYRDDSQACDEANDPVTADMYNGYAATIDKIRWMLQAIMDDERLD
;
_struct_ref.pdbx_db_isoform            ? 
# 
_struct_ref_seq.align_id                      1 
_struct_ref_seq.ref_id                        1 
_struct_ref_seq.pdbx_PDB_id_code              2F7N 
_struct_ref_seq.pdbx_strand_id                A 
_struct_ref_seq.seq_align_beg                 1 
_struct_ref_seq.pdbx_seq_align_beg_ins_code   ? 
_struct_ref_seq.seq_align_end                 207 
_struct_ref_seq.pdbx_seq_align_end_ins_code   ? 
_struct_ref_seq.pdbx_db_accession             15807254 
_struct_ref_seq.db_align_beg                  1 
_struct_ref_seq.pdbx_db_align_beg_ins_code    ? 
_struct_ref_seq.db_align_end                  207 
_struct_ref_seq.pdbx_db_align_end_ins_code    ? 
_struct_ref_seq.pdbx_auth_seq_align_beg       1 
_struct_ref_seq.pdbx_auth_seq_align_end       207 
# 
loop_
_pdbx_struct_assembly.id 
_pdbx_struct_assembly.details 
_pdbx_struct_assembly.method_details 
_pdbx_struct_assembly.oligomeric_details 
_pdbx_struct_assembly.oligomeric_count 
1 author_defined_assembly   ?        hexameric   6  
2 software_defined_assembly PISA,PQS dodecameric 12 
# 
loop_
_pdbx_struct_assembly_prop.biol_id 
_pdbx_struct_assembly_prop.type 
_pdbx_struct_assembly_prop.value 
_pdbx_struct_assembly_prop.details 
2 'ABSA (A^2)' 60380 ? 
2 MORE         -734  ? 
2 'SSA (A^2)'  59130 ? 
# 
loop_
_pdbx_struct_assembly_gen.assembly_id 
_pdbx_struct_assembly_gen.oper_expression 
_pdbx_struct_assembly_gen.asym_id_list 
1 1,2,3,4,5,6                A,B,C,D,E,F,G 
2 1,7,2,8,3,9,4,10,5,11,6,12 A,B,C,D,E,F,G 
# 
loop_
_pdbx_struct_oper_list.id 
_pdbx_struct_oper_list.type 
_pdbx_struct_oper_list.name 
_pdbx_struct_oper_list.symmetry_operation 
_pdbx_struct_oper_list.matrix[1][1] 
_pdbx_struct_oper_list.matrix[1][2] 
_pdbx_struct_oper_list.matrix[1][3] 
_pdbx_struct_oper_list.vector[1] 
_pdbx_struct_oper_list.matrix[2][1] 
_pdbx_struct_oper_list.matrix[2][2] 
_pdbx_struct_oper_list.matrix[2][3] 
_pdbx_struct_oper_list.vector[2] 
_pdbx_struct_oper_list.matrix[3][1] 
_pdbx_struct_oper_list.matrix[3][2] 
_pdbx_struct_oper_list.matrix[3][3] 
_pdbx_struct_oper_list.vector[3] 
1  'identity operation'         1_555  x,y,z       1.0000000000  0.0000000000  0.0000000000  0.0000000000   0.0000000000  1.0000000000  0.0000000000  0.0000000000   0.0000000000  0.0000000000  1.0000000000  0.0000000000   
2  'crystal symmetry operation' 3_555  -x,y,-z     -0.9301208399 -0.0739840377 0.3597243185  -22.9290205903 -0.0739840377 -0.9216699539 -0.3808554295 -2.3089183236  0.3597243185  -0.3808554295 0.8517907939  3.9792628032   
3  'crystal symmetry operation' 5_564  z,x+1,y-1   0.1819562270  0.6056575261  -0.7746424288 -37.5645966944 -0.6721703076 -0.4983782133 -0.5475456457 -18.9845625809 -0.7176900508 0.6203209795  0.3164219863  -33.4859060461 
4  'crystal symmetry operation' 7_564  -z,-x+1,y-1 -0.4927079877 -0.2766514256 -0.8250471669 -46.2175943336 0.4651061593  0.7176058303  -0.5183802975 -4.6004691903  0.7354693055  -0.6391446323 -0.2248978426 -17.2031203294 
5  'crystal symmetry operation' 9_465  y-1,z+1,x   0.1819562270  -0.6721703076 -0.7176900508 -29.9582485961 0.6056575261  -0.4983782133 0.6203209795  34.0617983600  -0.7746424288 -0.5475456457 0.3164219863  -28.8983680935 
6  'crystal symmetry operation' 11_465 y-1,-z+1,-x -0.3776819698 0.8793934726  -0.2898679872 -35.4342176563 -0.3033181128 0.1782786226  0.9360634888  23.7937992617  0.8748453876  0.4414565131  0.1994033472  -8.6132114789  
7  'crystal symmetry operation' 2_575  -x,-y+2,z   0.3819092367  0.9208117065  -0.0790641259 -17.0376543036 0.9208117065  -0.3864327871 -0.0526830350 20.8890546085  -0.0790641259 -0.0526830350 -0.9954764497 -54.5077275688 
8  'crystal symmetry operation' 4_575  x,-y+2,-z   -0.4517883968 -0.8468276689 -0.2806601926 -28.2351550132 -0.8468276689 0.3081027410  0.4335384645  0.4583461310   -0.2806601926 0.4335384645  -0.8563143442 -56.5344861820 
9  'crystal symmetry operation' 6_566  z,-x+1,-y+1 0.6884337305  -0.0256879877 0.7248442081  14.2109076203  -0.6723293244 -0.3975062396 0.6244694300  11.9024619248  0.2720887324  -0.9172398360 -0.2909274908 -25.5476756728 
10 'crystal symmetry operation' 8_566  -z,x+1,-y+1 -0.3776819698 -0.3033181128 0.8748453876  1.3694535005   0.8793934726  0.1782786226  0.4414565131  30.7210522623  -0.2898679872 0.9360634888  0.1994033472  -30.8262488994 
11 'crystal symmetry operation' 10_665 -y+1,z+1,-x -0.4927079877 0.4651061593  0.7354693055  -7.9797043834  -0.2766514256 0.7176058303  -0.6391446323 -20.4801218637 -0.8250471669 -0.5183802975 -0.2248978426 -44.3854325001 
12 'crystal symmetry operation' 12_665 -y+1,-z+1,x 0.6884337305  -0.6723293244 0.2720887324  5.1703407287   -0.0256879877 -0.3975062396 -0.9172398360 -18.3369933421 0.7248442081  0.6244694300  -0.2909274908 -25.1659388751   
# 
_struct_biol.id   1 
# 
loop_
_struct_conf.conf_type_id 
_struct_conf.id 
_struct_conf.pdbx_PDB_helix_id 
_struct_conf.beg_label_comp_id 
_struct_conf.beg_label_asym_id 
_struct_conf.beg_label_seq_id 
_struct_conf.pdbx_beg_PDB_ins_code 
_struct_conf.end_label_comp_id 
_struct_conf.end_label_asym_id 
_struct_conf.end_label_seq_id 
_struct_conf.pdbx_end_PDB_ins_code 
_struct_conf.beg_auth_comp_id 
_struct_conf.beg_auth_asym_id 
_struct_conf.beg_auth_seq_id 
_struct_conf.end_auth_comp_id 
_struct_conf.end_auth_asym_id 
_struct_conf.end_auth_seq_id 
_struct_conf.pdbx_PDB_helix_class 
_struct_conf.details 
_struct_conf.pdbx_PDB_helix_length 
HELX_P HELX_P1 1 GLU A 54  ? ILE A 86  ? GLU A 54  ILE A 86  1 ? 33 
HELX_P HELX_P2 2 PHE A 90  ? PHE A 106 ? PHE A 90  PHE A 106 1 ? 17 
HELX_P HELX_P3 3 PHE A 106 ? LEU A 119 ? PHE A 106 LEU A 119 1 ? 14 
HELX_P HELX_P4 4 ALA A 126 ? SER A 134 ? ALA A 126 SER A 134 1 ? 9  
HELX_P HELX_P5 5 ASP A 145 ? ALA A 174 ? ASP A 145 ALA A 174 1 ? 30 
HELX_P HELX_P6 6 ASP A 176 ? ASP A 202 ? ASP A 176 ASP A 202 1 ? 27 
# 
_struct_conf_type.id          HELX_P 
_struct_conf_type.criteria    ? 
_struct_conf_type.reference   ? 
# 
loop_
_struct_conn.id 
_struct_conn.conn_type_id 
_struct_conn.pdbx_leaving_atom_flag 
_struct_conn.pdbx_PDB_id 
_struct_conn.ptnr1_label_asym_id 
_struct_conn.ptnr1_label_comp_id 
_struct_conn.ptnr1_label_seq_id 
_struct_conn.ptnr1_label_atom_id 
_struct_conn.pdbx_ptnr1_label_alt_id 
_struct_conn.pdbx_ptnr1_PDB_ins_code 
_struct_conn.pdbx_ptnr1_standard_comp_id 
_struct_conn.ptnr1_symmetry 
_struct_conn.ptnr2_label_asym_id 
_struct_conn.ptnr2_label_comp_id 
_struct_conn.ptnr2_label_seq_id 
_struct_conn.ptnr2_label_atom_id 
_struct_conn.pdbx_ptnr2_label_alt_id 
_struct_conn.pdbx_ptnr2_PDB_ins_code 
_struct_conn.ptnr1_auth_asym_id 
_struct_conn.ptnr1_auth_comp_id 
_struct_conn.ptnr1_auth_seq_id 
_struct_conn.ptnr2_auth_asym_id 
_struct_conn.ptnr2_auth_comp_id 
_struct_conn.ptnr2_auth_seq_id 
_struct_conn.ptnr2_symmetry 
_struct_conn.pdbx_ptnr3_label_atom_id 
_struct_conn.pdbx_ptnr3_label_seq_id 
_struct_conn.pdbx_ptnr3_label_comp_id 
_struct_conn.pdbx_ptnr3_label_asym_id 
_struct_conn.pdbx_ptnr3_label_alt_id 
_struct_conn.pdbx_ptnr3_PDB_ins_code 
_struct_conn.details 
_struct_conn.pdbx_dist_value 
_struct_conn.pdbx_value_order 
_struct_conn.pdbx_role 
metalc1  metalc ? ? A ASP 36  OD1 ? ? ? 1_555  D CO  . CO ? ? A ASP 36  A CO  210 1_555  ? ? ? ? ? ? ? 1.921 ? ? 
metalc2  metalc ? ? A HIS 39  NE2 ? ? ? 1_555  D CO  . CO ? ? A HIS 39  A CO  210 1_555  ? ? ? ? ? ? ? 2.096 ? ? 
metalc3  metalc ? ? A HIS 50  NE2 ? ? ? 1_555  D CO  . CO ? ? A HIS 50  A CO  210 1_555  ? ? ? ? ? ? ? 2.088 ? ? 
metalc4  metalc ? ? A GLU 55  OE2 ? ? ? 1_555  D CO  . CO ? ? A GLU 55  A CO  210 1_555  ? ? ? ? ? ? ? 2.190 ? ? 
metalc5  metalc ? ? A HIS 83  NE2 ? ? ? 3_555  C CO  . CO ? ? A HIS 83  A CO  209 1_555  ? ? ? ? ? ? ? 2.265 ? ? 
metalc6  metalc ? ? A ASP 93  OD1 ? ? ? 1_555  B CO  . CO ? ? A ASP 93  A CO  208 1_555  ? ? ? ? ? ? ? 2.151 ? ? 
metalc7  metalc ? ? A ASP 93  OD2 ? ? ? 1_555  B CO  . CO ? ? A ASP 93  A CO  208 1_555  ? ? ? ? ? ? ? 2.599 ? ? 
metalc8  metalc ? ? A ASP 93  OD1 ? ? ? 11_465 B CO  . CO ? ? A ASP 93  A CO  208 1_555  ? ? ? ? ? ? ? 2.152 ? ? 
metalc9  metalc ? ? A ASP 93  OD2 ? ? ? 11_465 B CO  . CO ? ? A ASP 93  A CO  208 1_555  ? ? ? ? ? ? ? 2.600 ? ? 
metalc10 metalc ? ? A ASP 93  OD1 ? ? ? 8_566  B CO  . CO ? ? A ASP 93  A CO  208 1_555  ? ? ? ? ? ? ? 2.153 ? ? 
metalc11 metalc ? ? A ASP 93  OD2 ? ? ? 8_566  B CO  . CO ? ? A ASP 93  A CO  208 1_555  ? ? ? ? ? ? ? 2.600 ? ? 
metalc12 metalc ? ? A ASP 110 OD1 ? ? ? 1_555  C CO  . CO ? ? A ASP 110 A CO  209 1_555  ? ? ? ? ? ? ? 2.475 ? ? 
metalc13 metalc ? ? A ASP 110 OD2 ? ? ? 1_555  C CO  . CO ? ? A ASP 110 A CO  209 1_555  ? ? ? ? ? ? ? 2.340 ? ? 
metalc14 metalc ? ? A GLU 114 OE2 ? ? ? 1_555  C CO  . CO ? ? A GLU 114 A CO  209 1_555  ? ? ? ? ? ? ? 2.331 ? ? 
metalc15 metalc ? ? A ASP 181 OD1 ? ? ? 1_555  E CO  . CO ? ? A ASP 181 A CO  211 1_555  ? ? ? ? ? ? ? 2.467 ? ? 
metalc16 metalc ? ? A ASP 181 OD1 ? ? ? 6_566  E CO  . CO ? ? A ASP 181 A CO  211 1_555  ? ? ? ? ? ? ? 2.467 ? ? 
metalc17 metalc ? ? A ASP 181 OD1 ? ? ? 12_665 E CO  . CO ? ? A ASP 181 A CO  211 1_555  ? ? ? ? ? ? ? 2.468 ? ? 
metalc18 metalc ? ? B CO  .   CO  ? ? ? 1_555  G HOH . O  ? ? A CO  208 A HOH 286 1_555  ? ? ? ? ? ? ? 2.409 ? ? 
metalc19 metalc ? ? B CO  .   CO  ? ? ? 1_555  G HOH . O  ? ? A CO  208 A HOH 286 8_566  ? ? ? ? ? ? ? 2.409 ? ? 
metalc20 metalc ? ? B CO  .   CO  ? ? ? 1_555  G HOH . O  ? ? A CO  208 A HOH 286 11_465 ? ? ? ? ? ? ? 2.409 ? ? 
metalc21 metalc ? ? C CO  .   CO  ? ? ? 1_555  G HOH . O  ? ? A CO  209 A HOH 294 3_555  ? ? ? ? ? ? ? 2.350 ? ? 
metalc22 metalc ? ? C CO  .   CO  ? ? ? 1_555  G HOH . O  ? ? A CO  209 A HOH 299 3_555  ? ? ? ? ? ? ? 2.331 ? ? 
metalc23 metalc ? ? E CO  .   CO  ? ? ? 1_555  G HOH . O  ? ? A CO  211 A HOH 328 1_555  ? ? ? ? ? ? ? 2.589 ? ? 
metalc24 metalc ? ? E CO  .   CO  ? ? ? 1_555  G HOH . O  ? ? A CO  211 A HOH 328 12_665 ? ? ? ? ? ? ? 2.589 ? ? 
metalc25 metalc ? ? E CO  .   CO  ? ? ? 1_555  G HOH . O  ? ? A CO  211 A HOH 328 6_566  ? ? ? ? ? ? ? 2.588 ? ? 
# 
_struct_conn_type.id          metalc 
_struct_conn_type.criteria    ? 
_struct_conn_type.reference   ? 
# 
loop_
_pdbx_struct_conn_angle.id 
_pdbx_struct_conn_angle.ptnr1_label_atom_id 
_pdbx_struct_conn_angle.ptnr1_label_alt_id 
_pdbx_struct_conn_angle.ptnr1_label_asym_id 
_pdbx_struct_conn_angle.ptnr1_label_comp_id 
_pdbx_struct_conn_angle.ptnr1_label_seq_id 
_pdbx_struct_conn_angle.ptnr1_auth_atom_id 
_pdbx_struct_conn_angle.ptnr1_auth_asym_id 
_pdbx_struct_conn_angle.ptnr1_auth_comp_id 
_pdbx_struct_conn_angle.ptnr1_auth_seq_id 
_pdbx_struct_conn_angle.ptnr1_PDB_ins_code 
_pdbx_struct_conn_angle.ptnr1_symmetry 
_pdbx_struct_conn_angle.ptnr2_label_atom_id 
_pdbx_struct_conn_angle.ptnr2_label_alt_id 
_pdbx_struct_conn_angle.ptnr2_label_asym_id 
_pdbx_struct_conn_angle.ptnr2_label_comp_id 
_pdbx_struct_conn_angle.ptnr2_label_seq_id 
_pdbx_struct_conn_angle.ptnr2_auth_atom_id 
_pdbx_struct_conn_angle.ptnr2_auth_asym_id 
_pdbx_struct_conn_angle.ptnr2_auth_comp_id 
_pdbx_struct_conn_angle.ptnr2_auth_seq_id 
_pdbx_struct_conn_angle.ptnr2_PDB_ins_code 
_pdbx_struct_conn_angle.ptnr2_symmetry 
_pdbx_struct_conn_angle.ptnr3_label_atom_id 
_pdbx_struct_conn_angle.ptnr3_label_alt_id 
_pdbx_struct_conn_angle.ptnr3_label_asym_id 
_pdbx_struct_conn_angle.ptnr3_label_comp_id 
_pdbx_struct_conn_angle.ptnr3_label_seq_id 
_pdbx_struct_conn_angle.ptnr3_auth_atom_id 
_pdbx_struct_conn_angle.ptnr3_auth_asym_id 
_pdbx_struct_conn_angle.ptnr3_auth_comp_id 
_pdbx_struct_conn_angle.ptnr3_auth_seq_id 
_pdbx_struct_conn_angle.ptnr3_PDB_ins_code 
_pdbx_struct_conn_angle.ptnr3_symmetry 
_pdbx_struct_conn_angle.value 
_pdbx_struct_conn_angle.value_esd 
1  OD1 ? A ASP 36  ? A ASP 36  ? 1_555  CO ? D CO . ? A CO 210 ? 1_555 NE2 ? A HIS 39  ? A HIS 39  ? 1_555  102.7 ? 
2  OD1 ? A ASP 36  ? A ASP 36  ? 1_555  CO ? D CO . ? A CO 210 ? 1_555 NE2 ? A HIS 50  ? A HIS 50  ? 1_555  114.4 ? 
3  NE2 ? A HIS 39  ? A HIS 39  ? 1_555  CO ? D CO . ? A CO 210 ? 1_555 NE2 ? A HIS 50  ? A HIS 50  ? 1_555  121.9 ? 
4  OD1 ? A ASP 36  ? A ASP 36  ? 1_555  CO ? D CO . ? A CO 210 ? 1_555 OE2 ? A GLU 55  ? A GLU 55  ? 1_555  93.0  ? 
5  NE2 ? A HIS 39  ? A HIS 39  ? 1_555  CO ? D CO . ? A CO 210 ? 1_555 OE2 ? A GLU 55  ? A GLU 55  ? 1_555  114.0 ? 
6  NE2 ? A HIS 50  ? A HIS 50  ? 1_555  CO ? D CO . ? A CO 210 ? 1_555 OE2 ? A GLU 55  ? A GLU 55  ? 1_555  107.2 ? 
7  NE2 ? A HIS 83  ? A HIS 83  ? 3_555  CO ? C CO . ? A CO 209 ? 1_555 OD1 ? A ASP 110 ? A ASP 110 ? 1_555  104.0 ? 
8  NE2 ? A HIS 83  ? A HIS 83  ? 3_555  CO ? C CO . ? A CO 209 ? 1_555 OD2 ? A ASP 110 ? A ASP 110 ? 1_555  158.0 ? 
9  OD1 ? A ASP 110 ? A ASP 110 ? 1_555  CO ? C CO . ? A CO 209 ? 1_555 OD2 ? A ASP 110 ? A ASP 110 ? 1_555  54.2  ? 
10 NE2 ? A HIS 83  ? A HIS 83  ? 3_555  CO ? C CO . ? A CO 209 ? 1_555 OE2 ? A GLU 114 ? A GLU 114 ? 1_555  88.7  ? 
11 OD1 ? A ASP 110 ? A ASP 110 ? 1_555  CO ? C CO . ? A CO 209 ? 1_555 OE2 ? A GLU 114 ? A GLU 114 ? 1_555  98.8  ? 
12 OD2 ? A ASP 110 ? A ASP 110 ? 1_555  CO ? C CO . ? A CO 209 ? 1_555 OE2 ? A GLU 114 ? A GLU 114 ? 1_555  97.5  ? 
13 NE2 ? A HIS 83  ? A HIS 83  ? 3_555  CO ? C CO . ? A CO 209 ? 1_555 O   ? G HOH .   ? A HOH 294 ? 3_555  84.4  ? 
14 OD1 ? A ASP 110 ? A ASP 110 ? 1_555  CO ? C CO . ? A CO 209 ? 1_555 O   ? G HOH .   ? A HOH 294 ? 3_555  167.1 ? 
15 OD2 ? A ASP 110 ? A ASP 110 ? 1_555  CO ? C CO . ? A CO 209 ? 1_555 O   ? G HOH .   ? A HOH 294 ? 3_555  116.4 ? 
16 OE2 ? A GLU 114 ? A GLU 114 ? 1_555  CO ? C CO . ? A CO 209 ? 1_555 O   ? G HOH .   ? A HOH 294 ? 3_555  91.1  ? 
17 NE2 ? A HIS 83  ? A HIS 83  ? 3_555  CO ? C CO . ? A CO 209 ? 1_555 O   ? G HOH .   ? A HOH 299 ? 3_555  95.7  ? 
18 OD1 ? A ASP 110 ? A ASP 110 ? 1_555  CO ? C CO . ? A CO 209 ? 1_555 O   ? G HOH .   ? A HOH 299 ? 3_555  84.6  ? 
19 OD2 ? A ASP 110 ? A ASP 110 ? 1_555  CO ? C CO . ? A CO 209 ? 1_555 O   ? G HOH .   ? A HOH 299 ? 3_555  80.1  ? 
20 OE2 ? A GLU 114 ? A GLU 114 ? 1_555  CO ? C CO . ? A CO 209 ? 1_555 O   ? G HOH .   ? A HOH 299 ? 3_555  173.6 ? 
21 O   ? G HOH .   ? A HOH 294 ? 3_555  CO ? C CO . ? A CO 209 ? 1_555 O   ? G HOH .   ? A HOH 299 ? 3_555  84.8  ? 
22 OD1 ? A ASP 93  ? A ASP 93  ? 1_555  CO ? B CO . ? A CO 208 ? 1_555 OD2 ? A ASP 93  ? A ASP 93  ? 1_555  53.9  ? 
23 OD1 ? A ASP 93  ? A ASP 93  ? 1_555  CO ? B CO . ? A CO 208 ? 1_555 OD1 ? A ASP 93  ? A ASP 93  ? 11_465 104.0 ? 
24 OD2 ? A ASP 93  ? A ASP 93  ? 1_555  CO ? B CO . ? A CO 208 ? 1_555 OD1 ? A ASP 93  ? A ASP 93  ? 11_465 82.4  ? 
25 OD1 ? A ASP 93  ? A ASP 93  ? 1_555  CO ? B CO . ? A CO 208 ? 1_555 OD2 ? A ASP 93  ? A ASP 93  ? 11_465 157.8 ? 
26 OD2 ? A ASP 93  ? A ASP 93  ? 1_555  CO ? B CO . ? A CO 208 ? 1_555 OD2 ? A ASP 93  ? A ASP 93  ? 11_465 117.4 ? 
27 OD1 ? A ASP 93  ? A ASP 93  ? 11_465 CO ? B CO . ? A CO 208 ? 1_555 OD2 ? A ASP 93  ? A ASP 93  ? 11_465 53.9  ? 
28 OD1 ? A ASP 93  ? A ASP 93  ? 1_555  CO ? B CO . ? A CO 208 ? 1_555 OD1 ? A ASP 93  ? A ASP 93  ? 8_566  104.0 ? 
29 OD2 ? A ASP 93  ? A ASP 93  ? 1_555  CO ? B CO . ? A CO 208 ? 1_555 OD1 ? A ASP 93  ? A ASP 93  ? 8_566  157.8 ? 
30 OD1 ? A ASP 93  ? A ASP 93  ? 11_465 CO ? B CO . ? A CO 208 ? 1_555 OD1 ? A ASP 93  ? A ASP 93  ? 8_566  103.9 ? 
31 OD2 ? A ASP 93  ? A ASP 93  ? 11_465 CO ? B CO . ? A CO 208 ? 1_555 OD1 ? A ASP 93  ? A ASP 93  ? 8_566  82.4  ? 
32 OD1 ? A ASP 93  ? A ASP 93  ? 1_555  CO ? B CO . ? A CO 208 ? 1_555 OD2 ? A ASP 93  ? A ASP 93  ? 8_566  82.4  ? 
33 OD2 ? A ASP 93  ? A ASP 93  ? 1_555  CO ? B CO . ? A CO 208 ? 1_555 OD2 ? A ASP 93  ? A ASP 93  ? 8_566  117.4 ? 
34 OD1 ? A ASP 93  ? A ASP 93  ? 11_465 CO ? B CO . ? A CO 208 ? 1_555 OD2 ? A ASP 93  ? A ASP 93  ? 8_566  157.8 ? 
35 OD2 ? A ASP 93  ? A ASP 93  ? 11_465 CO ? B CO . ? A CO 208 ? 1_555 OD2 ? A ASP 93  ? A ASP 93  ? 8_566  117.3 ? 
36 OD1 ? A ASP 93  ? A ASP 93  ? 8_566  CO ? B CO . ? A CO 208 ? 1_555 OD2 ? A ASP 93  ? A ASP 93  ? 8_566  53.9  ? 
37 OD1 ? A ASP 93  ? A ASP 93  ? 1_555  CO ? B CO . ? A CO 208 ? 1_555 O   ? G HOH .   ? A HOH 286 ? 1_555  115.9 ? 
38 OD2 ? A ASP 93  ? A ASP 93  ? 1_555  CO ? B CO . ? A CO 208 ? 1_555 O   ? G HOH .   ? A HOH 286 ? 1_555  80.9  ? 
39 OD1 ? A ASP 93  ? A ASP 93  ? 11_465 CO ? B CO . ? A CO 208 ? 1_555 O   ? G HOH .   ? A HOH 286 ? 1_555  113.1 ? 
40 OD2 ? A ASP 93  ? A ASP 93  ? 11_465 CO ? B CO . ? A CO 208 ? 1_555 O   ? G HOH .   ? A HOH 286 ? 1_555  79.0  ? 
41 OD1 ? A ASP 93  ? A ASP 93  ? 8_566  CO ? B CO . ? A CO 208 ? 1_555 O   ? G HOH .   ? A HOH 286 ? 1_555  114.6 ? 
42 OD2 ? A ASP 93  ? A ASP 93  ? 8_566  CO ? B CO . ? A CO 208 ? 1_555 O   ? G HOH .   ? A HOH 286 ? 1_555  81.8  ? 
43 OD1 ? A ASP 93  ? A ASP 93  ? 1_555  CO ? B CO . ? A CO 208 ? 1_555 O   ? G HOH .   ? A HOH 286 ? 8_566  113.1 ? 
44 OD2 ? A ASP 93  ? A ASP 93  ? 1_555  CO ? B CO . ? A CO 208 ? 1_555 O   ? G HOH .   ? A HOH 286 ? 8_566  79.0  ? 
45 OD1 ? A ASP 93  ? A ASP 93  ? 11_465 CO ? B CO . ? A CO 208 ? 1_555 O   ? G HOH .   ? A HOH 286 ? 8_566  114.7 ? 
46 OD2 ? A ASP 93  ? A ASP 93  ? 11_465 CO ? B CO . ? A CO 208 ? 1_555 O   ? G HOH .   ? A HOH 286 ? 8_566  81.8  ? 
47 OD1 ? A ASP 93  ? A ASP 93  ? 8_566  CO ? B CO . ? A CO 208 ? 1_555 O   ? G HOH .   ? A HOH 286 ? 8_566  115.9 ? 
48 OD2 ? A ASP 93  ? A ASP 93  ? 8_566  CO ? B CO . ? A CO 208 ? 1_555 O   ? G HOH .   ? A HOH 286 ? 8_566  80.9  ? 
49 O   ? G HOH .   ? A HOH 286 ? 1_555  CO ? B CO . ? A CO 208 ? 1_555 O   ? G HOH .   ? A HOH 286 ? 8_566  2.9   ? 
50 OD1 ? A ASP 93  ? A ASP 93  ? 1_555  CO ? B CO . ? A CO 208 ? 1_555 O   ? G HOH .   ? A HOH 286 ? 11_465 114.7 ? 
51 OD2 ? A ASP 93  ? A ASP 93  ? 1_555  CO ? B CO . ? A CO 208 ? 1_555 O   ? G HOH .   ? A HOH 286 ? 11_465 81.8  ? 
52 OD1 ? A ASP 93  ? A ASP 93  ? 11_465 CO ? B CO . ? A CO 208 ? 1_555 O   ? G HOH .   ? A HOH 286 ? 11_465 115.9 ? 
53 OD2 ? A ASP 93  ? A ASP 93  ? 11_465 CO ? B CO . ? A CO 208 ? 1_555 O   ? G HOH .   ? A HOH 286 ? 11_465 80.9  ? 
54 OD1 ? A ASP 93  ? A ASP 93  ? 8_566  CO ? B CO . ? A CO 208 ? 1_555 O   ? G HOH .   ? A HOH 286 ? 11_465 113.0 ? 
55 OD2 ? A ASP 93  ? A ASP 93  ? 8_566  CO ? B CO . ? A CO 208 ? 1_555 O   ? G HOH .   ? A HOH 286 ? 11_465 79.0  ? 
56 O   ? G HOH .   ? A HOH 286 ? 1_555  CO ? B CO . ? A CO 208 ? 1_555 O   ? G HOH .   ? A HOH 286 ? 11_465 2.9   ? 
57 O   ? G HOH .   ? A HOH 286 ? 8_566  CO ? B CO . ? A CO 208 ? 1_555 O   ? G HOH .   ? A HOH 286 ? 11_465 2.9   ? 
58 OD1 ? A ASP 181 ? A ASP 181 ? 1_555  CO ? E CO . ? A CO 211 ? 1_555 OD1 ? A ASP 181 ? A ASP 181 ? 6_566  77.2  ? 
59 OD1 ? A ASP 181 ? A ASP 181 ? 1_555  CO ? E CO . ? A CO 211 ? 1_555 OD1 ? A ASP 181 ? A ASP 181 ? 12_665 77.2  ? 
60 OD1 ? A ASP 181 ? A ASP 181 ? 6_566  CO ? E CO . ? A CO 211 ? 1_555 OD1 ? A ASP 181 ? A ASP 181 ? 12_665 77.2  ? 
61 OD1 ? A ASP 181 ? A ASP 181 ? 1_555  CO ? E CO . ? A CO 211 ? 1_555 O   ? G HOH .   ? A HOH 328 ? 1_555  87.6  ? 
62 OD1 ? A ASP 181 ? A ASP 181 ? 6_566  CO ? E CO . ? A CO 211 ? 1_555 O   ? G HOH .   ? A HOH 328 ? 1_555  164.5 ? 
63 OD1 ? A ASP 181 ? A ASP 181 ? 12_665 CO ? E CO . ? A CO 211 ? 1_555 O   ? G HOH .   ? A HOH 328 ? 1_555  96.8  ? 
64 OD1 ? A ASP 181 ? A ASP 181 ? 1_555  CO ? E CO . ? A CO 211 ? 1_555 O   ? G HOH .   ? A HOH 328 ? 12_665 164.5 ? 
65 OD1 ? A ASP 181 ? A ASP 181 ? 6_566  CO ? E CO . ? A CO 211 ? 1_555 O   ? G HOH .   ? A HOH 328 ? 12_665 96.8  ? 
66 OD1 ? A ASP 181 ? A ASP 181 ? 12_665 CO ? E CO . ? A CO 211 ? 1_555 O   ? G HOH .   ? A HOH 328 ? 12_665 87.6  ? 
67 O   ? G HOH .   ? A HOH 328 ? 1_555  CO ? E CO . ? A CO 211 ? 1_555 O   ? G HOH .   ? A HOH 328 ? 12_665 97.2  ? 
68 OD1 ? A ASP 181 ? A ASP 181 ? 1_555  CO ? E CO . ? A CO 211 ? 1_555 O   ? G HOH .   ? A HOH 328 ? 6_566  96.9  ? 
69 OD1 ? A ASP 181 ? A ASP 181 ? 6_566  CO ? E CO . ? A CO 211 ? 1_555 O   ? G HOH .   ? A HOH 328 ? 6_566  87.6  ? 
70 OD1 ? A ASP 181 ? A ASP 181 ? 12_665 CO ? E CO . ? A CO 211 ? 1_555 O   ? G HOH .   ? A HOH 328 ? 6_566  164.5 ? 
71 O   ? G HOH .   ? A HOH 328 ? 1_555  CO ? E CO . ? A CO 211 ? 1_555 O   ? G HOH .   ? A HOH 328 ? 6_566  97.2  ? 
72 O   ? G HOH .   ? A HOH 328 ? 12_665 CO ? E CO . ? A CO 211 ? 1_555 O   ? G HOH .   ? A HOH 328 ? 6_566  97.2  ? 
# 
loop_
_struct_site.id 
_struct_site.pdbx_evidence_code 
_struct_site.pdbx_auth_asym_id 
_struct_site.pdbx_auth_comp_id 
_struct_site.pdbx_auth_seq_id 
_struct_site.pdbx_auth_ins_code 
_struct_site.pdbx_num_residues 
_struct_site.details 
AC1 Software A CO  208 ? 6 'BINDING SITE FOR RESIDUE CO A 208'  
AC2 Software A CO  209 ? 5 'BINDING SITE FOR RESIDUE CO A 209'  
AC3 Software A CO  210 ? 4 'BINDING SITE FOR RESIDUE CO A 210'  
AC4 Software A CO  211 ? 6 'BINDING SITE FOR RESIDUE CO A 211'  
AC5 Software A SO4 301 ? 6 'BINDING SITE FOR RESIDUE SO4 A 301' 
# 
loop_
_struct_site_gen.id 
_struct_site_gen.site_id 
_struct_site_gen.pdbx_num_res 
_struct_site_gen.label_comp_id 
_struct_site_gen.label_asym_id 
_struct_site_gen.label_seq_id 
_struct_site_gen.pdbx_auth_ins_code 
_struct_site_gen.auth_comp_id 
_struct_site_gen.auth_asym_id 
_struct_site_gen.auth_seq_id 
_struct_site_gen.label_atom_id 
_struct_site_gen.label_alt_id 
_struct_site_gen.symmetry 
_struct_site_gen.details 
1  AC1 6 ASP A 93  ? ASP A 93  . ? 11_465 ? 
2  AC1 6 ASP A 93  ? ASP A 93  . ? 1_555  ? 
3  AC1 6 ASP A 93  ? ASP A 93  . ? 8_566  ? 
4  AC1 6 HOH G .   ? HOH A 286 . ? 11_465 ? 
5  AC1 6 HOH G .   ? HOH A 286 . ? 8_566  ? 
6  AC1 6 HOH G .   ? HOH A 286 . ? 1_555  ? 
7  AC2 5 HIS A 83  ? HIS A 83  . ? 3_555  ? 
8  AC2 5 ASP A 110 ? ASP A 110 . ? 1_555  ? 
9  AC2 5 GLU A 114 ? GLU A 114 . ? 1_555  ? 
10 AC2 5 HOH G .   ? HOH A 294 . ? 3_555  ? 
11 AC2 5 HOH G .   ? HOH A 299 . ? 3_555  ? 
12 AC3 4 ASP A 36  ? ASP A 36  . ? 1_555  ? 
13 AC3 4 HIS A 39  ? HIS A 39  . ? 1_555  ? 
14 AC3 4 HIS A 50  ? HIS A 50  . ? 1_555  ? 
15 AC3 4 GLU A 55  ? GLU A 55  . ? 1_555  ? 
16 AC4 6 ASP A 181 ? ASP A 181 . ? 1_555  ? 
17 AC4 6 ASP A 181 ? ASP A 181 . ? 6_566  ? 
18 AC4 6 ASP A 181 ? ASP A 181 . ? 12_665 ? 
19 AC4 6 HOH G .   ? HOH A 328 . ? 1_555  ? 
20 AC4 6 HOH G .   ? HOH A 328 . ? 12_665 ? 
21 AC4 6 HOH G .   ? HOH A 328 . ? 6_566  ? 
22 AC5 6 ARG A 89  ? ARG A 89  . ? 1_555  ? 
23 AC5 6 ARG A 89  ? ARG A 89  . ? 8_566  ? 
24 AC5 6 ARG A 89  ? ARG A 89  . ? 11_465 ? 
25 AC5 6 ARG A 205 ? ARG A 205 . ? 11_465 ? 
26 AC5 6 ARG A 205 ? ARG A 205 . ? 8_566  ? 
27 AC5 6 ARG A 205 ? ARG A 205 . ? 1_555  ? 
# 
_pdbx_validate_symm_contact.id                1 
_pdbx_validate_symm_contact.PDB_model_num     1 
_pdbx_validate_symm_contact.auth_atom_id_1    O 
_pdbx_validate_symm_contact.auth_asym_id_1    A 
_pdbx_validate_symm_contact.auth_comp_id_1    HOH 
_pdbx_validate_symm_contact.auth_seq_id_1     249 
_pdbx_validate_symm_contact.PDB_ins_code_1    ? 
_pdbx_validate_symm_contact.label_alt_id_1    ? 
_pdbx_validate_symm_contact.site_symmetry_1   1_555 
_pdbx_validate_symm_contact.auth_atom_id_2    O 
_pdbx_validate_symm_contact.auth_asym_id_2    A 
_pdbx_validate_symm_contact.auth_comp_id_2    HOH 
_pdbx_validate_symm_contact.auth_seq_id_2     249 
_pdbx_validate_symm_contact.PDB_ins_code_2    ? 
_pdbx_validate_symm_contact.label_alt_id_2    ? 
_pdbx_validate_symm_contact.site_symmetry_2   4_565 
_pdbx_validate_symm_contact.dist              1.99 
# 
loop_
_pdbx_validate_torsion.id 
_pdbx_validate_torsion.PDB_model_num 
_pdbx_validate_torsion.auth_comp_id 
_pdbx_validate_torsion.auth_asym_id 
_pdbx_validate_torsion.auth_seq_id 
_pdbx_validate_torsion.PDB_ins_code 
_pdbx_validate_torsion.label_alt_id 
_pdbx_validate_torsion.phi 
_pdbx_validate_torsion.psi 
1 1 HIS A 50  ? ? -97.38  34.20   
2 1 HIS A 51  ? ? 44.94   -126.50 
3 1 ALA A 125 ? ? -154.11 -4.84   
# 
loop_
_pdbx_struct_special_symmetry.id 
_pdbx_struct_special_symmetry.PDB_model_num 
_pdbx_struct_special_symmetry.auth_asym_id 
_pdbx_struct_special_symmetry.auth_comp_id 
_pdbx_struct_special_symmetry.auth_seq_id 
_pdbx_struct_special_symmetry.PDB_ins_code 
_pdbx_struct_special_symmetry.label_asym_id 
_pdbx_struct_special_symmetry.label_comp_id 
_pdbx_struct_special_symmetry.label_seq_id 
1 1 A CO  208 ? B CO  . 
2 1 A CO  211 ? E CO  . 
3 1 A SO4 301 ? F SO4 . 
4 1 A SO4 301 ? F SO4 . 
5 1 A HOH 286 ? G HOH . 
6 1 A HOH 322 ? G HOH . 
7 1 A HOH 331 ? G HOH . 
# 
loop_
_pdbx_unobs_or_zero_occ_residues.id 
_pdbx_unobs_or_zero_occ_residues.PDB_model_num 
_pdbx_unobs_or_zero_occ_residues.polymer_flag 
_pdbx_unobs_or_zero_occ_residues.occupancy_flag 
_pdbx_unobs_or_zero_occ_residues.auth_asym_id 
_pdbx_unobs_or_zero_occ_residues.auth_comp_id 
_pdbx_unobs_or_zero_occ_residues.auth_seq_id 
_pdbx_unobs_or_zero_occ_residues.PDB_ins_code 
_pdbx_unobs_or_zero_occ_residues.label_asym_id 
_pdbx_unobs_or_zero_occ_residues.label_comp_id 
_pdbx_unobs_or_zero_occ_residues.label_seq_id 
1  1 Y 1 A MET 1  ? A MET 1  
2  1 Y 1 A THR 2  ? A THR 2  
3  1 Y 1 A LYS 3  ? A LYS 3  
4  1 Y 1 A LYS 4  ? A LYS 4  
5  1 Y 1 A SER 5  ? A SER 5  
6  1 Y 1 A THR 6  ? A THR 6  
7  1 Y 1 A LYS 7  ? A LYS 7  
8  1 Y 1 A SER 8  ? A SER 8  
9  1 Y 1 A GLU 9  ? A GLU 9  
10 1 Y 1 A ALA 10 ? A ALA 10 
11 1 Y 1 A ALA 11 ? A ALA 11 
12 1 Y 1 A SER 12 ? A SER 12 
13 1 Y 1 A LYS 13 ? A LYS 13 
14 1 Y 1 A THR 14 ? A THR 14 
15 1 Y 1 A LYS 15 ? A LYS 15 
16 1 Y 1 A LYS 16 ? A LYS 16 
17 1 Y 1 A SER 17 ? A SER 17 
18 1 Y 1 A GLY 18 ? A GLY 18 
19 1 Y 1 A VAL 19 ? A VAL 19 
20 1 Y 1 A PRO 20 ? A PRO 20 
21 1 Y 1 A GLU 21 ? A GLU 21 
22 1 Y 1 A THR 22 ? A THR 22 
23 1 Y 1 A GLY 23 ? A GLY 23 
24 1 Y 1 A ALA 24 ? A ALA 24 
25 1 Y 1 A GLN 25 ? A GLN 25 
26 1 Y 1 A GLY 26 ? A GLY 26 
27 1 Y 1 A VAL 27 ? A VAL 27 
28 1 Y 1 A ARG 28 ? A ARG 28 
29 1 Y 1 A ALA 29 ? A ALA 29 
30 1 Y 1 A GLY 30 ? A GLY 30 
31 1 Y 1 A GLY 31 ? A GLY 31 
# 
loop_
_chem_comp_atom.comp_id 
_chem_comp_atom.atom_id 
_chem_comp_atom.type_symbol 
_chem_comp_atom.pdbx_aromatic_flag 
_chem_comp_atom.pdbx_stereo_config 
_chem_comp_atom.pdbx_ordinal 
ALA N    N  N N 1   
ALA CA   C  N S 2   
ALA C    C  N N 3   
ALA O    O  N N 4   
ALA CB   C  N N 5   
ALA OXT  O  N N 6   
ALA H    H  N N 7   
ALA H2   H  N N 8   
ALA HA   H  N N 9   
ALA HB1  H  N N 10  
ALA HB2  H  N N 11  
ALA HB3  H  N N 12  
ALA HXT  H  N N 13  
ARG N    N  N N 14  
ARG CA   C  N S 15  
ARG C    C  N N 16  
ARG O    O  N N 17  
ARG CB   C  N N 18  
ARG CG   C  N N 19  
ARG CD   C  N N 20  
ARG NE   N  N N 21  
ARG CZ   C  N N 22  
ARG NH1  N  N N 23  
ARG NH2  N  N N 24  
ARG OXT  O  N N 25  
ARG H    H  N N 26  
ARG H2   H  N N 27  
ARG HA   H  N N 28  
ARG HB2  H  N N 29  
ARG HB3  H  N N 30  
ARG HG2  H  N N 31  
ARG HG3  H  N N 32  
ARG HD2  H  N N 33  
ARG HD3  H  N N 34  
ARG HE   H  N N 35  
ARG HH11 H  N N 36  
ARG HH12 H  N N 37  
ARG HH21 H  N N 38  
ARG HH22 H  N N 39  
ARG HXT  H  N N 40  
ASN N    N  N N 41  
ASN CA   C  N S 42  
ASN C    C  N N 43  
ASN O    O  N N 44  
ASN CB   C  N N 45  
ASN CG   C  N N 46  
ASN OD1  O  N N 47  
ASN ND2  N  N N 48  
ASN OXT  O  N N 49  
ASN H    H  N N 50  
ASN H2   H  N N 51  
ASN HA   H  N N 52  
ASN HB2  H  N N 53  
ASN HB3  H  N N 54  
ASN HD21 H  N N 55  
ASN HD22 H  N N 56  
ASN HXT  H  N N 57  
ASP N    N  N N 58  
ASP CA   C  N S 59  
ASP C    C  N N 60  
ASP O    O  N N 61  
ASP CB   C  N N 62  
ASP CG   C  N N 63  
ASP OD1  O  N N 64  
ASP OD2  O  N N 65  
ASP OXT  O  N N 66  
ASP H    H  N N 67  
ASP H2   H  N N 68  
ASP HA   H  N N 69  
ASP HB2  H  N N 70  
ASP HB3  H  N N 71  
ASP HD2  H  N N 72  
ASP HXT  H  N N 73  
CO  CO   CO N N 74  
CYS N    N  N N 75  
CYS CA   C  N R 76  
CYS C    C  N N 77  
CYS O    O  N N 78  
CYS CB   C  N N 79  
CYS SG   S  N N 80  
CYS OXT  O  N N 81  
CYS H    H  N N 82  
CYS H2   H  N N 83  
CYS HA   H  N N 84  
CYS HB2  H  N N 85  
CYS HB3  H  N N 86  
CYS HG   H  N N 87  
CYS HXT  H  N N 88  
GLN N    N  N N 89  
GLN CA   C  N S 90  
GLN C    C  N N 91  
GLN O    O  N N 92  
GLN CB   C  N N 93  
GLN CG   C  N N 94  
GLN CD   C  N N 95  
GLN OE1  O  N N 96  
GLN NE2  N  N N 97  
GLN OXT  O  N N 98  
GLN H    H  N N 99  
GLN H2   H  N N 100 
GLN HA   H  N N 101 
GLN HB2  H  N N 102 
GLN HB3  H  N N 103 
GLN HG2  H  N N 104 
GLN HG3  H  N N 105 
GLN HE21 H  N N 106 
GLN HE22 H  N N 107 
GLN HXT  H  N N 108 
GLU N    N  N N 109 
GLU CA   C  N S 110 
GLU C    C  N N 111 
GLU O    O  N N 112 
GLU CB   C  N N 113 
GLU CG   C  N N 114 
GLU CD   C  N N 115 
GLU OE1  O  N N 116 
GLU OE2  O  N N 117 
GLU OXT  O  N N 118 
GLU H    H  N N 119 
GLU H2   H  N N 120 
GLU HA   H  N N 121 
GLU HB2  H  N N 122 
GLU HB3  H  N N 123 
GLU HG2  H  N N 124 
GLU HG3  H  N N 125 
GLU HE2  H  N N 126 
GLU HXT  H  N N 127 
GLY N    N  N N 128 
GLY CA   C  N N 129 
GLY C    C  N N 130 
GLY O    O  N N 131 
GLY OXT  O  N N 132 
GLY H    H  N N 133 
GLY H2   H  N N 134 
GLY HA2  H  N N 135 
GLY HA3  H  N N 136 
GLY HXT  H  N N 137 
HIS N    N  N N 138 
HIS CA   C  N S 139 
HIS C    C  N N 140 
HIS O    O  N N 141 
HIS CB   C  N N 142 
HIS CG   C  Y N 143 
HIS ND1  N  Y N 144 
HIS CD2  C  Y N 145 
HIS CE1  C  Y N 146 
HIS NE2  N  Y N 147 
HIS OXT  O  N N 148 
HIS H    H  N N 149 
HIS H2   H  N N 150 
HIS HA   H  N N 151 
HIS HB2  H  N N 152 
HIS HB3  H  N N 153 
HIS HD1  H  N N 154 
HIS HD2  H  N N 155 
HIS HE1  H  N N 156 
HIS HE2  H  N N 157 
HIS HXT  H  N N 158 
HOH O    O  N N 159 
HOH H1   H  N N 160 
HOH H2   H  N N 161 
ILE N    N  N N 162 
ILE CA   C  N S 163 
ILE C    C  N N 164 
ILE O    O  N N 165 
ILE CB   C  N S 166 
ILE CG1  C  N N 167 
ILE CG2  C  N N 168 
ILE CD1  C  N N 169 
ILE OXT  O  N N 170 
ILE H    H  N N 171 
ILE H2   H  N N 172 
ILE HA   H  N N 173 
ILE HB   H  N N 174 
ILE HG12 H  N N 175 
ILE HG13 H  N N 176 
ILE HG21 H  N N 177 
ILE HG22 H  N N 178 
ILE HG23 H  N N 179 
ILE HD11 H  N N 180 
ILE HD12 H  N N 181 
ILE HD13 H  N N 182 
ILE HXT  H  N N 183 
LEU N    N  N N 184 
LEU CA   C  N S 185 
LEU C    C  N N 186 
LEU O    O  N N 187 
LEU CB   C  N N 188 
LEU CG   C  N N 189 
LEU CD1  C  N N 190 
LEU CD2  C  N N 191 
LEU OXT  O  N N 192 
LEU H    H  N N 193 
LEU H2   H  N N 194 
LEU HA   H  N N 195 
LEU HB2  H  N N 196 
LEU HB3  H  N N 197 
LEU HG   H  N N 198 
LEU HD11 H  N N 199 
LEU HD12 H  N N 200 
LEU HD13 H  N N 201 
LEU HD21 H  N N 202 
LEU HD22 H  N N 203 
LEU HD23 H  N N 204 
LEU HXT  H  N N 205 
LYS N    N  N N 206 
LYS CA   C  N S 207 
LYS C    C  N N 208 
LYS O    O  N N 209 
LYS CB   C  N N 210 
LYS CG   C  N N 211 
LYS CD   C  N N 212 
LYS CE   C  N N 213 
LYS NZ   N  N N 214 
LYS OXT  O  N N 215 
LYS H    H  N N 216 
LYS H2   H  N N 217 
LYS HA   H  N N 218 
LYS HB2  H  N N 219 
LYS HB3  H  N N 220 
LYS HG2  H  N N 221 
LYS HG3  H  N N 222 
LYS HD2  H  N N 223 
LYS HD3  H  N N 224 
LYS HE2  H  N N 225 
LYS HE3  H  N N 226 
LYS HZ1  H  N N 227 
LYS HZ2  H  N N 228 
LYS HZ3  H  N N 229 
LYS HXT  H  N N 230 
MET N    N  N N 231 
MET CA   C  N S 232 
MET C    C  N N 233 
MET O    O  N N 234 
MET CB   C  N N 235 
MET CG   C  N N 236 
MET SD   S  N N 237 
MET CE   C  N N 238 
MET OXT  O  N N 239 
MET H    H  N N 240 
MET H2   H  N N 241 
MET HA   H  N N 242 
MET HB2  H  N N 243 
MET HB3  H  N N 244 
MET HG2  H  N N 245 
MET HG3  H  N N 246 
MET HE1  H  N N 247 
MET HE2  H  N N 248 
MET HE3  H  N N 249 
MET HXT  H  N N 250 
PHE N    N  N N 251 
PHE CA   C  N S 252 
PHE C    C  N N 253 
PHE O    O  N N 254 
PHE CB   C  N N 255 
PHE CG   C  Y N 256 
PHE CD1  C  Y N 257 
PHE CD2  C  Y N 258 
PHE CE1  C  Y N 259 
PHE CE2  C  Y N 260 
PHE CZ   C  Y N 261 
PHE OXT  O  N N 262 
PHE H    H  N N 263 
PHE H2   H  N N 264 
PHE HA   H  N N 265 
PHE HB2  H  N N 266 
PHE HB3  H  N N 267 
PHE HD1  H  N N 268 
PHE HD2  H  N N 269 
PHE HE1  H  N N 270 
PHE HE2  H  N N 271 
PHE HZ   H  N N 272 
PHE HXT  H  N N 273 
PRO N    N  N N 274 
PRO CA   C  N S 275 
PRO C    C  N N 276 
PRO O    O  N N 277 
PRO CB   C  N N 278 
PRO CG   C  N N 279 
PRO CD   C  N N 280 
PRO OXT  O  N N 281 
PRO H    H  N N 282 
PRO HA   H  N N 283 
PRO HB2  H  N N 284 
PRO HB3  H  N N 285 
PRO HG2  H  N N 286 
PRO HG3  H  N N 287 
PRO HD2  H  N N 288 
PRO HD3  H  N N 289 
PRO HXT  H  N N 290 
SER N    N  N N 291 
SER CA   C  N S 292 
SER C    C  N N 293 
SER O    O  N N 294 
SER CB   C  N N 295 
SER OG   O  N N 296 
SER OXT  O  N N 297 
SER H    H  N N 298 
SER H2   H  N N 299 
SER HA   H  N N 300 
SER HB2  H  N N 301 
SER HB3  H  N N 302 
SER HG   H  N N 303 
SER HXT  H  N N 304 
SO4 S    S  N N 305 
SO4 O1   O  N N 306 
SO4 O2   O  N N 307 
SO4 O3   O  N N 308 
SO4 O4   O  N N 309 
THR N    N  N N 310 
THR CA   C  N S 311 
THR C    C  N N 312 
THR O    O  N N 313 
THR CB   C  N R 314 
THR OG1  O  N N 315 
THR CG2  C  N N 316 
THR OXT  O  N N 317 
THR H    H  N N 318 
THR H2   H  N N 319 
THR HA   H  N N 320 
THR HB   H  N N 321 
THR HG1  H  N N 322 
THR HG21 H  N N 323 
THR HG22 H  N N 324 
THR HG23 H  N N 325 
THR HXT  H  N N 326 
TRP N    N  N N 327 
TRP CA   C  N S 328 
TRP C    C  N N 329 
TRP O    O  N N 330 
TRP CB   C  N N 331 
TRP CG   C  Y N 332 
TRP CD1  C  Y N 333 
TRP CD2  C  Y N 334 
TRP NE1  N  Y N 335 
TRP CE2  C  Y N 336 
TRP CE3  C  Y N 337 
TRP CZ2  C  Y N 338 
TRP CZ3  C  Y N 339 
TRP CH2  C  Y N 340 
TRP OXT  O  N N 341 
TRP H    H  N N 342 
TRP H2   H  N N 343 
TRP HA   H  N N 344 
TRP HB2  H  N N 345 
TRP HB3  H  N N 346 
TRP HD1  H  N N 347 
TRP HE1  H  N N 348 
TRP HE3  H  N N 349 
TRP HZ2  H  N N 350 
TRP HZ3  H  N N 351 
TRP HH2  H  N N 352 
TRP HXT  H  N N 353 
TYR N    N  N N 354 
TYR CA   C  N S 355 
TYR C    C  N N 356 
TYR O    O  N N 357 
TYR CB   C  N N 358 
TYR CG   C  Y N 359 
TYR CD1  C  Y N 360 
TYR CD2  C  Y N 361 
TYR CE1  C  Y N 362 
TYR CE2  C  Y N 363 
TYR CZ   C  Y N 364 
TYR OH   O  N N 365 
TYR OXT  O  N N 366 
TYR H    H  N N 367 
TYR H2   H  N N 368 
TYR HA   H  N N 369 
TYR HB2  H  N N 370 
TYR HB3  H  N N 371 
TYR HD1  H  N N 372 
TYR HD2  H  N N 373 
TYR HE1  H  N N 374 
TYR HE2  H  N N 375 
TYR HH   H  N N 376 
TYR HXT  H  N N 377 
VAL N    N  N N 378 
VAL CA   C  N S 379 
VAL C    C  N N 380 
VAL O    O  N N 381 
VAL CB   C  N N 382 
VAL CG1  C  N N 383 
VAL CG2  C  N N 384 
VAL OXT  O  N N 385 
VAL H    H  N N 386 
VAL H2   H  N N 387 
VAL HA   H  N N 388 
VAL HB   H  N N 389 
VAL HG11 H  N N 390 
VAL HG12 H  N N 391 
VAL HG13 H  N N 392 
VAL HG21 H  N N 393 
VAL HG22 H  N N 394 
VAL HG23 H  N N 395 
VAL HXT  H  N N 396 
# 
loop_
_chem_comp_bond.comp_id 
_chem_comp_bond.atom_id_1 
_chem_comp_bond.atom_id_2 
_chem_comp_bond.value_order 
_chem_comp_bond.pdbx_aromatic_flag 
_chem_comp_bond.pdbx_stereo_config 
_chem_comp_bond.pdbx_ordinal 
ALA N   CA   sing N N 1   
ALA N   H    sing N N 2   
ALA N   H2   sing N N 3   
ALA CA  C    sing N N 4   
ALA CA  CB   sing N N 5   
ALA CA  HA   sing N N 6   
ALA C   O    doub N N 7   
ALA C   OXT  sing N N 8   
ALA CB  HB1  sing N N 9   
ALA CB  HB2  sing N N 10  
ALA CB  HB3  sing N N 11  
ALA OXT HXT  sing N N 12  
ARG N   CA   sing N N 13  
ARG N   H    sing N N 14  
ARG N   H2   sing N N 15  
ARG CA  C    sing N N 16  
ARG CA  CB   sing N N 17  
ARG CA  HA   sing N N 18  
ARG C   O    doub N N 19  
ARG C   OXT  sing N N 20  
ARG CB  CG   sing N N 21  
ARG CB  HB2  sing N N 22  
ARG CB  HB3  sing N N 23  
ARG CG  CD   sing N N 24  
ARG CG  HG2  sing N N 25  
ARG CG  HG3  sing N N 26  
ARG CD  NE   sing N N 27  
ARG CD  HD2  sing N N 28  
ARG CD  HD3  sing N N 29  
ARG NE  CZ   sing N N 30  
ARG NE  HE   sing N N 31  
ARG CZ  NH1  sing N N 32  
ARG CZ  NH2  doub N N 33  
ARG NH1 HH11 sing N N 34  
ARG NH1 HH12 sing N N 35  
ARG NH2 HH21 sing N N 36  
ARG NH2 HH22 sing N N 37  
ARG OXT HXT  sing N N 38  
ASN N   CA   sing N N 39  
ASN N   H    sing N N 40  
ASN N   H2   sing N N 41  
ASN CA  C    sing N N 42  
ASN CA  CB   sing N N 43  
ASN CA  HA   sing N N 44  
ASN C   O    doub N N 45  
ASN C   OXT  sing N N 46  
ASN CB  CG   sing N N 47  
ASN CB  HB2  sing N N 48  
ASN CB  HB3  sing N N 49  
ASN CG  OD1  doub N N 50  
ASN CG  ND2  sing N N 51  
ASN ND2 HD21 sing N N 52  
ASN ND2 HD22 sing N N 53  
ASN OXT HXT  sing N N 54  
ASP N   CA   sing N N 55  
ASP N   H    sing N N 56  
ASP N   H2   sing N N 57  
ASP CA  C    sing N N 58  
ASP CA  CB   sing N N 59  
ASP CA  HA   sing N N 60  
ASP C   O    doub N N 61  
ASP C   OXT  sing N N 62  
ASP CB  CG   sing N N 63  
ASP CB  HB2  sing N N 64  
ASP CB  HB3  sing N N 65  
ASP CG  OD1  doub N N 66  
ASP CG  OD2  sing N N 67  
ASP OD2 HD2  sing N N 68  
ASP OXT HXT  sing N N 69  
CYS N   CA   sing N N 70  
CYS N   H    sing N N 71  
CYS N   H2   sing N N 72  
CYS CA  C    sing N N 73  
CYS CA  CB   sing N N 74  
CYS CA  HA   sing N N 75  
CYS C   O    doub N N 76  
CYS C   OXT  sing N N 77  
CYS CB  SG   sing N N 78  
CYS CB  HB2  sing N N 79  
CYS CB  HB3  sing N N 80  
CYS SG  HG   sing N N 81  
CYS OXT HXT  sing N N 82  
GLN N   CA   sing N N 83  
GLN N   H    sing N N 84  
GLN N   H2   sing N N 85  
GLN CA  C    sing N N 86  
GLN CA  CB   sing N N 87  
GLN CA  HA   sing N N 88  
GLN C   O    doub N N 89  
GLN C   OXT  sing N N 90  
GLN CB  CG   sing N N 91  
GLN CB  HB2  sing N N 92  
GLN CB  HB3  sing N N 93  
GLN CG  CD   sing N N 94  
GLN CG  HG2  sing N N 95  
GLN CG  HG3  sing N N 96  
GLN CD  OE1  doub N N 97  
GLN CD  NE2  sing N N 98  
GLN NE2 HE21 sing N N 99  
GLN NE2 HE22 sing N N 100 
GLN OXT HXT  sing N N 101 
GLU N   CA   sing N N 102 
GLU N   H    sing N N 103 
GLU N   H2   sing N N 104 
GLU CA  C    sing N N 105 
GLU CA  CB   sing N N 106 
GLU CA  HA   sing N N 107 
GLU C   O    doub N N 108 
GLU C   OXT  sing N N 109 
GLU CB  CG   sing N N 110 
GLU CB  HB2  sing N N 111 
GLU CB  HB3  sing N N 112 
GLU CG  CD   sing N N 113 
GLU CG  HG2  sing N N 114 
GLU CG  HG3  sing N N 115 
GLU CD  OE1  doub N N 116 
GLU CD  OE2  sing N N 117 
GLU OE2 HE2  sing N N 118 
GLU OXT HXT  sing N N 119 
GLY N   CA   sing N N 120 
GLY N   H    sing N N 121 
GLY N   H2   sing N N 122 
GLY CA  C    sing N N 123 
GLY CA  HA2  sing N N 124 
GLY CA  HA3  sing N N 125 
GLY C   O    doub N N 126 
GLY C   OXT  sing N N 127 
GLY OXT HXT  sing N N 128 
HIS N   CA   sing N N 129 
HIS N   H    sing N N 130 
HIS N   H2   sing N N 131 
HIS CA  C    sing N N 132 
HIS CA  CB   sing N N 133 
HIS CA  HA   sing N N 134 
HIS C   O    doub N N 135 
HIS C   OXT  sing N N 136 
HIS CB  CG   sing N N 137 
HIS CB  HB2  sing N N 138 
HIS CB  HB3  sing N N 139 
HIS CG  ND1  sing Y N 140 
HIS CG  CD2  doub Y N 141 
HIS ND1 CE1  doub Y N 142 
HIS ND1 HD1  sing N N 143 
HIS CD2 NE2  sing Y N 144 
HIS CD2 HD2  sing N N 145 
HIS CE1 NE2  sing Y N 146 
HIS CE1 HE1  sing N N 147 
HIS NE2 HE2  sing N N 148 
HIS OXT HXT  sing N N 149 
HOH O   H1   sing N N 150 
HOH O   H2   sing N N 151 
ILE N   CA   sing N N 152 
ILE N   H    sing N N 153 
ILE N   H2   sing N N 154 
ILE CA  C    sing N N 155 
ILE CA  CB   sing N N 156 
ILE CA  HA   sing N N 157 
ILE C   O    doub N N 158 
ILE C   OXT  sing N N 159 
ILE CB  CG1  sing N N 160 
ILE CB  CG2  sing N N 161 
ILE CB  HB   sing N N 162 
ILE CG1 CD1  sing N N 163 
ILE CG1 HG12 sing N N 164 
ILE CG1 HG13 sing N N 165 
ILE CG2 HG21 sing N N 166 
ILE CG2 HG22 sing N N 167 
ILE CG2 HG23 sing N N 168 
ILE CD1 HD11 sing N N 169 
ILE CD1 HD12 sing N N 170 
ILE CD1 HD13 sing N N 171 
ILE OXT HXT  sing N N 172 
LEU N   CA   sing N N 173 
LEU N   H    sing N N 174 
LEU N   H2   sing N N 175 
LEU CA  C    sing N N 176 
LEU CA  CB   sing N N 177 
LEU CA  HA   sing N N 178 
LEU C   O    doub N N 179 
LEU C   OXT  sing N N 180 
LEU CB  CG   sing N N 181 
LEU CB  HB2  sing N N 182 
LEU CB  HB3  sing N N 183 
LEU CG  CD1  sing N N 184 
LEU CG  CD2  sing N N 185 
LEU CG  HG   sing N N 186 
LEU CD1 HD11 sing N N 187 
LEU CD1 HD12 sing N N 188 
LEU CD1 HD13 sing N N 189 
LEU CD2 HD21 sing N N 190 
LEU CD2 HD22 sing N N 191 
LEU CD2 HD23 sing N N 192 
LEU OXT HXT  sing N N 193 
LYS N   CA   sing N N 194 
LYS N   H    sing N N 195 
LYS N   H2   sing N N 196 
LYS CA  C    sing N N 197 
LYS CA  CB   sing N N 198 
LYS CA  HA   sing N N 199 
LYS C   O    doub N N 200 
LYS C   OXT  sing N N 201 
LYS CB  CG   sing N N 202 
LYS CB  HB2  sing N N 203 
LYS CB  HB3  sing N N 204 
LYS CG  CD   sing N N 205 
LYS CG  HG2  sing N N 206 
LYS CG  HG3  sing N N 207 
LYS CD  CE   sing N N 208 
LYS CD  HD2  sing N N 209 
LYS CD  HD3  sing N N 210 
LYS CE  NZ   sing N N 211 
LYS CE  HE2  sing N N 212 
LYS CE  HE3  sing N N 213 
LYS NZ  HZ1  sing N N 214 
LYS NZ  HZ2  sing N N 215 
LYS NZ  HZ3  sing N N 216 
LYS OXT HXT  sing N N 217 
MET N   CA   sing N N 218 
MET N   H    sing N N 219 
MET N   H2   sing N N 220 
MET CA  C    sing N N 221 
MET CA  CB   sing N N 222 
MET CA  HA   sing N N 223 
MET C   O    doub N N 224 
MET C   OXT  sing N N 225 
MET CB  CG   sing N N 226 
MET CB  HB2  sing N N 227 
MET CB  HB3  sing N N 228 
MET CG  SD   sing N N 229 
MET CG  HG2  sing N N 230 
MET CG  HG3  sing N N 231 
MET SD  CE   sing N N 232 
MET CE  HE1  sing N N 233 
MET CE  HE2  sing N N 234 
MET CE  HE3  sing N N 235 
MET OXT HXT  sing N N 236 
PHE N   CA   sing N N 237 
PHE N   H    sing N N 238 
PHE N   H2   sing N N 239 
PHE CA  C    sing N N 240 
PHE CA  CB   sing N N 241 
PHE CA  HA   sing N N 242 
PHE C   O    doub N N 243 
PHE C   OXT  sing N N 244 
PHE CB  CG   sing N N 245 
PHE CB  HB2  sing N N 246 
PHE CB  HB3  sing N N 247 
PHE CG  CD1  doub Y N 248 
PHE CG  CD2  sing Y N 249 
PHE CD1 CE1  sing Y N 250 
PHE CD1 HD1  sing N N 251 
PHE CD2 CE2  doub Y N 252 
PHE CD2 HD2  sing N N 253 
PHE CE1 CZ   doub Y N 254 
PHE CE1 HE1  sing N N 255 
PHE CE2 CZ   sing Y N 256 
PHE CE2 HE2  sing N N 257 
PHE CZ  HZ   sing N N 258 
PHE OXT HXT  sing N N 259 
PRO N   CA   sing N N 260 
PRO N   CD   sing N N 261 
PRO N   H    sing N N 262 
PRO CA  C    sing N N 263 
PRO CA  CB   sing N N 264 
PRO CA  HA   sing N N 265 
PRO C   O    doub N N 266 
PRO C   OXT  sing N N 267 
PRO CB  CG   sing N N 268 
PRO CB  HB2  sing N N 269 
PRO CB  HB3  sing N N 270 
PRO CG  CD   sing N N 271 
PRO CG  HG2  sing N N 272 
PRO CG  HG3  sing N N 273 
PRO CD  HD2  sing N N 274 
PRO CD  HD3  sing N N 275 
PRO OXT HXT  sing N N 276 
SER N   CA   sing N N 277 
SER N   H    sing N N 278 
SER N   H2   sing N N 279 
SER CA  C    sing N N 280 
SER CA  CB   sing N N 281 
SER CA  HA   sing N N 282 
SER C   O    doub N N 283 
SER C   OXT  sing N N 284 
SER CB  OG   sing N N 285 
SER CB  HB2  sing N N 286 
SER CB  HB3  sing N N 287 
SER OG  HG   sing N N 288 
SER OXT HXT  sing N N 289 
SO4 S   O1   doub N N 290 
SO4 S   O2   doub N N 291 
SO4 S   O3   sing N N 292 
SO4 S   O4   sing N N 293 
THR N   CA   sing N N 294 
THR N   H    sing N N 295 
THR N   H2   sing N N 296 
THR CA  C    sing N N 297 
THR CA  CB   sing N N 298 
THR CA  HA   sing N N 299 
THR C   O    doub N N 300 
THR C   OXT  sing N N 301 
THR CB  OG1  sing N N 302 
THR CB  CG2  sing N N 303 
THR CB  HB   sing N N 304 
THR OG1 HG1  sing N N 305 
THR CG2 HG21 sing N N 306 
THR CG2 HG22 sing N N 307 
THR CG2 HG23 sing N N 308 
THR OXT HXT  sing N N 309 
TRP N   CA   sing N N 310 
TRP N   H    sing N N 311 
TRP N   H2   sing N N 312 
TRP CA  C    sing N N 313 
TRP CA  CB   sing N N 314 
TRP CA  HA   sing N N 315 
TRP C   O    doub N N 316 
TRP C   OXT  sing N N 317 
TRP CB  CG   sing N N 318 
TRP CB  HB2  sing N N 319 
TRP CB  HB3  sing N N 320 
TRP CG  CD1  doub Y N 321 
TRP CG  CD2  sing Y N 322 
TRP CD1 NE1  sing Y N 323 
TRP CD1 HD1  sing N N 324 
TRP CD2 CE2  doub Y N 325 
TRP CD2 CE3  sing Y N 326 
TRP NE1 CE2  sing Y N 327 
TRP NE1 HE1  sing N N 328 
TRP CE2 CZ2  sing Y N 329 
TRP CE3 CZ3  doub Y N 330 
TRP CE3 HE3  sing N N 331 
TRP CZ2 CH2  doub Y N 332 
TRP CZ2 HZ2  sing N N 333 
TRP CZ3 CH2  sing Y N 334 
TRP CZ3 HZ3  sing N N 335 
TRP CH2 HH2  sing N N 336 
TRP OXT HXT  sing N N 337 
TYR N   CA   sing N N 338 
TYR N   H    sing N N 339 
TYR N   H2   sing N N 340 
TYR CA  C    sing N N 341 
TYR CA  CB   sing N N 342 
TYR CA  HA   sing N N 343 
TYR C   O    doub N N 344 
TYR C   OXT  sing N N 345 
TYR CB  CG   sing N N 346 
TYR CB  HB2  sing N N 347 
TYR CB  HB3  sing N N 348 
TYR CG  CD1  doub Y N 349 
TYR CG  CD2  sing Y N 350 
TYR CD1 CE1  sing Y N 351 
TYR CD1 HD1  sing N N 352 
TYR CD2 CE2  doub Y N 353 
TYR CD2 HD2  sing N N 354 
TYR CE1 CZ   doub Y N 355 
TYR CE1 HE1  sing N N 356 
TYR CE2 CZ   sing Y N 357 
TYR CE2 HE2  sing N N 358 
TYR CZ  OH   sing N N 359 
TYR OH  HH   sing N N 360 
TYR OXT HXT  sing N N 361 
VAL N   CA   sing N N 362 
VAL N   H    sing N N 363 
VAL N   H2   sing N N 364 
VAL CA  C    sing N N 365 
VAL CA  CB   sing N N 366 
VAL CA  HA   sing N N 367 
VAL C   O    doub N N 368 
VAL C   OXT  sing N N 369 
VAL CB  CG1  sing N N 370 
VAL CB  CG2  sing N N 371 
VAL CB  HB   sing N N 372 
VAL CG1 HG11 sing N N 373 
VAL CG1 HG12 sing N N 374 
VAL CG1 HG13 sing N N 375 
VAL CG2 HG21 sing N N 376 
VAL CG2 HG22 sing N N 377 
VAL CG2 HG23 sing N N 378 
VAL OXT HXT  sing N N 379 
# 
_atom_sites.entry_id                    2F7N 
_atom_sites.fract_transf_matrix[1][1]   0.00580880 
_atom_sites.fract_transf_matrix[1][2]   -0.00897291 
_atom_sites.fract_transf_matrix[1][3]   -0.00297385 
_atom_sites.fract_transf_matrix[2][1]   -0.00207389 
_atom_sites.fract_transf_matrix[2][2]   0.00219572 
_atom_sites.fract_transf_matrix[2][3]   -0.01067599 
_atom_sites.fract_transf_matrix[3][1]   0.00922257 
_atom_sites.fract_transf_matrix[3][2]   0.00614530 
_atom_sites.fract_transf_matrix[3][3]   -0.00052766 
_atom_sites.fract_transf_vector[1]      0.062153 
_atom_sites.fract_transf_vector[2]      0.668430 
_atom_sites.fract_transf_vector[3]      0.113877 
# 
loop_
_atom_type.symbol 
C  
CO 
N  
O  
S  
# 
loop_
_atom_site.group_PDB 
_atom_site.id 
_atom_site.type_symbol 
_atom_site.label_atom_id 
_atom_site.label_alt_id 
_atom_site.label_comp_id 
_atom_site.label_asym_id 
_atom_site.label_entity_id 
_atom_site.label_seq_id 
_atom_site.pdbx_PDB_ins_code 
_atom_site.Cartn_x 
_atom_site.Cartn_y 
_atom_site.Cartn_z 
_atom_site.occupancy 
_atom_site.B_iso_or_equiv 
_atom_site.pdbx_formal_charge 
_atom_site.auth_seq_id 
_atom_site.auth_comp_id 
_atom_site.auth_asym_id 
_atom_site.auth_atom_id 
_atom_site.pdbx_PDB_model_num 
ATOM   1    N  N   . ALA A 1 32  ? 4.448   -12.555 8.749   1.00 49.40 ? 32  ALA A N   1 
ATOM   2    C  CA  . ALA A 1 32  ? 5.283   -12.765 7.529   1.00 49.36 ? 32  ALA A CA  1 
ATOM   3    C  C   . ALA A 1 32  ? 5.079   -14.193 7.048   1.00 49.40 ? 32  ALA A C   1 
ATOM   4    O  O   . ALA A 1 32  ? 5.222   -14.491 5.853   1.00 49.22 ? 32  ALA A O   1 
ATOM   5    C  CB  . ALA A 1 32  ? 6.765   -12.512 7.844   1.00 49.89 ? 32  ALA A CB  1 
ATOM   6    N  N   . ASP A 1 33  ? 4.730   -15.070 7.988   1.00 48.59 ? 33  ASP A N   1 
ATOM   7    C  CA  . ASP A 1 33  ? 4.486   -16.479 7.684   1.00 47.03 ? 33  ASP A CA  1 
ATOM   8    C  C   . ASP A 1 33  ? 2.986   -16.725 7.758   1.00 45.75 ? 33  ASP A C   1 
ATOM   9    O  O   . ASP A 1 33  ? 2.484   -17.811 7.435   1.00 44.94 ? 33  ASP A O   1 
ATOM   10   C  CB  . ASP A 1 33  ? 5.197   -17.370 8.697   1.00 48.06 ? 33  ASP A CB  1 
ATOM   11   C  CG  . ASP A 1 33  ? 5.080   -18.832 8.355   1.00 48.75 ? 33  ASP A CG  1 
ATOM   12   O  OD1 . ASP A 1 33  ? 5.861   -19.305 7.498   1.00 49.27 ? 33  ASP A OD1 1 
ATOM   13   O  OD2 . ASP A 1 33  ? 4.196   -19.507 8.932   1.00 49.54 ? 33  ASP A OD2 1 
ATOM   14   N  N   . HIS A 1 34  ? 2.265   -15.703 8.190   1.00 43.74 ? 34  HIS A N   1 
ATOM   15   C  CA  . HIS A 1 34  ? 0.827   -15.800 8.287   1.00 42.30 ? 34  HIS A CA  1 
ATOM   16   C  C   . HIS A 1 34  ? 0.217   -15.625 6.898   1.00 39.99 ? 34  HIS A C   1 
ATOM   17   O  O   . HIS A 1 34  ? -1.000  -15.753 6.724   1.00 39.71 ? 34  HIS A O   1 
ATOM   18   C  CB  . HIS A 1 34  ? 0.313   -14.732 9.244   1.00 44.72 ? 34  HIS A CB  1 
ATOM   19   C  CG  . HIS A 1 34  ? 0.848   -14.876 10.635  1.00 47.18 ? 34  HIS A CG  1 
ATOM   20   N  ND1 . HIS A 1 34  ? 0.736   -16.049 11.354  1.00 48.18 ? 34  HIS A ND1 1 
ATOM   21   C  CD2 . HIS A 1 34  ? 1.486   -13.997 11.444  1.00 47.44 ? 34  HIS A CD2 1 
ATOM   22   C  CE1 . HIS A 1 34  ? 1.279   -15.883 12.549  1.00 48.77 ? 34  HIS A CE1 1 
ATOM   23   N  NE2 . HIS A 1 34  ? 1.740   -14.646 12.627  1.00 48.20 ? 34  HIS A NE2 1 
ATOM   24   N  N   . ALA A 1 35  ? 1.079   -15.356 5.915   1.00 36.98 ? 35  ALA A N   1 
ATOM   25   C  CA  . ALA A 1 35  ? 0.661   -15.158 4.526   1.00 33.92 ? 35  ALA A CA  1 
ATOM   26   C  C   . ALA A 1 35  ? 0.901   -16.404 3.668   1.00 32.34 ? 35  ALA A C   1 
ATOM   27   O  O   . ALA A 1 35  ? 0.382   -16.513 2.547   1.00 31.62 ? 35  ALA A O   1 
ATOM   28   C  CB  . ALA A 1 35  ? 1.416   -13.973 3.925   1.00 32.38 ? 35  ALA A CB  1 
ATOM   29   N  N   . ASP A 1 36  ? 1.693   -17.336 4.196   1.00 29.35 ? 36  ASP A N   1 
ATOM   30   C  CA  . ASP A 1 36  ? 2.022   -18.573 3.490   1.00 27.14 ? 36  ASP A CA  1 
ATOM   31   C  C   . ASP A 1 36  ? 0.830   -19.539 3.536   1.00 26.47 ? 36  ASP A C   1 
ATOM   32   O  O   . ASP A 1 36  ? 0.336   -19.869 4.613   1.00 26.19 ? 36  ASP A O   1 
ATOM   33   C  CB  . ASP A 1 36  ? 3.275   -19.211 4.132   1.00 25.14 ? 36  ASP A CB  1 
ATOM   34   C  CG  . ASP A 1 36  ? 3.897   -20.308 3.265   1.00 24.73 ? 36  ASP A CG  1 
ATOM   35   O  OD1 . ASP A 1 36  ? 5.079   -20.681 3.497   1.00 22.94 ? 36  ASP A OD1 1 
ATOM   36   O  OD2 . ASP A 1 36  ? 3.202   -20.803 2.353   1.00 22.24 ? 36  ASP A OD2 1 
ATOM   37   N  N   . ALA A 1 37  ? 0.349   -19.982 2.373   1.00 25.40 ? 37  ALA A N   1 
ATOM   38   C  CA  . ALA A 1 37  ? -0.789  -20.910 2.346   1.00 25.90 ? 37  ALA A CA  1 
ATOM   39   C  C   . ALA A 1 37  ? -0.489  -22.228 1.618   1.00 25.54 ? 37  ALA A C   1 
ATOM   40   O  O   . ALA A 1 37  ? -1.407  -22.947 1.209   1.00 25.96 ? 37  ALA A O   1 
ATOM   41   C  CB  . ALA A 1 37  ? -2.011  -20.228 1.711   1.00 26.03 ? 37  ALA A CB  1 
ATOM   42   N  N   . ALA A 1 38  ? 0.789   -22.553 1.470   1.00 24.93 ? 38  ALA A N   1 
ATOM   43   C  CA  . ALA A 1 38  ? 1.183   -23.771 0.773   1.00 25.53 ? 38  ALA A CA  1 
ATOM   44   C  C   . ALA A 1 38  ? 1.281   -25.002 1.671   1.00 26.35 ? 38  ALA A C   1 
ATOM   45   O  O   . ALA A 1 38  ? 1.493   -26.113 1.181   1.00 25.44 ? 38  ALA A O   1 
ATOM   46   C  CB  . ALA A 1 38  ? 2.515   -23.550 0.083   1.00 23.58 ? 38  ALA A CB  1 
ATOM   47   N  N   . HIS A 1 39  ? 1.116   -24.809 2.976   1.00 27.13 ? 39  HIS A N   1 
ATOM   48   C  CA  . HIS A 1 39  ? 1.234   -25.908 3.931   1.00 28.42 ? 39  HIS A CA  1 
ATOM   49   C  C   . HIS A 1 39  ? 0.035   -26.066 4.868   1.00 29.52 ? 39  HIS A C   1 
ATOM   50   O  O   . HIS A 1 39  ? 0.172   -26.602 5.968   1.00 29.29 ? 39  HIS A O   1 
ATOM   51   C  CB  . HIS A 1 39  ? 2.499   -25.689 4.763   1.00 28.03 ? 39  HIS A CB  1 
ATOM   52   C  CG  . HIS A 1 39  ? 3.629   -25.080 3.988   1.00 28.03 ? 39  HIS A CG  1 
ATOM   53   N  ND1 . HIS A 1 39  ? 4.422   -25.807 3.127   1.00 26.85 ? 39  HIS A ND1 1 
ATOM   54   C  CD2 . HIS A 1 39  ? 4.083   -23.805 3.929   1.00 28.21 ? 39  HIS A CD2 1 
ATOM   55   C  CE1 . HIS A 1 39  ? 5.317   -25.008 2.573   1.00 27.97 ? 39  HIS A CE1 1 
ATOM   56   N  NE2 . HIS A 1 39  ? 5.133   -23.786 3.041   1.00 28.38 ? 39  HIS A NE2 1 
ATOM   57   N  N   . LEU A 1 40  ? -1.134  -25.606 4.441   1.00 30.92 ? 40  LEU A N   1 
ATOM   58   C  CA  . LEU A 1 40  ? -2.333  -25.709 5.267   1.00 32.25 ? 40  LEU A CA  1 
ATOM   59   C  C   . LEU A 1 40  ? -2.798  -27.155 5.478   1.00 33.03 ? 40  LEU A C   1 
ATOM   60   O  O   . LEU A 1 40  ? -3.405  -27.472 6.504   1.00 32.33 ? 40  LEU A O   1 
ATOM   61   C  CB  . LEU A 1 40  ? -3.474  -24.895 4.643   1.00 32.36 ? 40  LEU A CB  1 
ATOM   62   C  CG  . LEU A 1 40  ? -3.239  -23.385 4.548   1.00 32.72 ? 40  LEU A CG  1 
ATOM   63   C  CD1 . LEU A 1 40  ? -4.359  -22.729 3.748   1.00 31.93 ? 40  LEU A CD1 1 
ATOM   64   C  CD2 . LEU A 1 40  ? -3.182  -22.799 5.948   1.00 31.94 ? 40  LEU A CD2 1 
ATOM   65   N  N   . GLY A 1 41  ? -2.513  -28.021 4.508   1.00 33.26 ? 41  GLY A N   1 
ATOM   66   C  CA  . GLY A 1 41  ? -2.920  -29.411 4.613   1.00 34.61 ? 41  GLY A CA  1 
ATOM   67   C  C   . GLY A 1 41  ? -4.431  -29.575 4.605   1.00 35.60 ? 41  GLY A C   1 
ATOM   68   O  O   . GLY A 1 41  ? -4.949  -30.663 4.849   1.00 36.02 ? 41  GLY A O   1 
ATOM   69   N  N   . THR A 1 42  ? -5.134  -28.489 4.303   1.00 35.61 ? 42  THR A N   1 
ATOM   70   C  CA  . THR A 1 42  ? -6.597  -28.470 4.269   1.00 34.41 ? 42  THR A CA  1 
ATOM   71   C  C   . THR A 1 42  ? -7.151  -28.846 2.884   1.00 32.75 ? 42  THR A C   1 
ATOM   72   O  O   . THR A 1 42  ? -6.394  -28.943 1.907   1.00 33.15 ? 42  THR A O   1 
ATOM   73   C  CB  . THR A 1 42  ? -7.102  -27.073 4.643   1.00 34.42 ? 42  THR A CB  1 
ATOM   74   O  OG1 . THR A 1 42  ? -8.517  -27.112 4.833   1.00 37.80 ? 42  THR A OG1 1 
ATOM   75   C  CG2 . THR A 1 42  ? -6.790  -26.080 3.524   1.00 34.78 ? 42  THR A CG2 1 
ATOM   76   N  N   . VAL A 1 43  ? -8.468  -29.042 2.792   1.00 30.81 ? 43  VAL A N   1 
ATOM   77   C  CA  . VAL A 1 43  ? -9.097  -29.411 1.515   1.00 28.94 ? 43  VAL A CA  1 
ATOM   78   C  C   . VAL A 1 43  ? -8.876  -28.378 0.399   1.00 26.83 ? 43  VAL A C   1 
ATOM   79   O  O   . VAL A 1 43  ? -8.859  -27.174 0.649   1.00 25.02 ? 43  VAL A O   1 
ATOM   80   C  CB  . VAL A 1 43  ? -10.624 -29.652 1.682   1.00 29.99 ? 43  VAL A CB  1 
ATOM   81   C  CG1 . VAL A 1 43  ? -11.352 -28.342 1.967   1.00 30.51 ? 43  VAL A CG1 1 
ATOM   82   C  CG2 . VAL A 1 43  ? -11.182 -30.304 0.431   1.00 31.31 ? 43  VAL A CG2 1 
ATOM   83   N  N   . ASN A 1 44  ? -8.700  -28.870 -0.827  1.00 24.79 ? 44  ASN A N   1 
ATOM   84   C  CA  . ASN A 1 44  ? -8.478  -28.039 -2.012  1.00 23.73 ? 44  ASN A CA  1 
ATOM   85   C  C   . ASN A 1 44  ? -7.185  -27.220 -1.947  1.00 23.06 ? 44  ASN A C   1 
ATOM   86   O  O   . ASN A 1 44  ? -7.061  -26.213 -2.644  1.00 23.35 ? 44  ASN A O   1 
ATOM   87   C  CB  . ASN A 1 44  ? -9.658  -27.074 -2.242  1.00 23.44 ? 44  ASN A CB  1 
ATOM   88   C  CG  . ASN A 1 44  ? -11.014 -27.767 -2.208  1.00 21.68 ? 44  ASN A CG  1 
ATOM   89   O  OD1 . ASN A 1 44  ? -11.796 -27.559 -1.281  1.00 22.39 ? 44  ASN A OD1 1 
ATOM   90   N  ND2 . ASN A 1 44  ? -11.300 -28.590 -3.218  1.00 21.14 ? 44  ASN A ND2 1 
ATOM   91   N  N   . ASN A 1 45  ? -6.222  -27.666 -1.142  1.00 22.35 ? 45  ASN A N   1 
ATOM   92   C  CA  . ASN A 1 45  ? -4.951  -26.961 -0.974  1.00 21.67 ? 45  ASN A CA  1 
ATOM   93   C  C   . ASN A 1 45  ? -3.737  -27.826 -1.326  1.00 21.75 ? 45  ASN A C   1 
ATOM   94   O  O   . ASN A 1 45  ? -2.592  -27.370 -1.239  1.00 21.64 ? 45  ASN A O   1 
ATOM   95   C  CB  . ASN A 1 45  ? -4.818  -26.509 0.482   1.00 22.21 ? 45  ASN A CB  1 
ATOM   96   C  CG  . ASN A 1 45  ? -3.977  -25.254 0.634   1.00 24.26 ? 45  ASN A CG  1 
ATOM   97   O  OD1 . ASN A 1 45  ? -4.407  -24.158 0.258   1.00 21.63 ? 45  ASN A OD1 1 
ATOM   98   N  ND2 . ASN A 1 45  ? -2.775  -25.402 1.193   1.00 23.59 ? 45  ASN A ND2 1 
ATOM   99   N  N   . ALA A 1 46  ? -3.989  -29.066 -1.726  1.00 21.44 ? 46  ALA A N   1 
ATOM   100  C  CA  . ALA A 1 46  ? -2.933  -30.021 -2.059  1.00 21.94 ? 46  ALA A CA  1 
ATOM   101  C  C   . ALA A 1 46  ? -1.909  -29.582 -3.114  1.00 23.00 ? 46  ALA A C   1 
ATOM   102  O  O   . ALA A 1 46  ? -0.720  -29.917 -3.016  1.00 23.05 ? 46  ALA A O   1 
ATOM   103  C  CB  . ALA A 1 46  ? -3.567  -31.348 -2.483  1.00 21.56 ? 46  ALA A CB  1 
ATOM   104  N  N   . LEU A 1 47  ? -2.355  -28.838 -4.118  1.00 22.52 ? 47  LEU A N   1 
ATOM   105  C  CA  . LEU A 1 47  ? -1.455  -28.415 -5.188  1.00 22.89 ? 47  LEU A CA  1 
ATOM   106  C  C   . LEU A 1 47  ? -0.710  -27.112 -4.930  1.00 22.85 ? 47  LEU A C   1 
ATOM   107  O  O   . LEU A 1 47  ? 0.253   -26.802 -5.616  1.00 23.72 ? 47  LEU A O   1 
ATOM   108  C  CB  . LEU A 1 47  ? -2.231  -28.310 -6.510  1.00 21.73 ? 47  LEU A CB  1 
ATOM   109  C  CG  . LEU A 1 47  ? -3.046  -29.551 -6.888  1.00 22.47 ? 47  LEU A CG  1 
ATOM   110  C  CD1 . LEU A 1 47  ? -3.686  -29.361 -8.255  1.00 21.26 ? 47  LEU A CD1 1 
ATOM   111  C  CD2 . LEU A 1 47  ? -2.139  -30.781 -6.886  1.00 21.32 ? 47  LEU A CD2 1 
ATOM   112  N  N   . VAL A 1 48  ? -1.140  -26.353 -3.931  1.00 23.78 ? 48  VAL A N   1 
ATOM   113  C  CA  . VAL A 1 48  ? -0.490  -25.082 -3.637  1.00 23.54 ? 48  VAL A CA  1 
ATOM   114  C  C   . VAL A 1 48  ? 0.999   -25.229 -3.323  1.00 23.31 ? 48  VAL A C   1 
ATOM   115  O  O   . VAL A 1 48  ? 1.405   -26.090 -2.539  1.00 23.74 ? 48  VAL A O   1 
ATOM   116  C  CB  . VAL A 1 48  ? -1.194  -24.356 -2.461  1.00 23.69 ? 48  VAL A CB  1 
ATOM   117  C  CG1 . VAL A 1 48  ? -0.615  -22.946 -2.286  1.00 22.02 ? 48  VAL A CG1 1 
ATOM   118  C  CG2 . VAL A 1 48  ? -2.695  -24.286 -2.727  1.00 21.79 ? 48  VAL A CG2 1 
ATOM   119  N  N   . ASN A 1 49  ? 1.804   -24.384 -3.961  1.00 23.18 ? 49  ASN A N   1 
ATOM   120  C  CA  . ASN A 1 49  ? 3.248   -24.365 -3.767  1.00 22.99 ? 49  ASN A CA  1 
ATOM   121  C  C   . ASN A 1 49  ? 3.770   -22.973 -4.118  1.00 22.19 ? 49  ASN A C   1 
ATOM   122  O  O   . ASN A 1 49  ? 2.984   -22.090 -4.481  1.00 21.25 ? 49  ASN A O   1 
ATOM   123  C  CB  . ASN A 1 49  ? 3.921   -25.468 -4.612  1.00 22.47 ? 49  ASN A CB  1 
ATOM   124  C  CG  . ASN A 1 49  ? 3.714   -25.294 -6.114  1.00 22.66 ? 49  ASN A CG  1 
ATOM   125  O  OD1 . ASN A 1 49  ? 3.545   -26.278 -6.834  1.00 25.34 ? 49  ASN A OD1 1 
ATOM   126  N  ND2 . ASN A 1 49  ? 3.755   -24.053 -6.594  1.00 21.18 ? 49  ASN A ND2 1 
ATOM   127  N  N   . HIS A 1 50  ? 5.077   -22.756 -3.995  1.00 22.31 ? 50  HIS A N   1 
ATOM   128  C  CA  . HIS A 1 50  ? 5.645   -21.438 -4.292  1.00 21.37 ? 50  HIS A CA  1 
ATOM   129  C  C   . HIS A 1 50  ? 6.244   -21.273 -5.682  1.00 21.07 ? 50  HIS A C   1 
ATOM   130  O  O   . HIS A 1 50  ? 7.226   -20.545 -5.869  1.00 21.56 ? 50  HIS A O   1 
ATOM   131  C  CB  . HIS A 1 50  ? 6.676   -21.048 -3.235  1.00 20.22 ? 50  HIS A CB  1 
ATOM   132  C  CG  . HIS A 1 50  ? 6.135   -21.083 -1.842  1.00 23.05 ? 50  HIS A CG  1 
ATOM   133  N  ND1 . HIS A 1 50  ? 4.928   -20.507 -1.501  1.00 21.83 ? 50  HIS A ND1 1 
ATOM   134  C  CD2 . HIS A 1 50  ? 6.601   -21.677 -0.718  1.00 22.29 ? 50  HIS A CD2 1 
ATOM   135  C  CE1 . HIS A 1 50  ? 4.672   -20.752 -0.228  1.00 22.61 ? 50  HIS A CE1 1 
ATOM   136  N  NE2 . HIS A 1 50  ? 5.671   -21.460 0.270   1.00 24.96 ? 50  HIS A NE2 1 
ATOM   137  N  N   . HIS A 1 51  ? 5.634   -21.944 -6.650  1.00 20.86 ? 51  HIS A N   1 
ATOM   138  C  CA  . HIS A 1 51  ? 6.059   -21.864 -8.036  1.00 20.98 ? 51  HIS A CA  1 
ATOM   139  C  C   . HIS A 1 51  ? 7.584   -21.971 -8.171  1.00 20.76 ? 51  HIS A C   1 
ATOM   140  O  O   . HIS A 1 51  ? 8.181   -22.910 -7.660  1.00 18.90 ? 51  HIS A O   1 
ATOM   141  C  CB  . HIS A 1 51  ? 5.538   -20.554 -8.641  1.00 20.52 ? 51  HIS A CB  1 
ATOM   142  C  CG  . HIS A 1 51  ? 5.474   -20.555 -10.138 1.00 20.21 ? 51  HIS A CG  1 
ATOM   143  N  ND1 . HIS A 1 51  ? 5.043   -19.465 -10.866 1.00 18.45 ? 51  HIS A ND1 1 
ATOM   144  C  CD2 . HIS A 1 51  ? 5.819   -21.500 -11.043 1.00 19.49 ? 51  HIS A CD2 1 
ATOM   145  C  CE1 . HIS A 1 51  ? 5.131   -19.740 -12.156 1.00 19.83 ? 51  HIS A CE1 1 
ATOM   146  N  NE2 . HIS A 1 51  ? 5.598   -20.968 -12.290 1.00 21.78 ? 51  HIS A NE2 1 
ATOM   147  N  N   . TYR A 1 52  ? 8.216   -21.013 -8.844  1.00 20.28 ? 52  TYR A N   1 
ATOM   148  C  CA  . TYR A 1 52  ? 9.665   -21.064 -9.039  1.00 21.48 ? 52  TYR A CA  1 
ATOM   149  C  C   . TYR A 1 52  ? 10.521  -20.484 -7.909  1.00 21.95 ? 52  TYR A C   1 
ATOM   150  O  O   . TYR A 1 52  ? 11.746  -20.368 -8.057  1.00 21.46 ? 52  TYR A O   1 
ATOM   151  C  CB  . TYR A 1 52  ? 10.045  -20.384 -10.367 1.00 21.57 ? 52  TYR A CB  1 
ATOM   152  C  CG  . TYR A 1 52  ? 9.381   -19.036 -10.600 1.00 20.43 ? 52  TYR A CG  1 
ATOM   153  C  CD1 . TYR A 1 52  ? 9.656   -17.946 -9.770  1.00 20.28 ? 52  TYR A CD1 1 
ATOM   154  C  CD2 . TYR A 1 52  ? 8.451   -18.862 -11.631 1.00 19.39 ? 52  TYR A CD2 1 
ATOM   155  C  CE1 . TYR A 1 52  ? 9.020   -16.716 -9.951  1.00 19.82 ? 52  TYR A CE1 1 
ATOM   156  C  CE2 . TYR A 1 52  ? 7.803   -17.626 -11.824 1.00 19.56 ? 52  TYR A CE2 1 
ATOM   157  C  CZ  . TYR A 1 52  ? 8.092   -16.560 -10.976 1.00 20.18 ? 52  TYR A CZ  1 
ATOM   158  O  OH  . TYR A 1 52  ? 7.439   -15.355 -11.123 1.00 19.12 ? 52  TYR A OH  1 
ATOM   159  N  N   . LEU A 1 53  ? 9.897   -20.133 -6.786  1.00 21.26 ? 53  LEU A N   1 
ATOM   160  C  CA  . LEU A 1 53  ? 10.635  -19.563 -5.659  1.00 21.95 ? 53  LEU A CA  1 
ATOM   161  C  C   . LEU A 1 53  ? 10.932  -20.594 -4.579  1.00 22.19 ? 53  LEU A C   1 
ATOM   162  O  O   . LEU A 1 53  ? 10.116  -21.485 -4.326  1.00 21.52 ? 53  LEU A O   1 
ATOM   163  C  CB  . LEU A 1 53  ? 9.843   -18.419 -5.022  1.00 21.06 ? 53  LEU A CB  1 
ATOM   164  C  CG  . LEU A 1 53  ? 9.488   -17.207 -5.891  1.00 20.33 ? 53  LEU A CG  1 
ATOM   165  C  CD1 . LEU A 1 53  ? 8.644   -16.211 -5.093  1.00 21.40 ? 53  LEU A CD1 1 
ATOM   166  C  CD2 . LEU A 1 53  ? 10.774  -16.558 -6.391  1.00 19.28 ? 53  LEU A CD2 1 
ATOM   167  N  N   . GLU A 1 54  ? 12.103  -20.481 -3.955  1.00 22.96 ? 54  GLU A N   1 
ATOM   168  C  CA  . GLU A 1 54  ? 12.462  -21.389 -2.868  1.00 24.13 ? 54  GLU A CA  1 
ATOM   169  C  C   . GLU A 1 54  ? 11.666  -20.933 -1.647  1.00 23.38 ? 54  GLU A C   1 
ATOM   170  O  O   . GLU A 1 54  ? 11.088  -19.840 -1.645  1.00 22.03 ? 54  GLU A O   1 
ATOM   171  C  CB  . GLU A 1 54  ? 13.958  -21.322 -2.550  1.00 25.07 ? 54  GLU A CB  1 
ATOM   172  C  CG  . GLU A 1 54  ? 14.883  -21.818 -3.654  1.00 28.53 ? 54  GLU A CG  1 
ATOM   173  C  CD  . GLU A 1 54  ? 14.621  -23.255 -4.043  1.00 30.94 ? 54  GLU A CD  1 
ATOM   174  O  OE1 . GLU A 1 54  ? 14.071  -24.005 -3.212  1.00 32.97 ? 54  GLU A OE1 1 
ATOM   175  O  OE2 . GLU A 1 54  ? 14.974  -23.644 -5.180  1.00 34.73 ? 54  GLU A OE2 1 
ATOM   176  N  N   . GLU A 1 55  ? 11.649  -21.751 -0.604  1.00 22.74 ? 55  GLU A N   1 
ATOM   177  C  CA  . GLU A 1 55  ? 10.892  -21.411 0.590   1.00 23.19 ? 55  GLU A CA  1 
ATOM   178  C  C   . GLU A 1 55  ? 11.285  -20.072 1.201   1.00 23.73 ? 55  GLU A C   1 
ATOM   179  O  O   . GLU A 1 55  ? 10.417  -19.254 1.517   1.00 23.74 ? 55  GLU A O   1 
ATOM   180  C  CB  . GLU A 1 55  ? 11.030  -22.514 1.645   1.00 23.81 ? 55  GLU A CB  1 
ATOM   181  C  CG  . GLU A 1 55  ? 10.129  -22.328 2.862   1.00 22.67 ? 55  GLU A CG  1 
ATOM   182  C  CD  . GLU A 1 55  ? 8.658   -22.396 2.512   1.00 24.03 ? 55  GLU A CD  1 
ATOM   183  O  OE1 . GLU A 1 55  ? 8.251   -23.368 1.850   1.00 25.89 ? 55  GLU A OE1 1 
ATOM   184  O  OE2 . GLU A 1 55  ? 7.894   -21.489 2.900   1.00 25.99 ? 55  GLU A OE2 1 
ATOM   185  N  N   . LYS A 1 56  ? 12.580  -19.829 1.365   1.00 23.65 ? 56  LYS A N   1 
ATOM   186  C  CA  . LYS A 1 56  ? 13.005  -18.575 1.973   1.00 24.12 ? 56  LYS A CA  1 
ATOM   187  C  C   . LYS A 1 56  ? 12.746  -17.381 1.060   1.00 23.59 ? 56  LYS A C   1 
ATOM   188  O  O   . LYS A 1 56  ? 12.442  -16.287 1.531   1.00 22.95 ? 56  LYS A O   1 
ATOM   189  C  CB  . LYS A 1 56  ? 14.488  -18.630 2.364   1.00 25.80 ? 56  LYS A CB  1 
ATOM   190  C  CG  . LYS A 1 56  ? 15.489  -18.478 1.219   1.00 29.86 ? 56  LYS A CG  1 
ATOM   191  C  CD  . LYS A 1 56  ? 15.573  -19.737 0.367   1.00 31.75 ? 56  LYS A CD  1 
ATOM   192  C  CE  . LYS A 1 56  ? 16.716  -19.652 -0.626  1.00 31.01 ? 56  LYS A CE  1 
ATOM   193  N  NZ  . LYS A 1 56  ? 16.850  -20.935 -1.373  1.00 32.92 ? 56  LYS A NZ  1 
ATOM   194  N  N   . GLU A 1 57  ? 12.861  -17.593 -0.246  1.00 22.97 ? 57  GLU A N   1 
ATOM   195  C  CA  . GLU A 1 57  ? 12.625  -16.514 -1.198  1.00 22.87 ? 57  GLU A CA  1 
ATOM   196  C  C   . GLU A 1 57  ? 11.149  -16.079 -1.107  1.00 21.95 ? 57  GLU A C   1 
ATOM   197  O  O   . GLU A 1 57  ? 10.834  -14.889 -1.111  1.00 21.39 ? 57  GLU A O   1 
ATOM   198  C  CB  . GLU A 1 57  ? 12.987  -16.982 -2.615  1.00 22.66 ? 57  GLU A CB  1 
ATOM   199  C  CG  . GLU A 1 57  ? 14.466  -17.371 -2.767  1.00 23.51 ? 57  GLU A CG  1 
ATOM   200  C  CD  . GLU A 1 57  ? 14.782  -17.966 -4.124  1.00 24.45 ? 57  GLU A CD  1 
ATOM   201  O  OE1 . GLU A 1 57  ? 13.944  -18.737 -4.646  1.00 24.46 ? 57  GLU A OE1 1 
ATOM   202  O  OE2 . GLU A 1 57  ? 15.870  -17.676 -4.672  1.00 26.01 ? 57  GLU A OE2 1 
ATOM   203  N  N   . PHE A 1 58  ? 10.251  -17.048 -1.013  1.00 22.10 ? 58  PHE A N   1 
ATOM   204  C  CA  . PHE A 1 58  ? 8.832   -16.742 -0.886  1.00 22.40 ? 58  PHE A CA  1 
ATOM   205  C  C   . PHE A 1 58  ? 8.602   -15.961 0.402   1.00 22.38 ? 58  PHE A C   1 
ATOM   206  O  O   . PHE A 1 58  ? 7.805   -15.026 0.443   1.00 22.34 ? 58  PHE A O   1 
ATOM   207  C  CB  . PHE A 1 58  ? 7.999   -18.023 -0.829  1.00 21.57 ? 58  PHE A CB  1 
ATOM   208  C  CG  . PHE A 1 58  ? 6.566   -17.786 -0.435  1.00 22.33 ? 58  PHE A CG  1 
ATOM   209  C  CD1 . PHE A 1 58  ? 5.629   -17.369 -1.373  1.00 22.14 ? 58  PHE A CD1 1 
ATOM   210  C  CD2 . PHE A 1 58  ? 6.161   -17.945 0.885   1.00 22.95 ? 58  PHE A CD2 1 
ATOM   211  C  CE1 . PHE A 1 58  ? 4.315   -17.113 -1.006  1.00 21.52 ? 58  PHE A CE1 1 
ATOM   212  C  CE2 . PHE A 1 58  ? 4.846   -17.690 1.263   1.00 24.35 ? 58  PHE A CE2 1 
ATOM   213  C  CZ  . PHE A 1 58  ? 3.921   -17.273 0.316   1.00 22.04 ? 58  PHE A CZ  1 
ATOM   214  N  N   . GLN A 1 59  ? 9.297   -16.360 1.462   1.00 22.22 ? 59  GLN A N   1 
ATOM   215  C  CA  . GLN A 1 59  ? 9.137   -15.684 2.743   1.00 22.72 ? 59  GLN A CA  1 
ATOM   216  C  C   . GLN A 1 59  ? 9.474   -14.207 2.608   1.00 21.76 ? 59  GLN A C   1 
ATOM   217  O  O   . GLN A 1 59  ? 8.760   -13.350 3.138   1.00 20.19 ? 59  GLN A O   1 
ATOM   218  C  CB  . GLN A 1 59  ? 10.025  -16.333 3.799   1.00 25.27 ? 59  GLN A CB  1 
ATOM   219  C  CG  . GLN A 1 59  ? 9.701   -17.791 4.059   1.00 28.50 ? 59  GLN A CG  1 
ATOM   220  C  CD  . GLN A 1 59  ? 8.246   -18.015 4.417   1.00 30.82 ? 59  GLN A CD  1 
ATOM   221  O  OE1 . GLN A 1 59  ? 7.622   -17.175 5.060   1.00 34.84 ? 59  GLN A OE1 1 
ATOM   222  N  NE2 . GLN A 1 59  ? 7.702   -19.164 4.025   1.00 34.08 ? 59  GLN A NE2 1 
ATOM   223  N  N   . THR A 1 60  ? 10.558  -13.920 1.892   1.00 20.39 ? 60  THR A N   1 
ATOM   224  C  CA  . THR A 1 60  ? 10.993  -12.551 1.658   1.00 21.35 ? 60  THR A CA  1 
ATOM   225  C  C   . THR A 1 60  ? 9.953   -11.776 0.850   1.00 21.52 ? 60  THR A C   1 
ATOM   226  O  O   . THR A 1 60  ? 9.545   -10.679 1.230   1.00 20.73 ? 60  THR A O   1 
ATOM   227  C  CB  . THR A 1 60  ? 12.313  -12.502 0.862   1.00 21.63 ? 60  THR A CB  1 
ATOM   228  O  OG1 . THR A 1 60  ? 13.349  -13.164 1.595   1.00 24.19 ? 60  THR A OG1 1 
ATOM   229  C  CG2 . THR A 1 60  ? 12.723  -11.067 0.616   1.00 20.49 ? 60  THR A CG2 1 
ATOM   230  N  N   . VAL A 1 61  ? 9.532   -12.355 -0.271  1.00 21.49 ? 61  VAL A N   1 
ATOM   231  C  CA  . VAL A 1 61  ? 8.559   -11.709 -1.144  1.00 21.12 ? 61  VAL A CA  1 
ATOM   232  C  C   . VAL A 1 61  ? 7.188   -11.536 -0.498  1.00 20.77 ? 61  VAL A C   1 
ATOM   233  O  O   . VAL A 1 61  ? 6.610   -10.448 -0.548  1.00 20.31 ? 61  VAL A O   1 
ATOM   234  C  CB  . VAL A 1 61  ? 8.383   -12.497 -2.463  1.00 22.31 ? 61  VAL A CB  1 
ATOM   235  C  CG1 . VAL A 1 61  ? 7.302   -11.847 -3.313  1.00 20.44 ? 61  VAL A CG1 1 
ATOM   236  C  CG2 . VAL A 1 61  ? 9.706   -12.547 -3.227  1.00 20.95 ? 61  VAL A CG2 1 
ATOM   237  N  N   . ALA A 1 62  ? 6.672   -12.609 0.101   1.00 20.53 ? 62  ALA A N   1 
ATOM   238  C  CA  . ALA A 1 62  ? 5.354   -12.581 0.740   1.00 21.88 ? 62  ALA A CA  1 
ATOM   239  C  C   . ALA A 1 62  ? 5.244   -11.530 1.840   1.00 21.47 ? 62  ALA A C   1 
ATOM   240  O  O   . ALA A 1 62  ? 4.173   -10.954 2.048   1.00 21.83 ? 62  ALA A O   1 
ATOM   241  C  CB  . ALA A 1 62  ? 5.011   -13.960 1.298   1.00 21.53 ? 62  ALA A CB  1 
ATOM   242  N  N   . GLU A 1 63  ? 6.344   -11.290 2.548   1.00 21.24 ? 63  GLU A N   1 
ATOM   243  C  CA  . GLU A 1 63  ? 6.355   -10.295 3.612   1.00 21.08 ? 63  GLU A CA  1 
ATOM   244  C  C   . GLU A 1 63  ? 6.038   -8.942  2.985   1.00 21.14 ? 63  GLU A C   1 
ATOM   245  O  O   . GLU A 1 63  ? 5.171   -8.210  3.467   1.00 20.09 ? 63  GLU A O   1 
ATOM   246  C  CB  . GLU A 1 63  ? 7.737   -10.250 4.287   1.00 21.87 ? 63  GLU A CB  1 
ATOM   247  C  CG  . GLU A 1 63  ? 7.826   -9.387  5.554   1.00 21.22 ? 63  GLU A CG  1 
ATOM   248  C  CD  . GLU A 1 63  ? 7.823   -7.889  5.282   1.00 19.78 ? 63  GLU A CD  1 
ATOM   249  O  OE1 . GLU A 1 63  ? 8.562   -7.439  4.387   1.00 20.95 ? 63  GLU A OE1 1 
ATOM   250  O  OE2 . GLU A 1 63  ? 7.094   -7.157  5.979   1.00 22.41 ? 63  GLU A OE2 1 
ATOM   251  N  N   . THR A 1 64  ? 6.749   -8.619  1.907   1.00 20.95 ? 64  THR A N   1 
ATOM   252  C  CA  . THR A 1 64  ? 6.547   -7.353  1.222   1.00 20.29 ? 64  THR A CA  1 
ATOM   253  C  C   . THR A 1 64  ? 5.143   -7.273  0.605   1.00 20.63 ? 64  THR A C   1 
ATOM   254  O  O   . THR A 1 64  ? 4.479   -6.237  0.702   1.00 20.35 ? 64  THR A O   1 
ATOM   255  C  CB  . THR A 1 64  ? 7.628   -7.117  0.123   1.00 20.53 ? 64  THR A CB  1 
ATOM   256  O  OG1 . THR A 1 64  ? 7.356   -7.931  -1.020  1.00 20.78 ? 64  THR A OG1 1 
ATOM   257  C  CG2 . THR A 1 64  ? 9.026   -7.462  0.659   1.00 21.71 ? 64  THR A CG2 1 
ATOM   258  N  N   . LEU A 1 65  ? 4.684   -8.358  -0.012  1.00 18.89 ? 65  LEU A N   1 
ATOM   259  C  CA  . LEU A 1 65  ? 3.351   -8.353  -0.619  1.00 18.28 ? 65  LEU A CA  1 
ATOM   260  C  C   . LEU A 1 65  ? 2.223   -8.127  0.390   1.00 18.87 ? 65  LEU A C   1 
ATOM   261  O  O   . LEU A 1 65  ? 1.366   -7.272  0.177   1.00 19.45 ? 65  LEU A O   1 
ATOM   262  C  CB  . LEU A 1 65  ? 3.102   -9.655  -1.387  1.00 17.62 ? 65  LEU A CB  1 
ATOM   263  C  CG  . LEU A 1 65  ? 3.790   -9.746  -2.752  1.00 15.88 ? 65  LEU A CG  1 
ATOM   264  C  CD1 . LEU A 1 65  ? 3.688   -11.156 -3.301  1.00 16.13 ? 65  LEU A CD1 1 
ATOM   265  C  CD2 . LEU A 1 65  ? 3.142   -8.751  -3.701  1.00 17.46 ? 65  LEU A CD2 1 
ATOM   266  N  N   . GLN A 1 66  ? 2.206   -8.890  1.479   1.00 18.70 ? 66  GLN A N   1 
ATOM   267  C  CA  . GLN A 1 66  ? 1.154   -8.719  2.478   1.00 19.30 ? 66  GLN A CA  1 
ATOM   268  C  C   . GLN A 1 66  ? 1.237   -7.328  3.111   1.00 18.62 ? 66  GLN A C   1 
ATOM   269  O  O   . GLN A 1 66  ? 0.206   -6.680  3.321   1.00 18.61 ? 66  GLN A O   1 
ATOM   270  C  CB  . GLN A 1 66  ? 1.247   -9.811  3.558   1.00 21.21 ? 66  GLN A CB  1 
ATOM   271  C  CG  . GLN A 1 66  ? 0.220   -9.684  4.708   1.00 24.49 ? 66  GLN A CG  1 
ATOM   272  C  CD  . GLN A 1 66  ? -1.240  -9.648  4.235   1.00 26.80 ? 66  GLN A CD  1 
ATOM   273  O  OE1 . GLN A 1 66  ? -1.744  -10.601 3.634   1.00 28.66 ? 66  GLN A OE1 1 
ATOM   274  N  NE2 . GLN A 1 66  ? -1.922  -8.544  4.522   1.00 28.23 ? 66  GLN A NE2 1 
ATOM   275  N  N   . ARG A 1 67  ? 2.452   -6.863  3.406   1.00 18.32 ? 67  ARG A N   1 
ATOM   276  C  CA  . ARG A 1 67  ? 2.627   -5.539  4.004   1.00 17.74 ? 67  ARG A CA  1 
ATOM   277  C  C   . ARG A 1 67  ? 2.111   -4.439  3.073   1.00 18.37 ? 67  ARG A C   1 
ATOM   278  O  O   . ARG A 1 67  ? 1.358   -3.548  3.493   1.00 16.57 ? 67  ARG A O   1 
ATOM   279  C  CB  . ARG A 1 67  ? 4.108   -5.287  4.348   1.00 19.22 ? 67  ARG A CB  1 
ATOM   280  C  CG  . ARG A 1 67  ? 4.434   -3.831  4.669   1.00 19.83 ? 67  ARG A CG  1 
ATOM   281  C  CD  . ARG A 1 67  ? 5.730   -3.697  5.482   1.00 21.20 ? 67  ARG A CD  1 
ATOM   282  N  NE  . ARG A 1 67  ? 6.858   -4.388  4.858   1.00 21.45 ? 67  ARG A NE  1 
ATOM   283  C  CZ  . ARG A 1 67  ? 7.363   -4.069  3.671   1.00 23.49 ? 67  ARG A CZ  1 
ATOM   284  N  NH1 . ARG A 1 67  ? 6.843   -3.062  2.969   1.00 22.72 ? 67  ARG A NH1 1 
ATOM   285  N  NH2 . ARG A 1 67  ? 8.383   -4.757  3.184   1.00 23.14 ? 67  ARG A NH2 1 
ATOM   286  N  N   . ASN A 1 68  ? 2.516   -4.503  1.809   1.00 16.50 ? 68  ASN A N   1 
ATOM   287  C  CA  . ASN A 1 68  ? 2.079   -3.520  0.831   1.00 18.42 ? 68  ASN A CA  1 
ATOM   288  C  C   . ASN A 1 68  ? 0.581   -3.597  0.545   1.00 17.21 ? 68  ASN A C   1 
ATOM   289  O  O   . ASN A 1 68  ? -0.056  -2.577  0.282   1.00 17.42 ? 68  ASN A O   1 
ATOM   290  C  CB  . ASN A 1 68  ? 2.878   -3.676  -0.464  1.00 18.28 ? 68  ASN A CB  1 
ATOM   291  C  CG  . ASN A 1 68  ? 4.304   -3.196  -0.312  1.00 18.63 ? 68  ASN A CG  1 
ATOM   292  O  OD1 . ASN A 1 68  ? 4.538   -2.109  0.200   1.00 19.20 ? 68  ASN A OD1 1 
ATOM   293  N  ND2 . ASN A 1 68  ? 5.261   -3.999  -0.758  1.00 18.21 ? 68  ASN A ND2 1 
ATOM   294  N  N   . LEU A 1 69  ? 0.019   -4.799  0.597   1.00 17.90 ? 69  LEU A N   1 
ATOM   295  C  CA  . LEU A 1 69  ? -1.414  -4.961  0.360   1.00 17.61 ? 69  LEU A CA  1 
ATOM   296  C  C   . LEU A 1 69  ? -2.184  -4.206  1.447   1.00 18.35 ? 69  LEU A C   1 
ATOM   297  O  O   . LEU A 1 69  ? -3.053  -3.389  1.146   1.00 16.02 ? 69  LEU A O   1 
ATOM   298  C  CB  . LEU A 1 69  ? -1.809  -6.447  0.382   1.00 18.93 ? 69  LEU A CB  1 
ATOM   299  C  CG  . LEU A 1 69  ? -3.305  -6.748  0.204   1.00 19.73 ? 69  LEU A CG  1 
ATOM   300  C  CD1 . LEU A 1 69  ? -3.834  -6.102  -1.074  1.00 17.72 ? 69  LEU A CD1 1 
ATOM   301  C  CD2 . LEU A 1 69  ? -3.521  -8.251  0.173   1.00 19.00 ? 69  LEU A CD2 1 
ATOM   302  N  N   . ALA A 1 70  ? -1.850  -4.474  2.708   1.00 17.69 ? 70  ALA A N   1 
ATOM   303  C  CA  . ALA A 1 70  ? -2.508  -3.813  3.828   1.00 18.11 ? 70  ALA A CA  1 
ATOM   304  C  C   . ALA A 1 70  ? -2.347  -2.299  3.714   1.00 18.33 ? 70  ALA A C   1 
ATOM   305  O  O   . ALA A 1 70  ? -3.282  -1.535  3.967   1.00 18.93 ? 70  ALA A O   1 
ATOM   306  C  CB  . ALA A 1 70  ? -1.919  -4.302  5.148   1.00 18.25 ? 70  ALA A CB  1 
ATOM   307  N  N   . THR A 1 71  ? -1.152  -1.873  3.325   1.00 17.95 ? 71  THR A N   1 
ATOM   308  C  CA  . THR A 1 71  ? -0.863  -0.456  3.185   1.00 18.60 ? 71  THR A CA  1 
ATOM   309  C  C   . THR A 1 71  ? -1.716  0.212   2.104   1.00 17.68 ? 71  THR A C   1 
ATOM   310  O  O   . THR A 1 71  ? -2.296  1.271   2.331   1.00 17.19 ? 71  THR A O   1 
ATOM   311  C  CB  . THR A 1 71  ? 0.629   -0.235  2.868   1.00 18.45 ? 71  THR A CB  1 
ATOM   312  O  OG1 . THR A 1 71  ? 1.425   -0.824  3.907   1.00 20.30 ? 71  THR A OG1 1 
ATOM   313  C  CG2 . THR A 1 71  ? 0.941   1.248   2.783   1.00 19.21 ? 71  THR A CG2 1 
ATOM   314  N  N   . THR A 1 72  ? -1.796  -0.409  0.933   1.00 18.21 ? 72  THR A N   1 
ATOM   315  C  CA  . THR A 1 72  ? -2.580  0.157   -0.164  1.00 17.71 ? 72  THR A CA  1 
ATOM   316  C  C   . THR A 1 72  ? -4.042  0.312   0.256   1.00 16.96 ? 72  THR A C   1 
ATOM   317  O  O   . THR A 1 72  ? -4.608  1.397   0.151   1.00 17.37 ? 72  THR A O   1 
ATOM   318  C  CB  . THR A 1 72  ? -2.489  -0.728  -1.423  1.00 18.51 ? 72  THR A CB  1 
ATOM   319  O  OG1 . THR A 1 72  ? -1.114  -0.872  -1.799  1.00 17.24 ? 72  THR A OG1 1 
ATOM   320  C  CG2 . THR A 1 72  ? -3.259  -0.093  -2.587  1.00 18.07 ? 72  THR A CG2 1 
ATOM   321  N  N   . ILE A 1 73  ? -4.648  -0.771  0.737   1.00 16.22 ? 73  ILE A N   1 
ATOM   322  C  CA  . ILE A 1 73  ? -6.041  -0.716  1.187   1.00 15.65 ? 73  ILE A CA  1 
ATOM   323  C  C   . ILE A 1 73  ? -6.215  0.387   2.236   1.00 15.46 ? 73  ILE A C   1 
ATOM   324  O  O   . ILE A 1 73  ? -7.193  1.138   2.209   1.00 13.98 ? 73  ILE A O   1 
ATOM   325  C  CB  . ILE A 1 73  ? -6.480  -2.064  1.809   1.00 16.78 ? 73  ILE A CB  1 
ATOM   326  C  CG1 . ILE A 1 73  ? -6.405  -3.164  0.751   1.00 17.62 ? 73  ILE A CG1 1 
ATOM   327  C  CG2 . ILE A 1 73  ? -7.899  -1.957  2.368   1.00 17.24 ? 73  ILE A CG2 1 
ATOM   328  C  CD1 . ILE A 1 73  ? -6.663  -4.539  1.284   1.00 17.99 ? 73  ILE A CD1 1 
ATOM   329  N  N   . SER A 1 74  ? -5.256  0.486   3.156   1.00 15.67 ? 74  SER A N   1 
ATOM   330  C  CA  . SER A 1 74  ? -5.321  1.498   4.194   1.00 17.05 ? 74  SER A CA  1 
ATOM   331  C  C   . SER A 1 74  ? -5.208  2.908   3.608   1.00 17.61 ? 74  SER A C   1 
ATOM   332  O  O   . SER A 1 74  ? -5.834  3.843   4.109   1.00 17.85 ? 74  SER A O   1 
ATOM   333  C  CB  . SER A 1 74  ? -4.235  1.250   5.253   1.00 17.25 ? 74  SER A CB  1 
ATOM   334  O  OG  . SER A 1 74  ? -4.490  0.044   5.973   1.00 18.18 ? 74  SER A OG  1 
ATOM   335  N  N   . LEU A 1 75  ? -4.420  3.063   2.546   1.00 18.11 ? 75  LEU A N   1 
ATOM   336  C  CA  . LEU A 1 75  ? -4.277  4.373   1.905   1.00 18.51 ? 75  LEU A CA  1 
ATOM   337  C  C   . LEU A 1 75  ? -5.601  4.750   1.263   1.00 16.74 ? 75  LEU A C   1 
ATOM   338  O  O   . LEU A 1 75  ? -6.016  5.908   1.304   1.00 17.08 ? 75  LEU A O   1 
ATOM   339  C  CB  . LEU A 1 75  ? -3.170  4.347   0.842   1.00 19.23 ? 75  LEU A CB  1 
ATOM   340  C  CG  . LEU A 1 75  ? -1.742  4.565   1.346   1.00 21.52 ? 75  LEU A CG  1 
ATOM   341  C  CD1 . LEU A 1 75  ? -0.757  4.225   0.237   1.00 20.86 ? 75  LEU A CD1 1 
ATOM   342  C  CD2 . LEU A 1 75  ? -1.554  6.014   1.810   1.00 20.87 ? 75  LEU A CD2 1 
ATOM   343  N  N   . TYR A 1 76  ? -6.262  3.766   0.665   1.00 16.12 ? 76  TYR A N   1 
ATOM   344  C  CA  . TYR A 1 76  ? -7.556  3.995   0.042   1.00 15.90 ? 76  TYR A CA  1 
ATOM   345  C  C   . TYR A 1 76  ? -8.531  4.529   1.100   1.00 15.97 ? 76  TYR A C   1 
ATOM   346  O  O   . TYR A 1 76  ? -9.166  5.566   0.910   1.00 15.98 ? 76  TYR A O   1 
ATOM   347  C  CB  . TYR A 1 76  ? -8.085  2.689   -0.558  1.00 16.36 ? 76  TYR A CB  1 
ATOM   348  C  CG  . TYR A 1 76  ? -9.600  2.624   -0.648  1.00 18.27 ? 76  TYR A CG  1 
ATOM   349  C  CD1 . TYR A 1 76  ? -10.309 3.465   -1.506  1.00 17.23 ? 76  TYR A CD1 1 
ATOM   350  C  CD2 . TYR A 1 76  ? -10.320 1.739   0.151   1.00 16.29 ? 76  TYR A CD2 1 
ATOM   351  C  CE1 . TYR A 1 76  ? -11.713 3.422   -1.561  1.00 17.74 ? 76  TYR A CE1 1 
ATOM   352  C  CE2 . TYR A 1 76  ? -11.707 1.690   0.108   1.00 19.17 ? 76  TYR A CE2 1 
ATOM   353  C  CZ  . TYR A 1 76  ? -12.400 2.530   -0.746  1.00 18.91 ? 76  TYR A CZ  1 
ATOM   354  O  OH  . TYR A 1 76  ? -13.774 2.477   -0.757  1.00 19.68 ? 76  TYR A OH  1 
ATOM   355  N  N   . LEU A 1 77  ? -8.629  3.814   2.219   1.00 16.59 ? 77  LEU A N   1 
ATOM   356  C  CA  . LEU A 1 77  ? -9.510  4.206   3.313   1.00 16.93 ? 77  LEU A CA  1 
ATOM   357  C  C   . LEU A 1 77  ? -9.149  5.579   3.872   1.00 17.13 ? 77  LEU A C   1 
ATOM   358  O  O   . LEU A 1 77  ? -10.030 6.378   4.182   1.00 17.89 ? 77  LEU A O   1 
ATOM   359  C  CB  . LEU A 1 77  ? -9.440  3.182   4.455   1.00 17.03 ? 77  LEU A CB  1 
ATOM   360  C  CG  . LEU A 1 77  ? -9.981  1.773   4.199   1.00 18.20 ? 77  LEU A CG  1 
ATOM   361  C  CD1 . LEU A 1 77  ? -9.456  0.830   5.275   1.00 17.43 ? 77  LEU A CD1 1 
ATOM   362  C  CD2 . LEU A 1 77  ? -11.507 1.803   4.169   1.00 15.87 ? 77  LEU A CD2 1 
ATOM   363  N  N   . LYS A 1 78  ? -7.852  5.842   4.006   1.00 17.26 ? 78  LYS A N   1 
ATOM   364  C  CA  . LYS A 1 78  ? -7.375  7.110   4.545   1.00 17.55 ? 78  LYS A CA  1 
ATOM   365  C  C   . LYS A 1 78  ? -7.686  8.263   3.594   1.00 17.36 ? 78  LYS A C   1 
ATOM   366  O  O   . LYS A 1 78  ? -8.187  9.310   4.019   1.00 16.97 ? 78  LYS A O   1 
ATOM   367  C  CB  . LYS A 1 78  ? -5.870  7.022   4.824   1.00 19.03 ? 78  LYS A CB  1 
ATOM   368  C  CG  . LYS A 1 78  ? -5.278  8.234   5.552   1.00 20.21 ? 78  LYS A CG  1 
ATOM   369  C  CD  . LYS A 1 78  ? -3.879  7.922   6.088   1.00 20.06 ? 78  LYS A CD  1 
ATOM   370  C  CE  . LYS A 1 78  ? -3.364  9.031   6.993   1.00 19.57 ? 78  LYS A CE  1 
ATOM   371  N  NZ  . LYS A 1 78  ? -2.168  8.588   7.766   1.00 19.29 ? 78  LYS A NZ  1 
ATOM   372  N  N   . PHE A 1 79  ? -7.383  8.075   2.309   1.00 16.32 ? 79  PHE A N   1 
ATOM   373  C  CA  . PHE A 1 79  ? -7.669  9.098   1.312   1.00 16.05 ? 79  PHE A CA  1 
ATOM   374  C  C   . PHE A 1 79  ? -9.170  9.375   1.359   1.00 15.19 ? 79  PHE A C   1 
ATOM   375  O  O   . PHE A 1 79  ? -9.601  10.521  1.275   1.00 15.22 ? 79  PHE A O   1 
ATOM   376  C  CB  . PHE A 1 79  ? -7.273  8.619   -0.094  1.00 16.62 ? 79  PHE A CB  1 
ATOM   377  C  CG  . PHE A 1 79  ? -5.826  8.850   -0.441  1.00 15.90 ? 79  PHE A CG  1 
ATOM   378  C  CD1 . PHE A 1 79  ? -5.041  7.815   -0.944  1.00 16.89 ? 79  PHE A CD1 1 
ATOM   379  C  CD2 . PHE A 1 79  ? -5.252  10.109  -0.297  1.00 17.20 ? 79  PHE A CD2 1 
ATOM   380  C  CE1 . PHE A 1 79  ? -3.705  8.037   -1.297  1.00 15.77 ? 79  PHE A CE1 1 
ATOM   381  C  CE2 . PHE A 1 79  ? -3.925  10.343  -0.646  1.00 15.17 ? 79  PHE A CE2 1 
ATOM   382  C  CZ  . PHE A 1 79  ? -3.148  9.309   -1.148  1.00 14.70 ? 79  PHE A CZ  1 
ATOM   383  N  N   . LYS A 1 80  ? -9.967  8.321   1.510   1.00 16.40 ? 80  LYS A N   1 
ATOM   384  C  CA  . LYS A 1 80  ? -11.414 8.499   1.566   1.00 16.94 ? 80  LYS A CA  1 
ATOM   385  C  C   . LYS A 1 80  ? -11.844 9.300   2.793   1.00 18.00 ? 80  LYS A C   1 
ATOM   386  O  O   . LYS A 1 80  ? -12.607 10.259  2.686   1.00 18.65 ? 80  LYS A O   1 
ATOM   387  C  CB  . LYS A 1 80  ? -12.124 7.145   1.538   1.00 16.39 ? 80  LYS A CB  1 
ATOM   388  C  CG  . LYS A 1 80  ? -12.391 6.630   0.118   1.00 17.53 ? 80  LYS A CG  1 
ATOM   389  C  CD  . LYS A 1 80  ? -13.213 7.651   -0.687  1.00 17.40 ? 80  LYS A CD  1 
ATOM   390  C  CE  . LYS A 1 80  ? -13.492 7.190   -2.122  1.00 18.08 ? 80  LYS A CE  1 
ATOM   391  N  NZ  . LYS A 1 80  ? -14.268 8.213   -2.901  1.00 16.92 ? 80  LYS A NZ  1 
ATOM   392  N  N   . LYS A 1 81  ? -11.343 8.908   3.956   1.00 18.80 ? 81  LYS A N   1 
ATOM   393  C  CA  . LYS A 1 81  ? -11.669 9.593   5.201   1.00 19.05 ? 81  LYS A CA  1 
ATOM   394  C  C   . LYS A 1 81  ? -11.407 11.105  5.088   1.00 17.70 ? 81  LYS A C   1 
ATOM   395  O  O   . LYS A 1 81  ? -12.264 11.926  5.417   1.00 16.72 ? 81  LYS A O   1 
ATOM   396  C  CB  . LYS A 1 81  ? -10.827 8.988   6.334   1.00 20.44 ? 81  LYS A CB  1 
ATOM   397  C  CG  . LYS A 1 81  ? -11.026 9.610   7.700   1.00 20.70 ? 81  LYS A CG  1 
ATOM   398  C  CD  . LYS A 1 81  ? -12.402 9.344   8.238   1.00 19.06 ? 81  LYS A CD  1 
ATOM   399  C  CE  . LYS A 1 81  ? -12.514 9.846   9.668   1.00 19.23 ? 81  LYS A CE  1 
ATOM   400  N  NZ  . LYS A 1 81  ? -13.917 10.189  10.011  1.00 18.72 ? 81  LYS A NZ  1 
ATOM   401  N  N   . TYR A 1 82  ? -10.217 11.473  4.620   1.00 18.04 ? 82  TYR A N   1 
ATOM   402  C  CA  . TYR A 1 82  ? -9.875  12.886  4.479   1.00 17.31 ? 82  TYR A CA  1 
ATOM   403  C  C   . TYR A 1 82  ? -10.711 13.527  3.389   1.00 17.44 ? 82  TYR A C   1 
ATOM   404  O  O   . TYR A 1 82  ? -11.064 14.706  3.462   1.00 17.62 ? 82  TYR A O   1 
ATOM   405  C  CB  . TYR A 1 82  ? -8.388  13.039  4.188   1.00 18.26 ? 82  TYR A CB  1 
ATOM   406  C  CG  . TYR A 1 82  ? -7.537  12.894  5.431   1.00 17.64 ? 82  TYR A CG  1 
ATOM   407  C  CD1 . TYR A 1 82  ? -6.165  12.663  5.339   1.00 19.13 ? 82  TYR A CD1 1 
ATOM   408  C  CD2 . TYR A 1 82  ? -8.107  13.006  6.702   1.00 17.20 ? 82  TYR A CD2 1 
ATOM   409  C  CE1 . TYR A 1 82  ? -5.376  12.548  6.483   1.00 19.07 ? 82  TYR A CE1 1 
ATOM   410  C  CE2 . TYR A 1 82  ? -7.326  12.890  7.855   1.00 19.04 ? 82  TYR A CE2 1 
ATOM   411  C  CZ  . TYR A 1 82  ? -5.964  12.662  7.736   1.00 18.51 ? 82  TYR A CZ  1 
ATOM   412  O  OH  . TYR A 1 82  ? -5.184  12.562  8.865   1.00 19.88 ? 82  TYR A OH  1 
ATOM   413  N  N   . HIS A 1 83  ? -11.021 12.721  2.386   1.00 15.73 ? 83  HIS A N   1 
ATOM   414  C  CA  . HIS A 1 83  ? -11.848 13.126  1.268   1.00 16.19 ? 83  HIS A CA  1 
ATOM   415  C  C   . HIS A 1 83  ? -13.195 13.570  1.843   1.00 15.81 ? 83  HIS A C   1 
ATOM   416  O  O   . HIS A 1 83  ? -13.684 14.649  1.520   1.00 16.96 ? 83  HIS A O   1 
ATOM   417  C  CB  . HIS A 1 83  ? -12.020 11.918  0.327   1.00 15.84 ? 83  HIS A CB  1 
ATOM   418  C  CG  . HIS A 1 83  ? -13.035 12.100  -0.758  1.00 15.99 ? 83  HIS A CG  1 
ATOM   419  N  ND1 . HIS A 1 83  ? -12.799 12.859  -1.885  1.00 16.35 ? 83  HIS A ND1 1 
ATOM   420  C  CD2 . HIS A 1 83  ? -14.257 11.541  -0.933  1.00 15.36 ? 83  HIS A CD2 1 
ATOM   421  C  CE1 . HIS A 1 83  ? -13.826 12.752  -2.709  1.00 14.66 ? 83  HIS A CE1 1 
ATOM   422  N  NE2 . HIS A 1 83  ? -14.724 11.958  -2.156  1.00 15.05 ? 83  HIS A NE2 1 
ATOM   423  N  N   . TRP A 1 84  ? -13.774 12.743  2.708   1.00 15.70 ? 84  TRP A N   1 
ATOM   424  C  CA  . TRP A 1 84  ? -15.067 13.042  3.317   1.00 15.83 ? 84  TRP A CA  1 
ATOM   425  C  C   . TRP A 1 84  ? -15.063 14.118  4.405   1.00 17.00 ? 84  TRP A C   1 
ATOM   426  O  O   . TRP A 1 84  ? -16.033 14.862  4.527   1.00 18.47 ? 84  TRP A O   1 
ATOM   427  C  CB  . TRP A 1 84  ? -15.705 11.771  3.903   1.00 15.64 ? 84  TRP A CB  1 
ATOM   428  C  CG  . TRP A 1 84  ? -15.976 10.662  2.906   1.00 16.52 ? 84  TRP A CG  1 
ATOM   429  C  CD1 . TRP A 1 84  ? -16.506 10.792  1.651   1.00 15.30 ? 84  TRP A CD1 1 
ATOM   430  C  CD2 . TRP A 1 84  ? -15.759 9.256   3.103   1.00 14.98 ? 84  TRP A CD2 1 
ATOM   431  N  NE1 . TRP A 1 84  ? -16.627 9.556   1.057   1.00 14.89 ? 84  TRP A NE1 1 
ATOM   432  C  CE2 . TRP A 1 84  ? -16.175 8.598   1.924   1.00 14.74 ? 84  TRP A CE2 1 
ATOM   433  C  CE3 . TRP A 1 84  ? -15.249 8.492   4.159   1.00 15.94 ? 84  TRP A CE3 1 
ATOM   434  C  CZ2 . TRP A 1 84  ? -16.103 7.211   1.774   1.00 14.46 ? 84  TRP A CZ2 1 
ATOM   435  C  CZ3 . TRP A 1 84  ? -15.177 7.106   4.011   1.00 14.84 ? 84  TRP A CZ3 1 
ATOM   436  C  CH2 . TRP A 1 84  ? -15.600 6.482   2.826   1.00 16.80 ? 84  TRP A CH2 1 
ATOM   437  N  N   . ASP A 1 85  ? -13.987 14.212  5.187   1.00 17.85 ? 85  ASP A N   1 
ATOM   438  C  CA  . ASP A 1 85  ? -13.929 15.184  6.286   1.00 18.70 ? 85  ASP A CA  1 
ATOM   439  C  C   . ASP A 1 85  ? -13.347 16.573  6.009   1.00 19.96 ? 85  ASP A C   1 
ATOM   440  O  O   . ASP A 1 85  ? -13.535 17.485  6.813   1.00 19.41 ? 85  ASP A O   1 
ATOM   441  C  CB  . ASP A 1 85  ? -13.165 14.598  7.481   1.00 20.29 ? 85  ASP A CB  1 
ATOM   442  C  CG  . ASP A 1 85  ? -13.947 13.523  8.222   1.00 20.25 ? 85  ASP A CG  1 
ATOM   443  O  OD1 . ASP A 1 85  ? -15.196 13.510  8.141   1.00 20.29 ? 85  ASP A OD1 1 
ATOM   444  O  OD2 . ASP A 1 85  ? -13.300 12.698  8.906   1.00 22.78 ? 85  ASP A OD2 1 
ATOM   445  N  N   . ILE A 1 86  ? -12.648 16.756  4.895   1.00 18.69 ? 86  ILE A N   1 
ATOM   446  C  CA  . ILE A 1 86  ? -12.054 18.063  4.626   1.00 19.00 ? 86  ILE A CA  1 
ATOM   447  C  C   . ILE A 1 86  ? -13.072 19.204  4.503   1.00 18.70 ? 86  ILE A C   1 
ATOM   448  O  O   . ILE A 1 86  ? -14.157 19.035  3.952   1.00 19.18 ? 86  ILE A O   1 
ATOM   449  C  CB  . ILE A 1 86  ? -11.203 18.036  3.332   1.00 18.79 ? 86  ILE A CB  1 
ATOM   450  C  CG1 . ILE A 1 86  ? -10.550 19.406  3.090   1.00 19.45 ? 86  ILE A CG1 1 
ATOM   451  C  CG2 . ILE A 1 86  ? -12.083 17.672  2.142   1.00 18.55 ? 86  ILE A CG2 1 
ATOM   452  C  CD1 . ILE A 1 86  ? -9.432  19.767  4.066   1.00 17.41 ? 86  ILE A CD1 1 
ATOM   453  N  N   . ARG A 1 87  ? -12.713 20.363  5.046   1.00 18.05 ? 87  ARG A N   1 
ATOM   454  C  CA  . ARG A 1 87  ? -13.546 21.562  4.951   1.00 18.01 ? 87  ARG A CA  1 
ATOM   455  C  C   . ARG A 1 87  ? -12.600 22.741  4.782   1.00 16.97 ? 87  ARG A C   1 
ATOM   456  O  O   . ARG A 1 87  ? -11.385 22.590  4.923   1.00 16.93 ? 87  ARG A O   1 
ATOM   457  C  CB  . ARG A 1 87  ? -14.417 21.741  6.198   1.00 17.56 ? 87  ARG A CB  1 
ATOM   458  C  CG  . ARG A 1 87  ? -15.594 20.768  6.286   1.00 16.30 ? 87  ARG A CG  1 
ATOM   459  C  CD  . ARG A 1 87  ? -16.419 21.001  7.563   1.00 16.60 ? 87  ARG A CD  1 
ATOM   460  N  NE  . ARG A 1 87  ? -17.227 22.221  7.494   1.00 15.37 ? 87  ARG A NE  1 
ATOM   461  C  CZ  . ARG A 1 87  ? -18.427 22.292  6.920   1.00 17.64 ? 87  ARG A CZ  1 
ATOM   462  N  NH1 . ARG A 1 87  ? -18.962 21.209  6.367   1.00 18.46 ? 87  ARG A NH1 1 
ATOM   463  N  NH2 . ARG A 1 87  ? -19.097 23.441  6.900   1.00 14.13 ? 87  ARG A NH2 1 
ATOM   464  N  N   . GLY A 1 88  ? -13.145 23.911  4.467   1.00 18.08 ? 88  GLY A N   1 
ATOM   465  C  CA  . GLY A 1 88  ? -12.304 25.079  4.271   1.00 17.35 ? 88  GLY A CA  1 
ATOM   466  C  C   . GLY A 1 88  ? -12.209 25.467  2.808   1.00 17.52 ? 88  GLY A C   1 
ATOM   467  O  O   . GLY A 1 88  ? -12.736 24.766  1.940   1.00 17.39 ? 88  GLY A O   1 
ATOM   468  N  N   . ARG A 1 89  ? -11.505 26.566  2.532   1.00 16.99 ? 89  ARG A N   1 
ATOM   469  C  CA  . ARG A 1 89  ? -11.354 27.083  1.178   1.00 17.25 ? 89  ARG A CA  1 
ATOM   470  C  C   . ARG A 1 89  ? -10.599 26.176  0.199   1.00 17.98 ? 89  ARG A C   1 
ATOM   471  O  O   . ARG A 1 89  ? -10.584 26.434  -1.005  1.00 16.19 ? 89  ARG A O   1 
ATOM   472  C  CB  . ARG A 1 89  ? -10.713 28.481  1.218   1.00 16.72 ? 89  ARG A CB  1 
ATOM   473  C  CG  . ARG A 1 89  ? -9.297  28.528  1.786   1.00 17.92 ? 89  ARG A CG  1 
ATOM   474  C  CD  . ARG A 1 89  ? -9.009  29.902  2.404   1.00 17.13 ? 89  ARG A CD  1 
ATOM   475  N  NE  . ARG A 1 89  ? -7.591  30.124  2.681   1.00 17.28 ? 89  ARG A NE  1 
ATOM   476  C  CZ  . ARG A 1 89  ? -6.902  29.549  3.665   1.00 19.90 ? 89  ARG A CZ  1 
ATOM   477  N  NH1 . ARG A 1 89  ? -5.615  29.828  3.815   1.00 21.03 ? 89  ARG A NH1 1 
ATOM   478  N  NH2 . ARG A 1 89  ? -7.490  28.709  4.509   1.00 17.84 ? 89  ARG A NH2 1 
ATOM   479  N  N   . PHE A 1 90  ? -9.967  25.127  0.708   1.00 18.44 ? 90  PHE A N   1 
ATOM   480  C  CA  . PHE A 1 90  ? -9.263  24.209  -0.174  1.00 19.17 ? 90  PHE A CA  1 
ATOM   481  C  C   . PHE A 1 90  ? -9.989  22.878  -0.272  1.00 18.46 ? 90  PHE A C   1 
ATOM   482  O  O   . PHE A 1 90  ? -9.388  21.848  -0.609  1.00 18.66 ? 90  PHE A O   1 
ATOM   483  C  CB  . PHE A 1 90  ? -7.830  24.004  0.302   1.00 20.18 ? 90  PHE A CB  1 
ATOM   484  C  CG  . PHE A 1 90  ? -7.002  25.252  0.264   1.00 22.38 ? 90  PHE A CG  1 
ATOM   485  C  CD1 . PHE A 1 90  ? -6.714  25.952  1.432   1.00 22.30 ? 90  PHE A CD1 1 
ATOM   486  C  CD2 . PHE A 1 90  ? -6.544  25.749  -0.953  1.00 22.31 ? 90  PHE A CD2 1 
ATOM   487  C  CE1 . PHE A 1 90  ? -5.981  27.135  1.384   1.00 23.36 ? 90  PHE A CE1 1 
ATOM   488  C  CE2 . PHE A 1 90  ? -5.815  26.928  -1.014  1.00 23.12 ? 90  PHE A CE2 1 
ATOM   489  C  CZ  . PHE A 1 90  ? -5.533  27.624  0.160   1.00 23.44 ? 90  PHE A CZ  1 
ATOM   490  N  N   . PHE A 1 91  ? -11.286 22.913  0.017   1.00 17.88 ? 91  PHE A N   1 
ATOM   491  C  CA  . PHE A 1 91  ? -12.109 21.715  -0.039  1.00 17.00 ? 91  PHE A CA  1 
ATOM   492  C  C   . PHE A 1 91  ? -12.048 21.062  -1.410  1.00 16.74 ? 91  PHE A C   1 
ATOM   493  O  O   . PHE A 1 91  ? -11.772 19.875  -1.518  1.00 16.19 ? 91  PHE A O   1 
ATOM   494  C  CB  . PHE A 1 91  ? -13.580 22.026  0.263   1.00 17.11 ? 91  PHE A CB  1 
ATOM   495  C  CG  . PHE A 1 91  ? -14.499 20.860  0.044   1.00 15.55 ? 91  PHE A CG  1 
ATOM   496  C  CD1 . PHE A 1 91  ? -14.696 19.915  1.041   1.00 15.64 ? 91  PHE A CD1 1 
ATOM   497  C  CD2 . PHE A 1 91  ? -15.151 20.702  -1.175  1.00 15.86 ? 91  PHE A CD2 1 
ATOM   498  C  CE1 . PHE A 1 91  ? -15.536 18.824  0.830   1.00 17.33 ? 91  PHE A CE1 1 
ATOM   499  C  CE2 . PHE A 1 91  ? -15.991 19.621  -1.407  1.00 15.94 ? 91  PHE A CE2 1 
ATOM   500  C  CZ  . PHE A 1 91  ? -16.187 18.680  -0.406  1.00 15.00 ? 91  PHE A CZ  1 
ATOM   501  N  N   . ARG A 1 92  ? -12.324 21.830  -2.459  1.00 16.93 ? 92  ARG A N   1 
ATOM   502  C  CA  . ARG A 1 92  ? -12.334 21.252  -3.808  1.00 17.90 ? 92  ARG A CA  1 
ATOM   503  C  C   . ARG A 1 92  ? -10.966 20.667  -4.217  1.00 18.43 ? 92  ARG A C   1 
ATOM   504  O  O   . ARG A 1 92  ? -10.885 19.550  -4.733  1.00 18.61 ? 92  ARG A O   1 
ATOM   505  C  CB  . ARG A 1 92  ? -12.790 22.300  -4.836  1.00 18.00 ? 92  ARG A CB  1 
ATOM   506  C  CG  . ARG A 1 92  ? -14.260 22.734  -4.721  0.50 17.04 ? 92  ARG A CG  1 
ATOM   507  C  CD  . ARG A 1 92  ? -15.238 21.588  -4.998  0.50 17.12 ? 92  ARG A CD  1 
ATOM   508  N  NE  . ARG A 1 92  ? -15.331 21.294  -6.426  0.50 18.38 ? 92  ARG A NE  1 
ATOM   509  C  CZ  . ARG A 1 92  ? -16.137 20.383  -6.970  0.50 16.94 ? 92  ARG A CZ  1 
ATOM   510  N  NH1 . ARG A 1 92  ? -16.945 19.647  -6.210  0.50 16.25 ? 92  ARG A NH1 1 
ATOM   511  N  NH2 . ARG A 1 92  ? -16.140 20.214  -8.288  0.50 16.17 ? 92  ARG A NH2 1 
ATOM   512  N  N   . ASP A 1 93  ? -9.898  21.415  -3.966  1.00 17.19 ? 93  ASP A N   1 
ATOM   513  C  CA  . ASP A 1 93  ? -8.565  20.944  -4.312  1.00 18.35 ? 93  ASP A CA  1 
ATOM   514  C  C   . ASP A 1 93  ? -8.260  19.554  -3.745  1.00 17.66 ? 93  ASP A C   1 
ATOM   515  O  O   . ASP A 1 93  ? -7.933  18.623  -4.483  1.00 18.50 ? 93  ASP A O   1 
ATOM   516  C  CB  . ASP A 1 93  ? -7.511  21.904  -3.792  1.00 18.82 ? 93  ASP A CB  1 
ATOM   517  C  CG  . ASP A 1 93  ? -7.736  23.304  -4.258  1.00 19.40 ? 93  ASP A CG  1 
ATOM   518  O  OD1 . ASP A 1 93  ? -7.331  23.624  -5.390  1.00 21.31 ? 93  ASP A OD1 1 
ATOM   519  O  OD2 . ASP A 1 93  ? -8.332  24.091  -3.498  1.00 19.12 ? 93  ASP A OD2 1 
ATOM   520  N  N   . LEU A 1 94  ? -8.358  19.417  -2.427  1.00 16.04 ? 94  LEU A N   1 
ATOM   521  C  CA  . LEU A 1 94  ? -8.053  18.150  -1.768  1.00 16.30 ? 94  LEU A CA  1 
ATOM   522  C  C   . LEU A 1 94  ? -9.115  17.057  -1.959  1.00 15.40 ? 94  LEU A C   1 
ATOM   523  O  O   . LEU A 1 94  ? -8.765  15.906  -2.187  1.00 15.57 ? 94  LEU A O   1 
ATOM   524  C  CB  . LEU A 1 94  ? -7.793  18.392  -0.276  1.00 16.37 ? 94  LEU A CB  1 
ATOM   525  C  CG  . LEU A 1 94  ? -6.630  19.347  0.048   1.00 18.87 ? 94  LEU A CG  1 
ATOM   526  C  CD1 . LEU A 1 94  ? -6.543  19.562  1.555   1.00 17.93 ? 94  LEU A CD1 1 
ATOM   527  C  CD2 . LEU A 1 94  ? -5.318  18.779  -0.475  1.00 17.96 ? 94  LEU A CD2 1 
ATOM   528  N  N   . HIS A 1 95  ? -10.394 17.409  -1.885  1.00 15.14 ? 95  HIS A N   1 
ATOM   529  C  CA  . HIS A 1 95  ? -11.467 16.433  -2.064  1.00 15.04 ? 95  HIS A CA  1 
ATOM   530  C  C   . HIS A 1 95  ? -11.325 15.741  -3.423  1.00 14.33 ? 95  HIS A C   1 
ATOM   531  O  O   . HIS A 1 95  ? -11.438 14.525  -3.519  1.00 13.65 ? 95  HIS A O   1 
ATOM   532  C  CB  . HIS A 1 95  ? -12.825 17.141  -1.955  1.00 15.44 ? 95  HIS A CB  1 
ATOM   533  C  CG  . HIS A 1 95  ? -14.010 16.225  -2.032  1.00 16.02 ? 95  HIS A CG  1 
ATOM   534  N  ND1 . HIS A 1 95  ? -14.768 16.077  -3.176  1.00 15.86 ? 95  HIS A ND1 1 
ATOM   535  C  CD2 . HIS A 1 95  ? -14.595 15.439  -1.093  1.00 15.31 ? 95  HIS A CD2 1 
ATOM   536  C  CE1 . HIS A 1 95  ? -15.768 15.246  -2.936  1.00 14.74 ? 95  HIS A CE1 1 
ATOM   537  N  NE2 . HIS A 1 95  ? -15.686 14.844  -1.680  1.00 15.22 ? 95  HIS A NE2 1 
ATOM   538  N  N   . LEU A 1 96  ? -11.065 16.515  -4.472  1.00 15.39 ? 96  LEU A N   1 
ATOM   539  C  CA  . LEU A 1 96  ? -10.924 15.924  -5.797  1.00 15.59 ? 96  LEU A CA  1 
ATOM   540  C  C   . LEU A 1 96  ? -9.582  15.226  -5.961  1.00 15.24 ? 96  LEU A C   1 
ATOM   541  O  O   . LEU A 1 96  ? -9.507  14.138  -6.536  1.00 13.62 ? 96  LEU A O   1 
ATOM   542  C  CB  . LEU A 1 96  ? -11.093 16.978  -6.903  1.00 17.92 ? 96  LEU A CB  1 
ATOM   543  C  CG  . LEU A 1 96  ? -12.487 17.586  -7.086  1.00 19.68 ? 96  LEU A CG  1 
ATOM   544  C  CD1 . LEU A 1 96  ? -12.506 18.454  -8.329  1.00 21.28 ? 96  LEU A CD1 1 
ATOM   545  C  CD2 . LEU A 1 96  ? -13.530 16.480  -7.215  1.00 20.52 ? 96  LEU A CD2 1 
ATOM   546  N  N   . ALA A 1 97  ? -8.518  15.844  -5.452  1.00 15.92 ? 97  ALA A N   1 
ATOM   547  C  CA  . ALA A 1 97  ? -7.198  15.238  -5.584  1.00 17.00 ? 97  ALA A CA  1 
ATOM   548  C  C   . ALA A 1 97  ? -7.158  13.856  -4.931  1.00 15.90 ? 97  ALA A C   1 
ATOM   549  O  O   . ALA A 1 97  ? -6.566  12.923  -5.474  1.00 16.22 ? 97  ALA A O   1 
ATOM   550  C  CB  . ALA A 1 97  ? -6.141  16.147  -4.973  1.00 15.96 ? 97  ALA A CB  1 
ATOM   551  N  N   . TYR A 1 98  ? -7.800  13.719  -3.776  1.00 16.80 ? 98  TYR A N   1 
ATOM   552  C  CA  . TYR A 1 98  ? -7.801  12.436  -3.074  1.00 16.52 ? 98  TYR A CA  1 
ATOM   553  C  C   . TYR A 1 98  ? -8.421  11.319  -3.924  1.00 15.95 ? 98  TYR A C   1 
ATOM   554  O  O   . TYR A 1 98  ? -7.924  10.194  -3.942  1.00 14.51 ? 98  TYR A O   1 
ATOM   555  C  CB  . TYR A 1 98  ? -8.525  12.578  -1.730  1.00 16.24 ? 98  TYR A CB  1 
ATOM   556  C  CG  . TYR A 1 98  ? -7.806  13.476  -0.730  1.00 18.18 ? 98  TYR A CG  1 
ATOM   557  C  CD1 . TYR A 1 98  ? -8.506  14.111  0.302   1.00 18.13 ? 98  TYR A CD1 1 
ATOM   558  C  CD2 . TYR A 1 98  ? -6.433  13.697  -0.820  1.00 16.98 ? 98  TYR A CD2 1 
ATOM   559  C  CE1 . TYR A 1 98  ? -7.849  14.947  1.214   1.00 17.94 ? 98  TYR A CE1 1 
ATOM   560  C  CE2 . TYR A 1 98  ? -5.769  14.525  0.084   1.00 17.77 ? 98  TYR A CE2 1 
ATOM   561  C  CZ  . TYR A 1 98  ? -6.483  15.148  1.098   1.00 18.75 ? 98  TYR A CZ  1 
ATOM   562  O  OH  . TYR A 1 98  ? -5.828  15.974  1.988   1.00 17.17 ? 98  TYR A OH  1 
ATOM   563  N  N   . ASP A 1 99  ? -9.502  11.633  -4.630  1.00 15.80 ? 99  ASP A N   1 
ATOM   564  C  CA  . ASP A 1 99  ? -10.140 10.643  -5.484  1.00 15.89 ? 99  ASP A CA  1 
ATOM   565  C  C   . ASP A 1 99  ? -9.249  10.305  -6.674  1.00 15.66 ? 99  ASP A C   1 
ATOM   566  O  O   . ASP A 1 99  ? -9.212  9.164   -7.126  1.00 15.73 ? 99  ASP A O   1 
ATOM   567  C  CB  . ASP A 1 99  ? -11.498 11.141  -5.972  1.00 14.90 ? 99  ASP A CB  1 
ATOM   568  C  CG  . ASP A 1 99  ? -12.640 10.627  -5.116  1.00 15.58 ? 99  ASP A CG  1 
ATOM   569  O  OD1 . ASP A 1 99  ? -12.379 9.893   -4.133  1.00 16.39 ? 99  ASP A OD1 1 
ATOM   570  O  OD2 . ASP A 1 99  ? -13.800 10.952  -5.426  1.00 13.82 ? 99  ASP A OD2 1 
ATOM   571  N  N   . GLU A 1 100 ? -8.541  11.301  -7.190  1.00 17.30 ? 100 GLU A N   1 
ATOM   572  C  CA  . GLU A 1 100 ? -7.644  11.044  -8.303  1.00 18.43 ? 100 GLU A CA  1 
ATOM   573  C  C   . GLU A 1 100 ? -6.555  10.078  -7.836  1.00 17.75 ? 100 GLU A C   1 
ATOM   574  O  O   . GLU A 1 100 ? -6.231  9.106   -8.524  1.00 15.94 ? 100 GLU A O   1 
ATOM   575  C  CB  . GLU A 1 100 ? -7.011  12.343  -8.800  1.00 22.87 ? 100 GLU A CB  1 
ATOM   576  C  CG  . GLU A 1 100 ? -7.841  13.078  -9.839  1.00 29.71 ? 100 GLU A CG  1 
ATOM   577  C  CD  . GLU A 1 100 ? -7.103  14.265  -10.435 1.00 33.38 ? 100 GLU A CD  1 
ATOM   578  O  OE1 . GLU A 1 100 ? -5.868  14.175  -10.613 1.00 34.59 ? 100 GLU A OE1 1 
ATOM   579  O  OE2 . GLU A 1 100 ? -7.762  15.285  -10.739 1.00 37.28 ? 100 GLU A OE2 1 
ATOM   580  N  N   . PHE A 1 101 ? -6.009  10.344  -6.652  1.00 15.96 ? 101 PHE A N   1 
ATOM   581  C  CA  . PHE A 1 101 ? -4.951  9.517   -6.082  1.00 16.43 ? 101 PHE A CA  1 
ATOM   582  C  C   . PHE A 1 101 ? -5.448  8.091   -5.839  1.00 15.86 ? 101 PHE A C   1 
ATOM   583  O  O   . PHE A 1 101 ? -4.725  7.130   -6.069  1.00 14.93 ? 101 PHE A O   1 
ATOM   584  C  CB  . PHE A 1 101 ? -4.448  10.137  -4.769  1.00 15.95 ? 101 PHE A CB  1 
ATOM   585  C  CG  . PHE A 1 101 ? -3.861  11.519  -4.929  1.00 17.20 ? 101 PHE A CG  1 
ATOM   586  C  CD1 . PHE A 1 101 ? -3.818  12.396  -3.844  1.00 17.09 ? 101 PHE A CD1 1 
ATOM   587  C  CD2 . PHE A 1 101 ? -3.353  11.946  -6.159  1.00 17.17 ? 101 PHE A CD2 1 
ATOM   588  C  CE1 . PHE A 1 101 ? -3.280  13.686  -3.979  1.00 18.53 ? 101 PHE A CE1 1 
ATOM   589  C  CE2 . PHE A 1 101 ? -2.811  13.229  -6.307  1.00 17.35 ? 101 PHE A CE2 1 
ATOM   590  C  CZ  . PHE A 1 101 ? -2.776  14.101  -5.211  1.00 18.22 ? 101 PHE A CZ  1 
ATOM   591  N  N   . ILE A 1 102 ? -6.687  7.968   -5.373  1.00 14.90 ? 102 ILE A N   1 
ATOM   592  C  CA  . ILE A 1 102 ? -7.280  6.664   -5.121  1.00 16.05 ? 102 ILE A CA  1 
ATOM   593  C  C   . ILE A 1 102 ? -7.370  5.872   -6.423  1.00 16.07 ? 102 ILE A C   1 
ATOM   594  O  O   . ILE A 1 102 ? -7.012  4.696   -6.475  1.00 17.16 ? 102 ILE A O   1 
ATOM   595  C  CB  . ILE A 1 102 ? -8.707  6.813   -4.510  1.00 15.85 ? 102 ILE A CB  1 
ATOM   596  C  CG1 . ILE A 1 102 ? -8.597  7.305   -3.059  1.00 17.22 ? 102 ILE A CG1 1 
ATOM   597  C  CG2 . ILE A 1 102 ? -9.466  5.483   -4.586  1.00 15.34 ? 102 ILE A CG2 1 
ATOM   598  C  CD1 . ILE A 1 102 ? -9.924  7.651   -2.400  1.00 13.00 ? 102 ILE A CD1 1 
ATOM   599  N  N   . ALA A 1 103 ? -7.849  6.523   -7.476  1.00 16.91 ? 103 ALA A N   1 
ATOM   600  C  CA  . ALA A 1 103 ? -7.992  5.867   -8.770  1.00 17.05 ? 103 ALA A CA  1 
ATOM   601  C  C   . ALA A 1 103 ? -6.653  5.324   -9.240  1.00 16.97 ? 103 ALA A C   1 
ATOM   602  O  O   . ALA A 1 103 ? -6.589  4.268   -9.868  1.00 16.35 ? 103 ALA A O   1 
ATOM   603  C  CB  . ALA A 1 103 ? -8.555  6.848   -9.803  1.00 17.97 ? 103 ALA A CB  1 
ATOM   604  N  N   . GLU A 1 104 ? -5.582  6.041   -8.914  1.00 18.01 ? 104 GLU A N   1 
ATOM   605  C  CA  . GLU A 1 104 ? -4.245  5.623   -9.317  1.00 19.67 ? 104 GLU A CA  1 
ATOM   606  C  C   . GLU A 1 104 ? -3.748  4.385   -8.584  1.00 18.82 ? 104 GLU A C   1 
ATOM   607  O  O   . GLU A 1 104 ? -3.137  3.510   -9.184  1.00 17.46 ? 104 GLU A O   1 
ATOM   608  C  CB  . GLU A 1 104 ? -3.241  6.763   -9.110  1.00 22.09 ? 104 GLU A CB  1 
ATOM   609  C  CG  . GLU A 1 104 ? -3.418  7.935   -10.050 1.00 26.94 ? 104 GLU A CG  1 
ATOM   610  C  CD  . GLU A 1 104 ? -3.393  7.514   -11.501 1.00 30.05 ? 104 GLU A CD  1 
ATOM   611  O  OE1 . GLU A 1 104 ? -2.504  6.727   -11.873 1.00 31.61 ? 104 GLU A OE1 1 
ATOM   612  O  OE2 . GLU A 1 104 ? -4.256  7.973   -12.278 1.00 32.68 ? 104 GLU A OE2 1 
ATOM   613  N  N   . ILE A 1 105 ? -4.006  4.304   -7.285  1.00 18.22 ? 105 ILE A N   1 
ATOM   614  C  CA  . ILE A 1 105 ? -3.528  3.161   -6.521  1.00 18.52 ? 105 ILE A CA  1 
ATOM   615  C  C   . ILE A 1 105 ? -4.507  1.988   -6.367  1.00 18.23 ? 105 ILE A C   1 
ATOM   616  O  O   . ILE A 1 105 ? -4.087  0.865   -6.085  1.00 18.52 ? 105 ILE A O   1 
ATOM   617  C  CB  . ILE A 1 105 ? -3.090  3.588   -5.101  1.00 17.26 ? 105 ILE A CB  1 
ATOM   618  C  CG1 . ILE A 1 105 ? -4.316  3.930   -4.255  1.00 18.62 ? 105 ILE A CG1 1 
ATOM   619  C  CG2 . ILE A 1 105 ? -2.158  4.797   -5.178  1.00 19.46 ? 105 ILE A CG2 1 
ATOM   620  C  CD1 . ILE A 1 105 ? -3.986  4.150   -2.784  1.00 17.11 ? 105 ILE A CD1 1 
ATOM   621  N  N   . PHE A 1 106 ? -5.798  2.227   -6.572  1.00 17.76 ? 106 PHE A N   1 
ATOM   622  C  CA  . PHE A 1 106 ? -6.777  1.155   -6.374  1.00 18.37 ? 106 PHE A CA  1 
ATOM   623  C  C   . PHE A 1 106 ? -6.491  -0.170  -7.084  1.00 16.78 ? 106 PHE A C   1 
ATOM   624  O  O   . PHE A 1 106 ? -6.563  -1.237  -6.470  1.00 16.11 ? 106 PHE A O   1 
ATOM   625  C  CB  . PHE A 1 106 ? -8.191  1.619   -6.741  1.00 17.93 ? 106 PHE A CB  1 
ATOM   626  C  CG  . PHE A 1 106 ? -9.261  0.848   -6.034  1.00 19.93 ? 106 PHE A CG  1 
ATOM   627  C  CD1 . PHE A 1 106 ? -9.605  1.158   -4.717  1.00 19.82 ? 106 PHE A CD1 1 
ATOM   628  C  CD2 . PHE A 1 106 ? -9.871  -0.240  -6.646  1.00 20.44 ? 106 PHE A CD2 1 
ATOM   629  C  CE1 . PHE A 1 106 ? -10.540 0.387   -4.021  1.00 20.79 ? 106 PHE A CE1 1 
ATOM   630  C  CE2 . PHE A 1 106 ? -10.809 -1.019  -5.958  1.00 22.20 ? 106 PHE A CE2 1 
ATOM   631  C  CZ  . PHE A 1 106 ? -11.140 -0.701  -4.641  1.00 22.12 ? 106 PHE A CZ  1 
ATOM   632  N  N   . PRO A 1 107 ? -6.162  -0.123  -8.383  1.00 16.42 ? 107 PRO A N   1 
ATOM   633  C  CA  . PRO A 1 107 ? -5.879  -1.359  -9.125  1.00 16.74 ? 107 PRO A CA  1 
ATOM   634  C  C   . PRO A 1 107 ? -4.814  -2.232  -8.467  1.00 17.05 ? 107 PRO A C   1 
ATOM   635  O  O   . PRO A 1 107 ? -4.852  -3.458  -8.574  1.00 16.46 ? 107 PRO A O   1 
ATOM   636  C  CB  . PRO A 1 107 ? -5.428  -0.845  -10.494 1.00 16.58 ? 107 PRO A CB  1 
ATOM   637  C  CG  . PRO A 1 107 ? -6.189  0.447   -10.629 1.00 15.61 ? 107 PRO A CG  1 
ATOM   638  C  CD  . PRO A 1 107 ? -6.023  1.053   -9.259  1.00 15.72 ? 107 PRO A CD  1 
ATOM   639  N  N   . SER A 1 108 ? -3.875  -1.597  -7.774  1.00 17.23 ? 108 SER A N   1 
ATOM   640  C  CA  . SER A 1 108 ? -2.798  -2.333  -7.126  1.00 18.03 ? 108 SER A CA  1 
ATOM   641  C  C   . SER A 1 108 ? -3.252  -3.229  -5.970  1.00 17.22 ? 108 SER A C   1 
ATOM   642  O  O   . SER A 1 108 ? -2.505  -4.098  -5.522  1.00 16.64 ? 108 SER A O   1 
ATOM   643  C  CB  . SER A 1 108 ? -1.712  -1.358  -6.648  1.00 17.23 ? 108 SER A CB  1 
ATOM   644  O  OG  . SER A 1 108 ? -2.142  -0.608  -5.532  1.00 19.20 ? 108 SER A OG  1 
ATOM   645  N  N   . ILE A 1 109 ? -4.474  -3.024  -5.491  1.00 17.00 ? 109 ILE A N   1 
ATOM   646  C  CA  . ILE A 1 109 ? -4.995  -3.824  -4.387  1.00 17.25 ? 109 ILE A CA  1 
ATOM   647  C  C   . ILE A 1 109 ? -5.185  -5.262  -4.839  1.00 18.25 ? 109 ILE A C   1 
ATOM   648  O  O   . ILE A 1 109 ? -4.668  -6.196  -4.215  1.00 16.99 ? 109 ILE A O   1 
ATOM   649  C  CB  . ILE A 1 109 ? -6.344  -3.271  -3.869  1.00 17.45 ? 109 ILE A CB  1 
ATOM   650  C  CG1 . ILE A 1 109 ? -6.124  -1.904  -3.218  1.00 16.62 ? 109 ILE A CG1 1 
ATOM   651  C  CG2 . ILE A 1 109 ? -6.969  -4.251  -2.874  1.00 15.09 ? 109 ILE A CG2 1 
ATOM   652  C  CD1 . ILE A 1 109 ? -7.367  -1.294  -2.607  1.00 18.38 ? 109 ILE A CD1 1 
ATOM   653  N  N   . ASP A 1 110 ? -5.918  -5.436  -5.936  1.00 17.89 ? 110 ASP A N   1 
ATOM   654  C  CA  . ASP A 1 110 ? -6.172  -6.768  -6.478  1.00 17.58 ? 110 ASP A CA  1 
ATOM   655  C  C   . ASP A 1 110 ? -4.878  -7.371  -7.047  1.00 18.44 ? 110 ASP A C   1 
ATOM   656  O  O   . ASP A 1 110 ? -4.590  -8.560  -6.854  1.00 18.11 ? 110 ASP A O   1 
ATOM   657  C  CB  . ASP A 1 110 ? -7.231  -6.686  -7.577  1.00 17.49 ? 110 ASP A CB  1 
ATOM   658  C  CG  . ASP A 1 110 ? -7.863  -8.033  -7.880  1.00 18.05 ? 110 ASP A CG  1 
ATOM   659  O  OD1 . ASP A 1 110 ? -8.582  -8.567  -7.005  1.00 18.61 ? 110 ASP A OD1 1 
ATOM   660  O  OD2 . ASP A 1 110 ? -7.642  -8.555  -8.992  1.00 15.60 ? 110 ASP A OD2 1 
ATOM   661  N  N   . GLU A 1 111 ? -4.097  -6.544  -7.736  1.00 17.23 ? 111 GLU A N   1 
ATOM   662  C  CA  . GLU A 1 111 ? -2.839  -6.994  -8.330  1.00 18.40 ? 111 GLU A CA  1 
ATOM   663  C  C   . GLU A 1 111 ? -1.848  -7.558  -7.306  1.00 18.23 ? 111 GLU A C   1 
ATOM   664  O  O   . GLU A 1 111 ? -1.261  -8.621  -7.526  1.00 19.03 ? 111 GLU A O   1 
ATOM   665  C  CB  . GLU A 1 111 ? -2.173  -5.846  -9.088  1.00 18.22 ? 111 GLU A CB  1 
ATOM   666  C  CG  . GLU A 1 111 ? -2.933  -5.377  -10.314 1.00 20.90 ? 111 GLU A CG  1 
ATOM   667  C  CD  . GLU A 1 111 ? -2.322  -4.130  -10.904 1.00 21.70 ? 111 GLU A CD  1 
ATOM   668  O  OE1 . GLU A 1 111 ? -1.462  -3.521  -10.236 1.00 24.03 ? 111 GLU A OE1 1 
ATOM   669  O  OE2 . GLU A 1 111 ? -2.705  -3.743  -12.024 1.00 25.82 ? 111 GLU A OE2 1 
ATOM   670  N  N   . GLN A 1 112 ? -1.654  -6.855  -6.195  1.00 16.59 ? 112 GLN A N   1 
ATOM   671  C  CA  . GLN A 1 112 ? -0.715  -7.326  -5.179  1.00 16.71 ? 112 GLN A CA  1 
ATOM   672  C  C   . GLN A 1 112 ? -1.238  -8.573  -4.466  1.00 16.72 ? 112 GLN A C   1 
ATOM   673  O  O   . GLN A 1 112 ? -0.481  -9.503  -4.199  1.00 15.85 ? 112 GLN A O   1 
ATOM   674  C  CB  . GLN A 1 112 ? -0.419  -6.210  -4.163  1.00 16.97 ? 112 GLN A CB  1 
ATOM   675  C  CG  . GLN A 1 112 ? 0.387   -5.036  -4.733  1.00 16.20 ? 112 GLN A CG  1 
ATOM   676  C  CD  . GLN A 1 112 ? 0.480   -3.840  -3.785  1.00 16.96 ? 112 GLN A CD  1 
ATOM   677  O  OE1 . GLN A 1 112 ? -0.537  -3.229  -3.417  1.00 18.98 ? 112 GLN A OE1 1 
ATOM   678  N  NE2 . GLN A 1 112 ? 1.698   -3.490  -3.400  1.00 13.79 ? 112 GLN A NE2 1 
ATOM   679  N  N   . ALA A 1 113 ? -2.535  -8.594  -4.169  1.00 16.10 ? 113 ALA A N   1 
ATOM   680  C  CA  . ALA A 1 113 ? -3.142  -9.740  -3.503  1.00 16.96 ? 113 ALA A CA  1 
ATOM   681  C  C   . ALA A 1 113 ? -3.047  -11.018 -4.344  1.00 17.44 ? 113 ALA A C   1 
ATOM   682  O  O   . ALA A 1 113 ? -2.703  -12.082 -3.826  1.00 17.37 ? 113 ALA A O   1 
ATOM   683  C  CB  . ALA A 1 113 ? -4.600  -9.443  -3.183  1.00 15.74 ? 113 ALA A CB  1 
ATOM   684  N  N   . GLU A 1 114 ? -3.349  -10.915 -5.638  1.00 17.82 ? 114 GLU A N   1 
ATOM   685  C  CA  . GLU A 1 114 ? -3.302  -12.084 -6.502  1.00 17.57 ? 114 GLU A CA  1 
ATOM   686  C  C   . GLU A 1 114 ? -1.869  -12.471 -6.854  1.00 17.57 ? 114 GLU A C   1 
ATOM   687  O  O   . GLU A 1 114 ? -1.601  -13.621 -7.187  1.00 16.31 ? 114 GLU A O   1 
ATOM   688  C  CB  . GLU A 1 114 ? -4.164  -11.851 -7.749  1.00 18.47 ? 114 GLU A CB  1 
ATOM   689  C  CG  . GLU A 1 114 ? -5.571  -11.410 -7.355  1.00 18.09 ? 114 GLU A CG  1 
ATOM   690  C  CD  . GLU A 1 114 ? -6.611  -11.577 -8.441  1.00 17.59 ? 114 GLU A CD  1 
ATOM   691  O  OE1 . GLU A 1 114 ? -6.310  -11.320 -9.620  1.00 16.20 ? 114 GLU A OE1 1 
ATOM   692  O  OE2 . GLU A 1 114 ? -7.748  -11.949 -8.096  1.00 18.30 ? 114 GLU A OE2 1 
ATOM   693  N  N   . ARG A 1 115 ? -0.947  -11.517 -6.776  1.00 16.39 ? 115 ARG A N   1 
ATOM   694  C  CA  . ARG A 1 115 ? 0.445   -11.853 -7.037  1.00 16.95 ? 115 ARG A CA  1 
ATOM   695  C  C   . ARG A 1 115 ? 0.862   -12.769 -5.880  1.00 18.44 ? 115 ARG A C   1 
ATOM   696  O  O   . ARG A 1 115 ? 1.509   -13.787 -6.096  1.00 18.58 ? 115 ARG A O   1 
ATOM   697  C  CB  . ARG A 1 115 ? 1.335   -10.603 -7.075  1.00 16.28 ? 115 ARG A CB  1 
ATOM   698  C  CG  . ARG A 1 115 ? 2.832   -10.913 -7.243  1.00 17.34 ? 115 ARG A CG  1 
ATOM   699  C  CD  . ARG A 1 115 ? 3.112   -11.824 -8.451  1.00 16.76 ? 115 ARG A CD  1 
ATOM   700  N  NE  . ARG A 1 115 ? 4.524   -12.196 -8.554  1.00 14.58 ? 115 ARG A NE  1 
ATOM   701  C  CZ  . ARG A 1 115 ? 5.002   -13.101 -9.403  1.00 14.23 ? 115 ARG A CZ  1 
ATOM   702  N  NH1 . ARG A 1 115 ? 4.182   -13.737 -10.233 1.00 15.98 ? 115 ARG A NH1 1 
ATOM   703  N  NH2 . ARG A 1 115 ? 6.297   -13.374 -9.422  1.00 13.17 ? 115 ARG A NH2 1 
ATOM   704  N  N   . LEU A 1 116 ? 0.462   -12.409 -4.663  1.00 17.45 ? 116 LEU A N   1 
ATOM   705  C  CA  . LEU A 1 116 ? 0.773   -13.205 -3.474  1.00 18.10 ? 116 LEU A CA  1 
ATOM   706  C  C   . LEU A 1 116 ? 0.162   -14.601 -3.667  1.00 18.96 ? 116 LEU A C   1 
ATOM   707  O  O   . LEU A 1 116 ? 0.821   -15.622 -3.432  1.00 19.14 ? 116 LEU A O   1 
ATOM   708  C  CB  . LEU A 1 116 ? 0.155   -12.557 -2.230  1.00 19.67 ? 116 LEU A CB  1 
ATOM   709  C  CG  . LEU A 1 116 ? 0.753   -12.722 -0.821  1.00 22.04 ? 116 LEU A CG  1 
ATOM   710  C  CD1 . LEU A 1 116 ? -0.394  -12.691 0.180   1.00 20.40 ? 116 LEU A CD1 1 
ATOM   711  C  CD2 . LEU A 1 116 ? 1.532   -14.016 -0.681  1.00 21.91 ? 116 LEU A CD2 1 
ATOM   712  N  N   . VAL A 1 117 ? -1.099  -14.633 -4.100  1.00 18.09 ? 117 VAL A N   1 
ATOM   713  C  CA  . VAL A 1 117 ? -1.796  -15.897 -4.333  1.00 16.88 ? 117 VAL A CA  1 
ATOM   714  C  C   . VAL A 1 117 ? -1.080  -16.767 -5.366  1.00 18.44 ? 117 VAL A C   1 
ATOM   715  O  O   . VAL A 1 117 ? -0.910  -17.963 -5.157  1.00 17.95 ? 117 VAL A O   1 
ATOM   716  C  CB  . VAL A 1 117 ? -3.246  -15.678 -4.815  1.00 16.23 ? 117 VAL A CB  1 
ATOM   717  C  CG1 . VAL A 1 117 ? -3.899  -17.024 -5.137  1.00 14.19 ? 117 VAL A CG1 1 
ATOM   718  C  CG2 . VAL A 1 117 ? -4.051  -14.957 -3.742  1.00 15.47 ? 117 VAL A CG2 1 
ATOM   719  N  N   . ALA A 1 118 ? -0.654  -16.163 -6.473  1.00 16.97 ? 118 ALA A N   1 
ATOM   720  C  CA  . ALA A 1 118 ? 0.029   -16.905 -7.529  1.00 17.40 ? 118 ALA A CA  1 
ATOM   721  C  C   . ALA A 1 118 ? 1.327   -17.523 -7.024  1.00 17.40 ? 118 ALA A C   1 
ATOM   722  O  O   . ALA A 1 118 ? 1.886   -18.424 -7.650  1.00 17.04 ? 118 ALA A O   1 
ATOM   723  C  CB  . ALA A 1 118 ? 0.311   -15.986 -8.721  1.00 17.97 ? 118 ALA A CB  1 
ATOM   724  N  N   . LEU A 1 119 ? 1.804   -17.042 -5.883  1.00 18.15 ? 119 LEU A N   1 
ATOM   725  C  CA  . LEU A 1 119 ? 3.043   -17.564 -5.313  1.00 18.58 ? 119 LEU A CA  1 
ATOM   726  C  C   . LEU A 1 119 ? 2.778   -18.520 -4.160  1.00 18.80 ? 119 LEU A C   1 
ATOM   727  O  O   . LEU A 1 119 ? 3.691   -18.869 -3.417  1.00 19.49 ? 119 LEU A O   1 
ATOM   728  C  CB  . LEU A 1 119 ? 3.935   -16.423 -4.832  1.00 18.47 ? 119 LEU A CB  1 
ATOM   729  C  CG  . LEU A 1 119 ? 4.498   -15.520 -5.928  1.00 19.51 ? 119 LEU A CG  1 
ATOM   730  C  CD1 . LEU A 1 119 ? 5.267   -14.374 -5.288  1.00 20.37 ? 119 LEU A CD1 1 
ATOM   731  C  CD2 . LEU A 1 119 ? 5.399   -16.330 -6.854  1.00 21.43 ? 119 LEU A CD2 1 
ATOM   732  N  N   . GLY A 1 120 ? 1.524   -18.941 -4.026  1.00 19.34 ? 120 GLY A N   1 
ATOM   733  C  CA  . GLY A 1 120 ? 1.154   -19.872 -2.976  1.00 20.32 ? 120 GLY A CA  1 
ATOM   734  C  C   . GLY A 1 120 ? 0.896   -19.223 -1.631  1.00 21.70 ? 120 GLY A C   1 
ATOM   735  O  O   . GLY A 1 120 ? 1.113   -19.842 -0.594  1.00 21.81 ? 120 GLY A O   1 
ATOM   736  N  N   . GLY A 1 121 ? 0.435   -17.975 -1.652  1.00 21.33 ? 121 GLY A N   1 
ATOM   737  C  CA  . GLY A 1 121 ? 0.151   -17.263 -0.420  1.00 20.19 ? 121 GLY A CA  1 
ATOM   738  C  C   . GLY A 1 121 ? -1.325  -16.930 -0.316  1.00 19.39 ? 121 GLY A C   1 
ATOM   739  O  O   . GLY A 1 121 ? -2.069  -17.135 -1.271  1.00 19.10 ? 121 GLY A O   1 
ATOM   740  N  N   . SER A 1 122 ? -1.751  -16.441 0.847   1.00 18.66 ? 122 SER A N   1 
ATOM   741  C  CA  . SER A 1 122 ? -3.146  -16.065 1.071   1.00 19.61 ? 122 SER A CA  1 
ATOM   742  C  C   . SER A 1 122 ? -3.155  -14.631 1.582   1.00 20.08 ? 122 SER A C   1 
ATOM   743  O  O   . SER A 1 122 ? -2.578  -14.339 2.622   1.00 19.69 ? 122 SER A O   1 
ATOM   744  C  CB  . SER A 1 122 ? -3.802  -16.973 2.118   1.00 19.71 ? 122 SER A CB  1 
ATOM   745  O  OG  . SER A 1 122 ? -5.112  -16.516 2.432   1.00 19.51 ? 122 SER A OG  1 
ATOM   746  N  N   . PRO A 1 123 ? -3.785  -13.713 0.834   1.00 20.34 ? 123 PRO A N   1 
ATOM   747  C  CA  . PRO A 1 123 ? -3.845  -12.309 1.245   1.00 20.78 ? 123 PRO A CA  1 
ATOM   748  C  C   . PRO A 1 123 ? -4.855  -12.053 2.356   1.00 21.32 ? 123 PRO A C   1 
ATOM   749  O  O   . PRO A 1 123 ? -5.948  -12.623 2.364   1.00 20.85 ? 123 PRO A O   1 
ATOM   750  C  CB  . PRO A 1 123 ? -4.194  -11.582 -0.055  1.00 20.27 ? 123 PRO A CB  1 
ATOM   751  C  CG  . PRO A 1 123 ? -5.015  -12.595 -0.795  1.00 20.97 ? 123 PRO A CG  1 
ATOM   752  C  CD  . PRO A 1 123 ? -4.278  -13.887 -0.545  1.00 20.81 ? 123 PRO A CD  1 
ATOM   753  N  N   . LEU A 1 124 ? -4.470  -11.210 3.308   1.00 21.92 ? 124 LEU A N   1 
ATOM   754  C  CA  . LEU A 1 124 ? -5.345  -10.862 4.421   1.00 24.94 ? 124 LEU A CA  1 
ATOM   755  C  C   . LEU A 1 124 ? -6.096  -9.604  3.992   1.00 25.25 ? 124 LEU A C   1 
ATOM   756  O  O   . LEU A 1 124 ? -5.629  -8.871  3.113   1.00 28.20 ? 124 LEU A O   1 
ATOM   757  C  CB  . LEU A 1 124 ? -4.518  -10.598 5.687   1.00 25.54 ? 124 LEU A CB  1 
ATOM   758  C  CG  . LEU A 1 124 ? -3.569  -11.729 6.104   1.00 27.68 ? 124 LEU A CG  1 
ATOM   759  C  CD1 . LEU A 1 124 ? -2.650  -11.258 7.214   1.00 27.94 ? 124 LEU A CD1 1 
ATOM   760  C  CD2 . LEU A 1 124 ? -4.370  -12.937 6.555   1.00 28.00 ? 124 LEU A CD2 1 
ATOM   761  N  N   . ALA A 1 125 ? -7.259  -9.353  4.580   1.00 23.68 ? 125 ALA A N   1 
ATOM   762  C  CA  . ALA A 1 125 ? -8.035  -8.180  4.196   1.00 22.92 ? 125 ALA A CA  1 
ATOM   763  C  C   . ALA A 1 125 ? -8.930  -7.727  5.329   1.00 21.95 ? 125 ALA A C   1 
ATOM   764  O  O   . ALA A 1 125 ? -9.604  -6.700  5.229   1.00 20.02 ? 125 ALA A O   1 
ATOM   765  C  CB  . ALA A 1 125 ? -8.882  -8.501  2.970   1.00 24.05 ? 125 ALA A CB  1 
ATOM   766  N  N   . ALA A 1 126 ? -8.936  -8.504  6.408   1.00 21.48 ? 126 ALA A N   1 
ATOM   767  C  CA  . ALA A 1 126 ? -9.752  -8.181  7.565   1.00 20.15 ? 126 ALA A CA  1 
ATOM   768  C  C   . ALA A 1 126 ? -9.190  -6.950  8.270   1.00 19.02 ? 126 ALA A C   1 
ATOM   769  O  O   . ALA A 1 126 ? -7.978  -6.758  8.314   1.00 18.20 ? 126 ALA A O   1 
ATOM   770  C  CB  . ALA A 1 126 ? -9.795  -9.375  8.518   1.00 21.65 ? 126 ALA A CB  1 
ATOM   771  N  N   . PRO A 1 127 ? -10.070 -6.097  8.822   1.00 18.70 ? 127 PRO A N   1 
ATOM   772  C  CA  . PRO A 1 127 ? -9.664  -4.875  9.528   1.00 18.94 ? 127 PRO A CA  1 
ATOM   773  C  C   . PRO A 1 127 ? -8.470  -5.065  10.460  1.00 18.80 ? 127 PRO A C   1 
ATOM   774  O  O   . PRO A 1 127 ? -7.530  -4.270  10.439  1.00 18.02 ? 127 PRO A O   1 
ATOM   775  C  CB  . PRO A 1 127 ? -10.927 -4.487  10.292  1.00 18.93 ? 127 PRO A CB  1 
ATOM   776  C  CG  . PRO A 1 127 ? -12.010 -4.914  9.365   1.00 19.09 ? 127 PRO A CG  1 
ATOM   777  C  CD  . PRO A 1 127 ? -11.535 -6.269  8.879   1.00 17.94 ? 127 PRO A CD  1 
ATOM   778  N  N   . ALA A 1 128 ? -8.507  -6.127  11.267  1.00 19.74 ? 128 ALA A N   1 
ATOM   779  C  CA  . ALA A 1 128 ? -7.436  -6.410  12.221  1.00 19.88 ? 128 ALA A CA  1 
ATOM   780  C  C   . ALA A 1 128 ? -6.115  -6.729  11.520  1.00 19.89 ? 128 ALA A C   1 
ATOM   781  O  O   . ALA A 1 128 ? -5.045  -6.396  12.025  1.00 19.33 ? 128 ALA A O   1 
ATOM   782  C  CB  . ALA A 1 128 ? -7.849  -7.568  13.156  1.00 19.04 ? 128 ALA A CB  1 
ATOM   783  N  N   . ASP A 1 129 ? -6.187  -7.373  10.359  1.00 21.17 ? 129 ASP A N   1 
ATOM   784  C  CA  . ASP A 1 129 ? -4.979  -7.701  9.605   1.00 21.14 ? 129 ASP A CA  1 
ATOM   785  C  C   . ASP A 1 129 ? -4.440  -6.415  8.960   1.00 21.16 ? 129 ASP A C   1 
ATOM   786  O  O   . ASP A 1 129 ? -3.228  -6.190  8.902   1.00 21.10 ? 129 ASP A O   1 
ATOM   787  C  CB  . ASP A 1 129 ? -5.284  -8.762  8.535   1.00 21.43 ? 129 ASP A CB  1 
ATOM   788  C  CG  . ASP A 1 129 ? -5.716  -10.094 9.136   1.00 23.22 ? 129 ASP A CG  1 
ATOM   789  O  OD1 . ASP A 1 129 ? -5.258  -10.405 10.253  1.00 25.31 ? 129 ASP A OD1 1 
ATOM   790  O  OD2 . ASP A 1 129 ? -6.500  -10.832 8.495   1.00 21.20 ? 129 ASP A OD2 1 
ATOM   791  N  N   . LEU A 1 130 ? -5.352  -5.571  8.486   1.00 19.65 ? 130 LEU A N   1 
ATOM   792  C  CA  . LEU A 1 130 ? -4.979  -4.294  7.881   1.00 19.81 ? 130 LEU A CA  1 
ATOM   793  C  C   . LEU A 1 130 ? -4.220  -3.455  8.897   1.00 19.99 ? 130 LEU A C   1 
ATOM   794  O  O   . LEU A 1 130 ? -3.170  -2.882  8.602   1.00 19.15 ? 130 LEU A O   1 
ATOM   795  C  CB  . LEU A 1 130 ? -6.230  -3.513  7.457   1.00 18.90 ? 130 LEU A CB  1 
ATOM   796  C  CG  . LEU A 1 130 ? -7.087  -4.074  6.324   1.00 20.50 ? 130 LEU A CG  1 
ATOM   797  C  CD1 . LEU A 1 130 ? -8.388  -3.266  6.215   1.00 20.17 ? 130 LEU A CD1 1 
ATOM   798  C  CD2 . LEU A 1 130 ? -6.295  -4.028  5.011   1.00 20.82 ? 130 LEU A CD2 1 
ATOM   799  N  N   . ALA A 1 131 ? -4.781  -3.377  10.099  1.00 21.47 ? 131 ALA A N   1 
ATOM   800  C  CA  . ALA A 1 131 ? -4.194  -2.593  11.174  1.00 21.39 ? 131 ALA A CA  1 
ATOM   801  C  C   . ALA A 1 131 ? -2.807  -3.097  11.544  1.00 21.20 ? 131 ALA A C   1 
ATOM   802  O  O   . ALA A 1 131 ? -1.893  -2.305  11.781  1.00 20.81 ? 131 ALA A O   1 
ATOM   803  C  CB  . ALA A 1 131 ? -5.104  -2.636  12.390  1.00 21.05 ? 131 ALA A CB  1 
ATOM   804  N  N   . ARG A 1 132 ? -2.646  -4.417  11.590  1.00 22.08 ? 132 ARG A N   1 
ATOM   805  C  CA  . ARG A 1 132 ? -1.356  -4.984  11.953  1.00 23.41 ? 132 ARG A CA  1 
ATOM   806  C  C   . ARG A 1 132 ? -0.245  -4.830  10.912  1.00 22.79 ? 132 ARG A C   1 
ATOM   807  O  O   . ARG A 1 132 ? 0.865   -4.427  11.247  1.00 23.65 ? 132 ARG A O   1 
ATOM   808  C  CB  . ARG A 1 132 ? -1.488  -6.473  12.297  1.00 24.85 ? 132 ARG A CB  1 
ATOM   809  C  CG  . ARG A 1 132 ? -0.116  -7.119  12.578  1.00 28.44 ? 132 ARG A CG  1 
ATOM   810  C  CD  . ARG A 1 132 ? -0.179  -8.504  13.208  1.00 30.21 ? 132 ARG A CD  1 
ATOM   811  N  NE  . ARG A 1 132 ? 1.175   -8.952  13.542  1.00 33.15 ? 132 ARG A NE  1 
ATOM   812  C  CZ  . ARG A 1 132 ? 1.485   -10.152 14.028  1.00 34.77 ? 132 ARG A CZ  1 
ATOM   813  N  NH1 . ARG A 1 132 ? 2.755   -10.443 14.289  1.00 35.15 ? 132 ARG A NH1 1 
ATOM   814  N  NH2 . ARG A 1 132 ? 0.536   -11.061 14.255  1.00 33.63 ? 132 ARG A NH2 1 
ATOM   815  N  N   . TYR A 1 133 ? -0.528  -5.138  9.651   1.00 21.68 ? 133 TYR A N   1 
ATOM   816  C  CA  . TYR A 1 133 ? 0.524   -5.075  8.642   1.00 21.57 ? 133 TYR A CA  1 
ATOM   817  C  C   . TYR A 1 133 ? 0.735   -3.780  7.865   1.00 20.92 ? 133 TYR A C   1 
ATOM   818  O  O   . TYR A 1 133 ? 1.783   -3.602  7.246   1.00 19.57 ? 133 TYR A O   1 
ATOM   819  C  CB  . TYR A 1 133 ? 0.355   -6.244  7.670   1.00 22.77 ? 133 TYR A CB  1 
ATOM   820  C  CG  . TYR A 1 133 ? 0.423   -7.586  8.367   1.00 24.62 ? 133 TYR A CG  1 
ATOM   821  C  CD1 . TYR A 1 133 ? -0.733  -8.285  8.697   1.00 24.83 ? 133 TYR A CD1 1 
ATOM   822  C  CD2 . TYR A 1 133 ? 1.650   -8.132  8.742   1.00 24.67 ? 133 TYR A CD2 1 
ATOM   823  C  CE1 . TYR A 1 133 ? -0.676  -9.506  9.390   1.00 25.56 ? 133 TYR A CE1 1 
ATOM   824  C  CE2 . TYR A 1 133 ? 1.726   -9.346  9.437   1.00 26.16 ? 133 TYR A CE2 1 
ATOM   825  C  CZ  . TYR A 1 133 ? 0.557   -10.029 9.754   1.00 26.19 ? 133 TYR A CZ  1 
ATOM   826  O  OH  . TYR A 1 133 ? 0.628   -11.234 10.428  1.00 26.43 ? 133 TYR A OH  1 
ATOM   827  N  N   . SER A 1 134 ? -0.243  -2.881  7.897   1.00 20.08 ? 134 SER A N   1 
ATOM   828  C  CA  . SER A 1 134 ? -0.137  -1.617  7.171   1.00 20.67 ? 134 SER A CA  1 
ATOM   829  C  C   . SER A 1 134 ? 0.905   -0.678  7.771   1.00 20.94 ? 134 SER A C   1 
ATOM   830  O  O   . SER A 1 134 ? 1.072   -0.624  8.990   1.00 20.74 ? 134 SER A O   1 
ATOM   831  C  CB  . SER A 1 134 ? -1.499  -0.912  7.155   1.00 20.68 ? 134 SER A CB  1 
ATOM   832  O  OG  . SER A 1 134 ? -1.393  0.394   6.608   1.00 20.78 ? 134 SER A OG  1 
ATOM   833  N  N   . THR A 1 135 ? 1.614   0.058   6.917   1.00 21.45 ? 135 THR A N   1 
ATOM   834  C  CA  . THR A 1 135 ? 2.598   1.016   7.408   1.00 22.60 ? 135 THR A CA  1 
ATOM   835  C  C   . THR A 1 135 ? 1.883   2.371   7.459   1.00 21.89 ? 135 THR A C   1 
ATOM   836  O  O   . THR A 1 135 ? 2.477   3.408   7.776   1.00 21.14 ? 135 THR A O   1 
ATOM   837  C  CB  . THR A 1 135 ? 3.866   1.091   6.492   1.00 23.56 ? 135 THR A CB  1 
ATOM   838  O  OG1 . THR A 1 135 ? 3.532   1.659   5.222   1.00 24.21 ? 135 THR A OG1 1 
ATOM   839  C  CG2 . THR A 1 135 ? 4.445   -0.304  6.274   1.00 23.49 ? 135 THR A CG2 1 
ATOM   840  N  N   . VAL A 1 136 ? 0.588   2.340   7.150   1.00 20.73 ? 136 VAL A N   1 
ATOM   841  C  CA  . VAL A 1 136 ? -0.238  3.539   7.172   1.00 20.09 ? 136 VAL A CA  1 
ATOM   842  C  C   . VAL A 1 136 ? -1.445  3.354   8.095   1.00 20.04 ? 136 VAL A C   1 
ATOM   843  O  O   . VAL A 1 136 ? -2.174  2.356   8.015   1.00 18.79 ? 136 VAL A O   1 
ATOM   844  C  CB  . VAL A 1 136 ? -0.735  3.914   5.756   1.00 20.08 ? 136 VAL A CB  1 
ATOM   845  C  CG1 . VAL A 1 136 ? -1.694  5.098   5.843   1.00 18.19 ? 136 VAL A CG1 1 
ATOM   846  C  CG2 . VAL A 1 136 ? 0.458   4.260   4.856   1.00 20.05 ? 136 VAL A CG2 1 
ATOM   847  N  N   . GLN A 1 137 ? -1.647  4.328   8.969   1.00 20.34 ? 137 GLN A N   1 
ATOM   848  C  CA  . GLN A 1 137 ? -2.744  4.287   9.922   1.00 21.94 ? 137 GLN A CA  1 
ATOM   849  C  C   . GLN A 1 137 ? -3.887  5.171   9.441   1.00 20.61 ? 137 GLN A C   1 
ATOM   850  O  O   . GLN A 1 137 ? -3.669  6.316   9.056   1.00 20.09 ? 137 GLN A O   1 
ATOM   851  C  CB  . GLN A 1 137 ? -2.253  4.767   11.296  1.00 23.79 ? 137 GLN A CB  1 
ATOM   852  C  CG  . GLN A 1 137 ? -0.903  4.169   11.700  1.00 27.48 ? 137 GLN A CG  1 
ATOM   853  C  CD  . GLN A 1 137 ? -0.928  2.649   11.750  1.00 31.07 ? 137 GLN A CD  1 
ATOM   854  O  OE1 . GLN A 1 137 ? 0.070   1.983   11.446  1.00 32.48 ? 137 GLN A OE1 1 
ATOM   855  N  NE2 . GLN A 1 137 ? -2.069  2.092   12.136  1.00 32.07 ? 137 GLN A NE2 1 
ATOM   856  N  N   . VAL A 1 138 ? -5.102  4.630   9.447   1.00 20.74 ? 138 VAL A N   1 
ATOM   857  C  CA  . VAL A 1 138 ? -6.277  5.390   9.030   1.00 20.83 ? 138 VAL A CA  1 
ATOM   858  C  C   . VAL A 1 138 ? -6.813  6.160   10.238  1.00 20.68 ? 138 VAL A C   1 
ATOM   859  O  O   . VAL A 1 138 ? -7.015  5.586   11.310  1.00 18.71 ? 138 VAL A O   1 
ATOM   860  C  CB  . VAL A 1 138 ? -7.390  4.458   8.500   1.00 21.27 ? 138 VAL A CB  1 
ATOM   861  C  CG1 . VAL A 1 138 ? -8.603  5.278   8.090   1.00 20.56 ? 138 VAL A CG1 1 
ATOM   862  C  CG2 . VAL A 1 138 ? -6.863  3.629   7.326   1.00 21.69 ? 138 VAL A CG2 1 
ATOM   863  N  N   . PRO A 1 139 ? -7.059  7.470   10.081  1.00 21.90 ? 139 PRO A N   1 
ATOM   864  C  CA  . PRO A 1 139 ? -7.570  8.271   11.197  1.00 22.29 ? 139 PRO A CA  1 
ATOM   865  C  C   . PRO A 1 139 ? -8.938  7.847   11.727  1.00 21.86 ? 139 PRO A C   1 
ATOM   866  O  O   . PRO A 1 139 ? -9.785  7.373   10.980  1.00 21.31 ? 139 PRO A O   1 
ATOM   867  C  CB  . PRO A 1 139 ? -7.587  9.690   10.622  1.00 23.12 ? 139 PRO A CB  1 
ATOM   868  C  CG  . PRO A 1 139 ? -7.829  9.458   9.162   1.00 24.18 ? 139 PRO A CG  1 
ATOM   869  C  CD  . PRO A 1 139 ? -6.915  8.293   8.867   1.00 21.79 ? 139 PRO A CD  1 
ATOM   870  N  N   . GLN A 1 140 ? -9.134  8.014   13.030  1.00 22.77 ? 140 GLN A N   1 
ATOM   871  C  CA  . GLN A 1 140 ? -10.406 7.691   13.674  1.00 23.93 ? 140 GLN A CA  1 
ATOM   872  C  C   . GLN A 1 140 ? -11.078 8.995   14.094  1.00 24.89 ? 140 GLN A C   1 
ATOM   873  O  O   . GLN A 1 140 ? -12.227 8.999   14.531  1.00 26.37 ? 140 GLN A O   1 
ATOM   874  C  CB  . GLN A 1 140 ? -10.194 6.812   14.910  1.00 24.83 ? 140 GLN A CB  1 
ATOM   875  C  CG  . GLN A 1 140 ? -9.777  5.390   14.601  1.00 25.46 ? 140 GLN A CG  1 
ATOM   876  C  CD  . GLN A 1 140 ? -9.835  4.496   15.827  1.00 26.87 ? 140 GLN A CD  1 
ATOM   877  O  OE1 . GLN A 1 140 ? -10.900 3.996   16.207  1.00 27.86 ? 140 GLN A OE1 1 
ATOM   878  N  NE2 . GLN A 1 140 ? -8.688  4.296   16.457  1.00 26.53 ? 140 GLN A NE2 1 
ATOM   879  N  N   . GLU A 1 141 ? -10.352 10.098  13.957  1.00 24.34 ? 141 GLU A N   1 
ATOM   880  C  CA  . GLU A 1 141 ? -10.866 11.420  14.317  1.00 25.67 ? 141 GLU A CA  1 
ATOM   881  C  C   . GLU A 1 141 ? -11.236 12.220  13.068  1.00 23.46 ? 141 GLU A C   1 
ATOM   882  O  O   . GLU A 1 141 ? -10.785 11.913  11.971  1.00 22.76 ? 141 GLU A O   1 
ATOM   883  C  CB  . GLU A 1 141 ? -9.807  12.191  15.110  1.00 28.78 ? 141 GLU A CB  1 
ATOM   884  C  CG  . GLU A 1 141 ? -9.542  11.650  16.517  1.00 34.81 ? 141 GLU A CG  1 
ATOM   885  C  CD  . GLU A 1 141 ? -10.661 11.989  17.492  1.00 38.14 ? 141 GLU A CD  1 
ATOM   886  O  OE1 . GLU A 1 141 ? -11.704 11.296  17.501  1.00 40.16 ? 141 GLU A OE1 1 
ATOM   887  O  OE2 . GLU A 1 141 ? -10.498 12.973  18.252  1.00 40.91 ? 141 GLU A OE2 1 
ATOM   888  N  N   . THR A 1 142 ? -12.051 13.251  13.244  1.00 21.89 ? 142 THR A N   1 
ATOM   889  C  CA  . THR A 1 142 ? -12.470 14.085  12.127  1.00 22.02 ? 142 THR A CA  1 
ATOM   890  C  C   . THR A 1 142 ? -11.489 15.231  11.894  1.00 22.07 ? 142 THR A C   1 
ATOM   891  O  O   . THR A 1 142 ? -11.491 16.223  12.612  1.00 22.34 ? 142 THR A O   1 
ATOM   892  C  CB  . THR A 1 142 ? -13.870 14.675  12.374  1.00 22.97 ? 142 THR A CB  1 
ATOM   893  O  OG1 . THR A 1 142 ? -14.808 13.614  12.604  1.00 20.73 ? 142 THR A OG1 1 
ATOM   894  C  CG2 . THR A 1 142 ? -14.320 15.492  11.167  1.00 23.65 ? 142 THR A CG2 1 
ATOM   895  N  N   . VAL A 1 143 ? -10.654 15.100  10.876  1.00 22.00 ? 143 VAL A N   1 
ATOM   896  C  CA  . VAL A 1 143 ? -9.673  16.130  10.579  1.00 21.28 ? 143 VAL A CA  1 
ATOM   897  C  C   . VAL A 1 143 ? -10.202 17.098  9.533   1.00 21.83 ? 143 VAL A C   1 
ATOM   898  O  O   . VAL A 1 143 ? -10.390 16.740  8.374   1.00 22.34 ? 143 VAL A O   1 
ATOM   899  C  CB  . VAL A 1 143 ? -8.361  15.510  10.092  1.00 21.32 ? 143 VAL A CB  1 
ATOM   900  C  CG1 . VAL A 1 143 ? -7.299  16.589  9.946   1.00 20.97 ? 143 VAL A CG1 1 
ATOM   901  C  CG2 . VAL A 1 143 ? -7.909  14.441  11.079  1.00 20.17 ? 143 VAL A CG2 1 
ATOM   902  N  N   . ARG A 1 144 ? -10.434 18.327  9.977   1.00 21.00 ? 144 ARG A N   1 
ATOM   903  C  CA  . ARG A 1 144 ? -10.958 19.419  9.162   1.00 22.62 ? 144 ARG A CA  1 
ATOM   904  C  C   . ARG A 1 144 ? -9.828  20.185  8.462   1.00 22.50 ? 144 ARG A C   1 
ATOM   905  O  O   . ARG A 1 144 ? -9.934  20.558  7.289   1.00 22.84 ? 144 ARG A O   1 
ATOM   906  C  CB  . ARG A 1 144 ? -11.715 20.385  10.081  1.00 22.65 ? 144 ARG A CB  1 
ATOM   907  C  CG  . ARG A 1 144 ? -13.202 20.562  9.822   1.00 23.98 ? 144 ARG A CG  1 
ATOM   908  C  CD  . ARG A 1 144 ? -14.097 19.439  10.348  1.00 25.29 ? 144 ARG A CD  1 
ATOM   909  N  NE  . ARG A 1 144 ? -14.572 18.588  9.267   1.00 23.96 ? 144 ARG A NE  1 
ATOM   910  C  CZ  . ARG A 1 144 ? -15.751 17.970  9.225   1.00 23.69 ? 144 ARG A CZ  1 
ATOM   911  N  NH1 . ARG A 1 144 ? -16.630 18.093  10.209  1.00 23.96 ? 144 ARG A NH1 1 
ATOM   912  N  NH2 . ARG A 1 144 ? -16.048 17.209  8.180   1.00 22.14 ? 144 ARG A NH2 1 
ATOM   913  N  N   . ASP A 1 145 ? -8.755  20.414  9.217   1.00 22.17 ? 145 ASP A N   1 
ATOM   914  C  CA  . ASP A 1 145 ? -7.574  21.158  8.780   1.00 21.08 ? 145 ASP A CA  1 
ATOM   915  C  C   . ASP A 1 145 ? -6.827  20.547  7.598   1.00 20.09 ? 145 ASP A C   1 
ATOM   916  O  O   . ASP A 1 145 ? -6.446  19.380  7.633   1.00 19.61 ? 145 ASP A O   1 
ATOM   917  C  CB  . ASP A 1 145 ? -6.613  21.301  9.967   1.00 20.92 ? 145 ASP A CB  1 
ATOM   918  C  CG  . ASP A 1 145 ? -5.503  22.280  9.694   1.00 21.00 ? 145 ASP A CG  1 
ATOM   919  O  OD1 . ASP A 1 145 ? -4.321  21.889  9.772   1.00 20.64 ? 145 ASP A OD1 1 
ATOM   920  O  OD2 . ASP A 1 145 ? -5.818  23.448  9.401   1.00 22.61 ? 145 ASP A OD2 1 
ATOM   921  N  N   . ALA A 1 146 ? -6.590  21.361  6.572   1.00 20.05 ? 146 ALA A N   1 
ATOM   922  C  CA  . ALA A 1 146 ? -5.906  20.924  5.357   1.00 19.25 ? 146 ALA A CA  1 
ATOM   923  C  C   . ALA A 1 146 ? -4.425  20.601  5.533   1.00 18.57 ? 146 ALA A C   1 
ATOM   924  O  O   . ALA A 1 146 ? -3.971  19.535  5.106   1.00 18.48 ? 146 ALA A O   1 
ATOM   925  C  CB  . ALA A 1 146 ? -6.081  21.971  4.255   1.00 18.28 ? 146 ALA A CB  1 
ATOM   926  N  N   . ARG A 1 147 ? -3.664  21.511  6.138   1.00 17.26 ? 147 ARG A N   1 
ATOM   927  C  CA  . ARG A 1 147 ? -2.241  21.250  6.340   1.00 19.29 ? 147 ARG A CA  1 
ATOM   928  C  C   . ARG A 1 147 ? -2.071  19.933  7.090   1.00 18.83 ? 147 ARG A C   1 
ATOM   929  O  O   . ARG A 1 147 ? -1.210  19.126  6.754   1.00 17.97 ? 147 ARG A O   1 
ATOM   930  C  CB  . ARG A 1 147 ? -1.566  22.375  7.133   1.00 20.15 ? 147 ARG A CB  1 
ATOM   931  C  CG  . ARG A 1 147 ? -0.111  22.055  7.508   1.00 21.29 ? 147 ARG A CG  1 
ATOM   932  C  CD  . ARG A 1 147 ? 0.532   23.182  8.321   1.00 22.50 ? 147 ARG A CD  1 
ATOM   933  N  NE  . ARG A 1 147 ? 0.885   24.326  7.486   1.00 24.32 ? 147 ARG A NE  1 
ATOM   934  C  CZ  . ARG A 1 147 ? 1.902   24.337  6.627   1.00 26.00 ? 147 ARG A CZ  1 
ATOM   935  N  NH1 . ARG A 1 147 ? 2.673   23.262  6.494   1.00 27.32 ? 147 ARG A NH1 1 
ATOM   936  N  NH2 . ARG A 1 147 ? 2.140   25.416  5.892   1.00 26.84 ? 147 ARG A NH2 1 
ATOM   937  N  N   . THR A 1 148 ? -2.914  19.717  8.093   1.00 17.89 ? 148 THR A N   1 
ATOM   938  C  CA  . THR A 1 148 ? -2.850  18.500  8.895   1.00 19.71 ? 148 THR A CA  1 
ATOM   939  C  C   . THR A 1 148 ? -2.996  17.228  8.058   1.00 19.88 ? 148 THR A C   1 
ATOM   940  O  O   . THR A 1 148 ? -2.199  16.300  8.182   1.00 19.71 ? 148 THR A O   1 
ATOM   941  C  CB  . THR A 1 148 ? -3.932  18.513  9.995   1.00 19.55 ? 148 THR A CB  1 
ATOM   942  O  OG1 . THR A 1 148 ? -3.695  19.616  10.880  1.00 20.13 ? 148 THR A OG1 1 
ATOM   943  C  CG2 . THR A 1 148 ? -3.900  17.228  10.796  1.00 21.74 ? 148 THR A CG2 1 
ATOM   944  N  N   . GLN A 1 149 ? -4.017  17.178  7.206   1.00 19.90 ? 149 GLN A N   1 
ATOM   945  C  CA  . GLN A 1 149 ? -4.228  15.994  6.370   1.00 19.20 ? 149 GLN A CA  1 
ATOM   946  C  C   . GLN A 1 149 ? -3.031  15.773  5.451   1.00 17.98 ? 149 GLN A C   1 
ATOM   947  O  O   . GLN A 1 149 ? -2.483  14.663  5.358   1.00 19.50 ? 149 GLN A O   1 
ATOM   948  C  CB  . GLN A 1 149 ? -5.485  16.153  5.506   1.00 17.17 ? 149 GLN A CB  1 
ATOM   949  C  CG  . GLN A 1 149 ? -6.777  16.397  6.271   1.00 17.78 ? 149 GLN A CG  1 
ATOM   950  C  CD  . GLN A 1 149 ? -8.001  16.351  5.362   1.00 18.22 ? 149 GLN A CD  1 
ATOM   951  O  OE1 . GLN A 1 149 ? -7.895  16.560  4.150   1.00 17.78 ? 149 GLN A OE1 1 
ATOM   952  N  NE2 . GLN A 1 149 ? -9.165  16.094  5.945   1.00 17.99 ? 149 GLN A NE2 1 
ATOM   953  N  N   . VAL A 1 150 ? -2.637  16.845  4.773   1.00 17.88 ? 150 VAL A N   1 
ATOM   954  C  CA  . VAL A 1 150 ? -1.533  16.815  3.826   1.00 17.59 ? 150 VAL A CA  1 
ATOM   955  C  C   . VAL A 1 150 ? -0.220  16.355  4.443   1.00 18.89 ? 150 VAL A C   1 
ATOM   956  O  O   . VAL A 1 150 ? 0.386   15.399  3.959   1.00 19.35 ? 150 VAL A O   1 
ATOM   957  C  CB  . VAL A 1 150 ? -1.362  18.211  3.154   1.00 18.50 ? 150 VAL A CB  1 
ATOM   958  C  CG1 . VAL A 1 150 ? -0.220  18.190  2.120   1.00 14.83 ? 150 VAL A CG1 1 
ATOM   959  C  CG2 . VAL A 1 150 ? -2.665  18.596  2.474   1.00 16.24 ? 150 VAL A CG2 1 
ATOM   960  N  N   . ALA A 1 151 ? 0.220   17.022  5.509   1.00 19.25 ? 151 ALA A N   1 
ATOM   961  C  CA  . ALA A 1 151 ? 1.475   16.644  6.158   1.00 18.96 ? 151 ALA A CA  1 
ATOM   962  C  C   . ALA A 1 151 ? 1.419   15.179  6.588   1.00 18.19 ? 151 ALA A C   1 
ATOM   963  O  O   . ALA A 1 151 ? 2.402   14.448  6.483   1.00 18.04 ? 151 ALA A O   1 
ATOM   964  C  CB  . ALA A 1 151 ? 1.746   17.546  7.366   1.00 16.59 ? 151 ALA A CB  1 
ATOM   965  N  N   . ASP A 1 152 ? 0.255   14.759  7.068   1.00 18.40 ? 152 ASP A N   1 
ATOM   966  C  CA  . ASP A 1 152 ? 0.053   13.381  7.495   1.00 18.61 ? 152 ASP A CA  1 
ATOM   967  C  C   . ASP A 1 152 ? 0.298   12.473  6.286   1.00 19.34 ? 152 ASP A C   1 
ATOM   968  O  O   . ASP A 1 152 ? 1.082   11.522  6.353   1.00 18.62 ? 152 ASP A O   1 
ATOM   969  C  CB  . ASP A 1 152 ? -1.382  13.216  8.018   1.00 18.51 ? 152 ASP A CB  1 
ATOM   970  C  CG  . ASP A 1 152 ? -1.685  11.806  8.520   1.00 20.20 ? 152 ASP A CG  1 
ATOM   971  O  OD1 . ASP A 1 152 ? -0.751  11.002  8.705   1.00 20.44 ? 152 ASP A OD1 1 
ATOM   972  O  OD2 . ASP A 1 152 ? -2.881  11.509  8.744   1.00 21.46 ? 152 ASP A OD2 1 
ATOM   973  N  N   . LEU A 1 153 ? -0.363  12.791  5.175   1.00 19.06 ? 153 LEU A N   1 
ATOM   974  C  CA  . LEU A 1 153 ? -0.241  12.005  3.953   1.00 18.27 ? 153 LEU A CA  1 
ATOM   975  C  C   . LEU A 1 153 ? 1.160   12.017  3.367   1.00 17.27 ? 153 LEU A C   1 
ATOM   976  O  O   . LEU A 1 153 ? 1.659   10.983  2.936   1.00 17.07 ? 153 LEU A O   1 
ATOM   977  C  CB  . LEU A 1 153 ? -1.255  12.491  2.910   1.00 17.20 ? 153 LEU A CB  1 
ATOM   978  C  CG  . LEU A 1 153 ? -2.704  12.176  3.294   1.00 18.78 ? 153 LEU A CG  1 
ATOM   979  C  CD1 . LEU A 1 153 ? -3.671  12.762  2.279   1.00 17.72 ? 153 LEU A CD1 1 
ATOM   980  C  CD2 . LEU A 1 153 ? -2.864  10.666  3.388   1.00 18.86 ? 153 LEU A CD2 1 
ATOM   981  N  N   . VAL A 1 154 ? 1.798   13.184  3.363   1.00 16.80 ? 154 VAL A N   1 
ATOM   982  C  CA  . VAL A 1 154 ? 3.142   13.304  2.821   1.00 17.81 ? 154 VAL A CA  1 
ATOM   983  C  C   . VAL A 1 154 ? 4.137   12.387  3.536   1.00 17.96 ? 154 VAL A C   1 
ATOM   984  O  O   . VAL A 1 154 ? 4.948   11.724  2.892   1.00 17.89 ? 154 VAL A O   1 
ATOM   985  C  CB  . VAL A 1 154 ? 3.609   14.769  2.870   1.00 18.45 ? 154 VAL A CB  1 
ATOM   986  C  CG1 . VAL A 1 154 ? 5.109   14.865  2.614   1.00 17.42 ? 154 VAL A CG1 1 
ATOM   987  C  CG2 . VAL A 1 154 ? 2.845   15.573  1.805   1.00 19.57 ? 154 VAL A CG2 1 
ATOM   988  N  N   . GLN A 1 155 ? 4.060   12.336  4.862   1.00 18.46 ? 155 GLN A N   1 
ATOM   989  C  CA  . GLN A 1 155 ? 4.943   11.469  5.639   1.00 19.87 ? 155 GLN A CA  1 
ATOM   990  C  C   . GLN A 1 155 ? 4.663   10.007  5.288   1.00 19.93 ? 155 GLN A C   1 
ATOM   991  O  O   . GLN A 1 155 ? 5.589   9.190   5.188   1.00 19.22 ? 155 GLN A O   1 
ATOM   992  C  CB  . GLN A 1 155 ? 4.726   11.708  7.144   1.00 21.79 ? 155 GLN A CB  1 
ATOM   993  C  CG  . GLN A 1 155 ? 5.312   10.641  8.073   1.00 24.21 ? 155 GLN A CG  1 
ATOM   994  C  CD  . GLN A 1 155 ? 5.181   11.022  9.545   1.00 25.64 ? 155 GLN A CD  1 
ATOM   995  O  OE1 . GLN A 1 155 ? 6.109   11.561  10.143  1.00 28.11 ? 155 GLN A OE1 1 
ATOM   996  N  NE2 . GLN A 1 155 ? 4.022   10.763  10.125  1.00 25.64 ? 155 GLN A NE2 1 
ATOM   997  N  N   . ASP A 1 156 ? 3.387   9.678   5.099   1.00 18.90 ? 156 ASP A N   1 
ATOM   998  C  CA  . ASP A 1 156 ? 3.004   8.311   4.752   1.00 19.52 ? 156 ASP A CA  1 
ATOM   999  C  C   . ASP A 1 156 ? 3.647   7.927   3.426   1.00 19.14 ? 156 ASP A C   1 
ATOM   1000 O  O   . ASP A 1 156 ? 4.285   6.892   3.310   1.00 20.42 ? 156 ASP A O   1 
ATOM   1001 C  CB  . ASP A 1 156 ? 1.477   8.168   4.600   1.00 19.47 ? 156 ASP A CB  1 
ATOM   1002 C  CG  . ASP A 1 156 ? 0.724   8.169   5.939   1.00 21.59 ? 156 ASP A CG  1 
ATOM   1003 O  OD1 . ASP A 1 156 ? 1.338   7.929   7.000   1.00 20.78 ? 156 ASP A OD1 1 
ATOM   1004 O  OD2 . ASP A 1 156 ? -0.509  8.391   5.910   1.00 20.02 ? 156 ASP A OD2 1 
ATOM   1005 N  N   . LEU A 1 157 ? 3.478   8.785   2.429   1.00 20.00 ? 157 LEU A N   1 
ATOM   1006 C  CA  . LEU A 1 157 ? 3.999   8.538   1.091   1.00 19.88 ? 157 LEU A CA  1 
ATOM   1007 C  C   . LEU A 1 157 ? 5.513   8.451   0.972   1.00 19.48 ? 157 LEU A C   1 
ATOM   1008 O  O   . LEU A 1 157 ? 6.027   7.690   0.148   1.00 18.38 ? 157 LEU A O   1 
ATOM   1009 C  CB  . LEU A 1 157 ? 3.462   9.602   0.137   1.00 19.55 ? 157 LEU A CB  1 
ATOM   1010 C  CG  . LEU A 1 157 ? 1.931   9.676   0.099   1.00 21.28 ? 157 LEU A CG  1 
ATOM   1011 C  CD1 . LEU A 1 157 ? 1.513   10.771  -0.858  1.00 22.02 ? 157 LEU A CD1 1 
ATOM   1012 C  CD2 . LEU A 1 157 ? 1.341   8.330   -0.327  1.00 21.76 ? 157 LEU A CD2 1 
ATOM   1013 N  N   . SER A 1 158 ? 6.234   9.234   1.770   1.00 19.46 ? 158 SER A N   1 
ATOM   1014 C  CA  . SER A 1 158 ? 7.693   9.183   1.722   1.00 19.94 ? 158 SER A CA  1 
ATOM   1015 C  C   . SER A 1 158 ? 8.065   7.773   2.143   1.00 19.96 ? 158 SER A C   1 
ATOM   1016 O  O   . SER A 1 158 ? 8.901   7.116   1.527   1.00 18.91 ? 158 SER A O   1 
ATOM   1017 C  CB  . SER A 1 158 ? 8.309   10.190  2.698   1.00 18.65 ? 158 SER A CB  1 
ATOM   1018 O  OG  . SER A 1 158 ? 7.932   11.517  2.374   1.00 16.28 ? 158 SER A OG  1 
ATOM   1019 N  N   . ARG A 1 159 ? 7.400   7.325   3.203   1.00 20.97 ? 159 ARG A N   1 
ATOM   1020 C  CA  . ARG A 1 159 ? 7.599   6.005   3.783   1.00 22.06 ? 159 ARG A CA  1 
ATOM   1021 C  C   . ARG A 1 159 ? 7.197   4.900   2.809   1.00 21.78 ? 159 ARG A C   1 
ATOM   1022 O  O   . ARG A 1 159 ? 7.937   3.941   2.614   1.00 21.04 ? 159 ARG A O   1 
ATOM   1023 C  CB  . ARG A 1 159 ? 6.760   5.910   5.057   1.00 24.79 ? 159 ARG A CB  1 
ATOM   1024 C  CG  . ARG A 1 159 ? 7.049   4.738   5.972   1.00 31.40 ? 159 ARG A CG  1 
ATOM   1025 C  CD  . ARG A 1 159 ? 6.407   5.032   7.328   1.00 34.99 ? 159 ARG A CD  1 
ATOM   1026 N  NE  . ARG A 1 159 ? 6.896   6.312   7.855   1.00 38.57 ? 159 ARG A NE  1 
ATOM   1027 C  CZ  . ARG A 1 159 ? 6.397   6.945   8.918   1.00 39.42 ? 159 ARG A CZ  1 
ATOM   1028 N  NH1 . ARG A 1 159 ? 5.370   6.439   9.595   1.00 39.91 ? 159 ARG A NH1 1 
ATOM   1029 N  NH2 . ARG A 1 159 ? 6.948   8.079   9.322   1.00 40.43 ? 159 ARG A NH2 1 
ATOM   1030 N  N   . VAL A 1 160 ? 6.022   5.037   2.196   1.00 20.30 ? 160 VAL A N   1 
ATOM   1031 C  CA  . VAL A 1 160 ? 5.535   4.026   1.261   1.00 20.90 ? 160 VAL A CA  1 
ATOM   1032 C  C   . VAL A 1 160 ? 6.372   3.995   -0.019  1.00 19.58 ? 160 VAL A C   1 
ATOM   1033 O  O   . VAL A 1 160 ? 6.744   2.926   -0.503  1.00 18.98 ? 160 VAL A O   1 
ATOM   1034 C  CB  . VAL A 1 160 ? 4.044   4.279   0.910   1.00 22.28 ? 160 VAL A CB  1 
ATOM   1035 C  CG1 . VAL A 1 160 ? 3.561   3.260   -0.118  1.00 21.20 ? 160 VAL A CG1 1 
ATOM   1036 C  CG2 . VAL A 1 160 ? 3.198   4.197   2.185   1.00 21.95 ? 160 VAL A CG2 1 
ATOM   1037 N  N   . GLY A 1 161 ? 6.666   5.174   -0.557  1.00 18.22 ? 161 GLY A N   1 
ATOM   1038 C  CA  . GLY A 1 161 ? 7.467   5.256   -1.765  1.00 18.03 ? 161 GLY A CA  1 
ATOM   1039 C  C   . GLY A 1 161 ? 8.810   4.563   -1.591  1.00 18.69 ? 161 GLY A C   1 
ATOM   1040 O  O   . GLY A 1 161 ? 9.190   3.729   -2.411  1.00 17.15 ? 161 GLY A O   1 
ATOM   1041 N  N   . LYS A 1 162 ? 9.532   4.902   -0.524  1.00 18.48 ? 162 LYS A N   1 
ATOM   1042 C  CA  . LYS A 1 162 ? 10.827  4.279   -0.262  1.00 17.87 ? 162 LYS A CA  1 
ATOM   1043 C  C   . LYS A 1 162 ? 10.602  2.791   0.008   1.00 17.67 ? 162 LYS A C   1 
ATOM   1044 O  O   . LYS A 1 162 ? 11.441  1.949   -0.327  1.00 17.51 ? 162 LYS A O   1 
ATOM   1045 C  CB  . LYS A 1 162 ? 11.502  4.944   0.944   1.00 19.42 ? 162 LYS A CB  1 
ATOM   1046 C  CG  . LYS A 1 162 ? 12.800  4.278   1.406   1.00 21.35 ? 162 LYS A CG  1 
ATOM   1047 C  CD  . LYS A 1 162 ? 13.402  5.035   2.595   1.00 24.52 ? 162 LYS A CD  1 
ATOM   1048 C  CE  . LYS A 1 162 ? 14.657  4.356   3.141   1.00 27.56 ? 162 LYS A CE  1 
ATOM   1049 N  NZ  . LYS A 1 162 ? 15.846  4.523   2.240   1.00 30.90 ? 162 LYS A NZ  1 
ATOM   1050 N  N   . GLY A 1 163 ? 9.460   2.481   0.613   1.00 17.67 ? 163 GLY A N   1 
ATOM   1051 C  CA  . GLY A 1 163 ? 9.127   1.097   0.900   1.00 17.93 ? 163 GLY A CA  1 
ATOM   1052 C  C   . GLY A 1 163 ? 9.143   0.263   -0.371  1.00 17.70 ? 163 GLY A C   1 
ATOM   1053 O  O   . GLY A 1 163 ? 9.762   -0.798  -0.420  1.00 18.18 ? 163 GLY A O   1 
ATOM   1054 N  N   . TYR A 1 164 ? 8.467   0.741   -1.411  1.00 17.44 ? 164 TYR A N   1 
ATOM   1055 C  CA  . TYR A 1 164 ? 8.436   0.006   -2.676  1.00 17.05 ? 164 TYR A CA  1 
ATOM   1056 C  C   . TYR A 1 164 ? 9.819   -0.067  -3.331  1.00 16.52 ? 164 TYR A C   1 
ATOM   1057 O  O   . TYR A 1 164 ? 10.164  -1.086  -3.926  1.00 15.86 ? 164 TYR A O   1 
ATOM   1058 C  CB  . TYR A 1 164 ? 7.436   0.637   -3.648  1.00 14.94 ? 164 TYR A CB  1 
ATOM   1059 C  CG  . TYR A 1 164 ? 5.987   0.275   -3.392  1.00 15.79 ? 164 TYR A CG  1 
ATOM   1060 C  CD1 . TYR A 1 164 ? 5.044   1.264   -3.121  1.00 15.67 ? 164 TYR A CD1 1 
ATOM   1061 C  CD2 . TYR A 1 164 ? 5.545   -1.045  -3.482  1.00 14.66 ? 164 TYR A CD2 1 
ATOM   1062 C  CE1 . TYR A 1 164 ? 3.690   0.950   -2.954  1.00 16.30 ? 164 TYR A CE1 1 
ATOM   1063 C  CE2 . TYR A 1 164 ? 4.195   -1.369  -3.316  1.00 16.21 ? 164 TYR A CE2 1 
ATOM   1064 C  CZ  . TYR A 1 164 ? 3.272   -0.360  -3.054  1.00 16.32 ? 164 TYR A CZ  1 
ATOM   1065 O  OH  . TYR A 1 164 ? 1.930   -0.649  -2.907  1.00 17.60 ? 164 TYR A OH  1 
ATOM   1066 N  N   . ARG A 1 165 ? 10.605  1.002   -3.228  1.00 16.43 ? 165 ARG A N   1 
ATOM   1067 C  CA  . ARG A 1 165 ? 11.947  1.004   -3.805  1.00 17.04 ? 165 ARG A CA  1 
ATOM   1068 C  C   . ARG A 1 165 ? 12.759  -0.103  -3.140  1.00 18.59 ? 165 ARG A C   1 
ATOM   1069 O  O   . ARG A 1 165 ? 13.392  -0.917  -3.818  1.00 17.03 ? 165 ARG A O   1 
ATOM   1070 C  CB  . ARG A 1 165 ? 12.639  2.361   -3.585  1.00 19.21 ? 165 ARG A CB  1 
ATOM   1071 C  CG  . ARG A 1 165 ? 13.940  2.573   -4.391  1.00 19.23 ? 165 ARG A CG  1 
ATOM   1072 C  CD  . ARG A 1 165 ? 15.104  1.723   -3.871  1.00 18.82 ? 165 ARG A CD  1 
ATOM   1073 N  NE  . ARG A 1 165 ? 15.445  2.053   -2.490  1.00 18.45 ? 165 ARG A NE  1 
ATOM   1074 C  CZ  . ARG A 1 165 ? 16.137  3.127   -2.122  1.00 19.39 ? 165 ARG A CZ  1 
ATOM   1075 N  NH1 . ARG A 1 165 ? 16.578  3.990   -3.031  1.00 20.43 ? 165 ARG A NH1 1 
ATOM   1076 N  NH2 . ARG A 1 165 ? 16.383  3.345   -0.839  1.00 18.73 ? 165 ARG A NH2 1 
ATOM   1077 N  N   . ASP A 1 166 ? 12.724  -0.139  -1.809  1.00 19.70 ? 166 ASP A N   1 
ATOM   1078 C  CA  . ASP A 1 166 ? 13.461  -1.148  -1.056  1.00 20.09 ? 166 ASP A CA  1 
ATOM   1079 C  C   . ASP A 1 166 ? 12.920  -2.556  -1.289  1.00 20.20 ? 166 ASP A C   1 
ATOM   1080 O  O   . ASP A 1 166 ? 13.688  -3.514  -1.342  1.00 19.38 ? 166 ASP A O   1 
ATOM   1081 C  CB  . ASP A 1 166 ? 13.430  -0.850  0.453   1.00 21.20 ? 166 ASP A CB  1 
ATOM   1082 C  CG  . ASP A 1 166 ? 14.104  0.477   0.816   1.00 22.10 ? 166 ASP A CG  1 
ATOM   1083 O  OD1 . ASP A 1 166 ? 14.797  1.069   -0.043  1.00 22.39 ? 166 ASP A OD1 1 
ATOM   1084 O  OD2 . ASP A 1 166 ? 13.938  0.920   1.975   1.00 23.59 ? 166 ASP A OD2 1 
ATOM   1085 N  N   . ASP A 1 167 ? 11.603  -2.693  -1.416  1.00 20.00 ? 167 ASP A N   1 
ATOM   1086 C  CA  . ASP A 1 167 ? 11.020  -4.011  -1.626  1.00 19.98 ? 167 ASP A CA  1 
ATOM   1087 C  C   . ASP A 1 167 ? 11.331  -4.534  -3.023  1.00 19.38 ? 167 ASP A C   1 
ATOM   1088 O  O   . ASP A 1 167 ? 11.444  -5.743  -3.232  1.00 20.35 ? 167 ASP A O   1 
ATOM   1089 C  CB  . ASP A 1 167 ? 9.499   -3.982  -1.379  1.00 20.28 ? 167 ASP A CB  1 
ATOM   1090 C  CG  . ASP A 1 167 ? 9.149   -3.819  0.103   1.00 22.51 ? 167 ASP A CG  1 
ATOM   1091 O  OD1 . ASP A 1 167 ? 9.975   -4.222  0.954   1.00 21.96 ? 167 ASP A OD1 1 
ATOM   1092 O  OD2 . ASP A 1 167 ? 8.050   -3.304  0.422   1.00 21.91 ? 167 ASP A OD2 1 
ATOM   1093 N  N   . SER A 1 168 ? 11.472  -3.623  -3.980  1.00 19.12 ? 168 SER A N   1 
ATOM   1094 C  CA  . SER A 1 168 ? 11.796  -4.023  -5.342  1.00 19.36 ? 168 SER A CA  1 
ATOM   1095 C  C   . SER A 1 168 ? 13.192  -4.670  -5.363  1.00 19.69 ? 168 SER A C   1 
ATOM   1096 O  O   . SER A 1 168 ? 13.404  -5.719  -5.978  1.00 18.88 ? 168 SER A O   1 
ATOM   1097 C  CB  . SER A 1 168 ? 11.769  -2.801  -6.263  1.00 17.67 ? 168 SER A CB  1 
ATOM   1098 O  OG  . SER A 1 168 ? 12.254  -3.123  -7.552  1.00 18.47 ? 168 SER A OG  1 
ATOM   1099 N  N   . GLN A 1 169 ? 14.138  -4.039  -4.680  1.00 19.71 ? 169 GLN A N   1 
ATOM   1100 C  CA  . GLN A 1 169 ? 15.494  -4.558  -4.618  1.00 21.05 ? 169 GLN A CA  1 
ATOM   1101 C  C   . GLN A 1 169 ? 15.524  -5.896  -3.888  1.00 21.65 ? 169 GLN A C   1 
ATOM   1102 O  O   . GLN A 1 169 ? 16.214  -6.826  -4.308  1.00 20.93 ? 169 GLN A O   1 
ATOM   1103 C  CB  . GLN A 1 169 ? 16.410  -3.557  -3.908  1.00 21.67 ? 169 GLN A CB  1 
ATOM   1104 C  CG  . GLN A 1 169 ? 16.516  -2.227  -4.628  1.00 21.46 ? 169 GLN A CG  1 
ATOM   1105 C  CD  . GLN A 1 169 ? 17.456  -1.255  -3.933  1.00 20.63 ? 169 GLN A CD  1 
ATOM   1106 O  OE1 . GLN A 1 169 ? 17.373  -1.053  -2.724  1.00 20.41 ? 169 GLN A OE1 1 
ATOM   1107 N  NE2 . GLN A 1 169 ? 18.344  -0.638  -4.701  1.00 19.77 ? 169 GLN A NE2 1 
ATOM   1108 N  N   . ALA A 1 170 ? 14.767  -5.987  -2.798  1.00 21.45 ? 170 ALA A N   1 
ATOM   1109 C  CA  . ALA A 1 170 ? 14.710  -7.212  -2.015  1.00 20.96 ? 170 ALA A CA  1 
ATOM   1110 C  C   . ALA A 1 170 ? 14.170  -8.379  -2.842  1.00 21.50 ? 170 ALA A C   1 
ATOM   1111 O  O   . ALA A 1 170 ? 14.744  -9.467  -2.837  1.00 21.18 ? 170 ALA A O   1 
ATOM   1112 C  CB  . ALA A 1 170 ? 13.844  -7.000  -0.776  1.00 20.97 ? 170 ALA A CB  1 
ATOM   1113 N  N   . CYS A 1 171 ? 13.067  -8.150  -3.551  1.00 20.49 ? 171 CYS A N   1 
ATOM   1114 C  CA  . CYS A 1 171 ? 12.463  -9.194  -4.372  1.00 21.67 ? 171 CYS A CA  1 
ATOM   1115 C  C   . CYS A 1 171 ? 13.404  -9.671  -5.470  1.00 21.40 ? 171 CYS A C   1 
ATOM   1116 O  O   . CYS A 1 171 ? 13.535  -10.869 -5.711  1.00 20.87 ? 171 CYS A O   1 
ATOM   1117 C  CB  . CYS A 1 171 ? 11.153  -8.690  -4.997  1.00 22.11 ? 171 CYS A CB  1 
ATOM   1118 S  SG  . CYS A 1 171 ? 9.796   -8.517  -3.823  1.00 21.54 ? 171 CYS A SG  1 
ATOM   1119 N  N   . ASP A 1 172 ? 14.057  -8.729  -6.135  1.00 23.08 ? 172 ASP A N   1 
ATOM   1120 C  CA  . ASP A 1 172 ? 14.985  -9.067  -7.208  1.00 25.10 ? 172 ASP A CA  1 
ATOM   1121 C  C   . ASP A 1 172 ? 16.110  -9.948  -6.683  1.00 24.54 ? 172 ASP A C   1 
ATOM   1122 O  O   . ASP A 1 172 ? 16.512  -10.909 -7.331  1.00 25.31 ? 172 ASP A O   1 
ATOM   1123 C  CB  . ASP A 1 172 ? 15.581  -7.803  -7.815  1.00 27.89 ? 172 ASP A CB  1 
ATOM   1124 C  CG  . ASP A 1 172 ? 16.223  -8.061  -9.161  1.00 31.57 ? 172 ASP A CG  1 
ATOM   1125 O  OD1 . ASP A 1 172 ? 15.492  -8.429  -10.109 1.00 33.69 ? 172 ASP A OD1 1 
ATOM   1126 O  OD2 . ASP A 1 172 ? 17.456  -7.907  -9.271  1.00 34.51 ? 172 ASP A OD2 1 
ATOM   1127 N  N   . GLU A 1 173 ? 16.616  -9.609  -5.504  1.00 24.88 ? 173 GLU A N   1 
ATOM   1128 C  CA  . GLU A 1 173 ? 17.690  -10.365 -4.876  1.00 25.53 ? 173 GLU A CA  1 
ATOM   1129 C  C   . GLU A 1 173 ? 17.142  -11.741 -4.529  1.00 23.77 ? 173 GLU A C   1 
ATOM   1130 O  O   . GLU A 1 173 ? 17.848  -12.751 -4.626  1.00 24.14 ? 173 GLU A O   1 
ATOM   1131 C  CB  . GLU A 1 173 ? 18.157  -9.645  -3.608  1.00 28.73 ? 173 GLU A CB  1 
ATOM   1132 C  CG  . GLU A 1 173 ? 19.599  -9.928  -3.224  1.00 34.11 ? 173 GLU A CG  1 
ATOM   1133 C  CD  . GLU A 1 173 ? 20.561  -9.682  -4.380  1.00 37.49 ? 173 GLU A CD  1 
ATOM   1134 O  OE1 . GLU A 1 173 ? 20.533  -8.574  -4.971  1.00 39.61 ? 173 GLU A OE1 1 
ATOM   1135 O  OE2 . GLU A 1 173 ? 21.344  -10.602 -4.697  1.00 38.46 ? 173 GLU A OE2 1 
ATOM   1136 N  N   . ALA A 1 174 ? 15.869  -11.771 -4.140  1.00 21.47 ? 174 ALA A N   1 
ATOM   1137 C  CA  . ALA A 1 174 ? 15.190  -13.016 -3.791  1.00 19.73 ? 174 ALA A CA  1 
ATOM   1138 C  C   . ALA A 1 174 ? 14.808  -13.800 -5.051  1.00 19.54 ? 174 ALA A C   1 
ATOM   1139 O  O   . ALA A 1 174 ? 14.063  -14.776 -4.986  1.00 19.10 ? 174 ALA A O   1 
ATOM   1140 C  CB  . ALA A 1 174 ? 13.943  -12.712 -2.958  1.00 18.62 ? 174 ALA A CB  1 
ATOM   1141 N  N   . ASN A 1 175 ? 15.325  -13.361 -6.194  1.00 19.05 ? 175 ASN A N   1 
ATOM   1142 C  CA  . ASN A 1 175 ? 15.066  -14.003 -7.481  1.00 19.52 ? 175 ASN A CA  1 
ATOM   1143 C  C   . ASN A 1 175 ? 13.630  -13.853 -7.982  1.00 20.11 ? 175 ASN A C   1 
ATOM   1144 O  O   . ASN A 1 175 ? 13.100  -14.749 -8.635  1.00 18.59 ? 175 ASN A O   1 
ATOM   1145 C  CB  . ASN A 1 175 ? 15.443  -15.493 -7.433  1.00 20.52 ? 175 ASN A CB  1 
ATOM   1146 C  CG  . ASN A 1 175 ? 16.955  -15.715 -7.374  1.00 22.12 ? 175 ASN A CG  1 
ATOM   1147 O  OD1 . ASN A 1 175 ? 17.701  -15.224 -8.225  1.00 21.97 ? 175 ASN A OD1 1 
ATOM   1148 N  ND2 . ASN A 1 175 ? 17.408  -16.458 -6.369  1.00 19.88 ? 175 ASN A ND2 1 
ATOM   1149 N  N   . ASP A 1 176 ? 13.005  -12.717 -7.683  1.00 20.42 ? 176 ASP A N   1 
ATOM   1150 C  CA  . ASP A 1 176 ? 11.643  -12.475 -8.132  1.00 20.15 ? 176 ASP A CA  1 
ATOM   1151 C  C   . ASP A 1 176 ? 11.573  -11.114 -8.827  1.00 20.45 ? 176 ASP A C   1 
ATOM   1152 O  O   . ASP A 1 176 ? 11.035  -10.142 -8.284  1.00 20.71 ? 176 ASP A O   1 
ATOM   1153 C  CB  . ASP A 1 176 ? 10.671  -12.524 -6.944  1.00 20.23 ? 176 ASP A CB  1 
ATOM   1154 C  CG  . ASP A 1 176 ? 9.219   -12.380 -7.373  1.00 22.35 ? 176 ASP A CG  1 
ATOM   1155 O  OD1 . ASP A 1 176 ? 8.957   -12.322 -8.594  1.00 19.47 ? 176 ASP A OD1 1 
ATOM   1156 O  OD2 . ASP A 1 176 ? 8.340   -12.329 -6.482  1.00 21.80 ? 176 ASP A OD2 1 
ATOM   1157 N  N   . PRO A 1 177 ? 12.134  -11.027 -10.042 1.00 19.68 ? 177 PRO A N   1 
ATOM   1158 C  CA  . PRO A 1 177 ? 12.136  -9.788  -10.822 1.00 20.13 ? 177 PRO A CA  1 
ATOM   1159 C  C   . PRO A 1 177 ? 10.716  -9.385  -11.226 1.00 18.55 ? 177 PRO A C   1 
ATOM   1160 O  O   . PRO A 1 177 ? 10.442  -8.219  -11.529 1.00 18.35 ? 177 PRO A O   1 
ATOM   1161 C  CB  . PRO A 1 177 ? 13.008  -10.144 -12.029 1.00 19.81 ? 177 PRO A CB  1 
ATOM   1162 C  CG  . PRO A 1 177 ? 12.759  -11.613 -12.198 1.00 20.49 ? 177 PRO A CG  1 
ATOM   1163 C  CD  . PRO A 1 177 ? 12.789  -12.119 -10.783 1.00 19.83 ? 177 PRO A CD  1 
ATOM   1164 N  N   . VAL A 1 178 ? 9.822   -10.367 -11.226 1.00 18.49 ? 178 VAL A N   1 
ATOM   1165 C  CA  . VAL A 1 178 ? 8.433   -10.146 -11.594 1.00 18.70 ? 178 VAL A CA  1 
ATOM   1166 C  C   . VAL A 1 178 ? 7.724   -9.257  -10.580 1.00 18.56 ? 178 VAL A C   1 
ATOM   1167 O  O   . VAL A 1 178 ? 7.177   -8.218  -10.948 1.00 19.57 ? 178 VAL A O   1 
ATOM   1168 C  CB  . VAL A 1 178 ? 7.681   -11.492 -11.751 1.00 19.30 ? 178 VAL A CB  1 
ATOM   1169 C  CG1 . VAL A 1 178 ? 6.241   -11.260 -12.166 1.00 17.69 ? 178 VAL A CG1 1 
ATOM   1170 C  CG2 . VAL A 1 178 ? 8.373   -12.338 -12.800 1.00 20.18 ? 178 VAL A CG2 1 
ATOM   1171 N  N   . THR A 1 179 ? 7.735   -9.645  -9.306  1.00 18.10 ? 179 THR A N   1 
ATOM   1172 C  CA  . THR A 1 179 ? 7.085   -8.824  -8.293  1.00 17.78 ? 179 THR A CA  1 
ATOM   1173 C  C   . THR A 1 179 ? 7.814   -7.485  -8.247  1.00 18.62 ? 179 THR A C   1 
ATOM   1174 O  O   . THR A 1 179 ? 7.185   -6.425  -8.211  1.00 18.69 ? 179 THR A O   1 
ATOM   1175 C  CB  . THR A 1 179 ? 7.132   -9.493  -6.897  1.00 18.40 ? 179 THR A CB  1 
ATOM   1176 O  OG1 . THR A 1 179 ? 6.492   -10.771 -6.966  1.00 18.04 ? 179 THR A OG1 1 
ATOM   1177 C  CG2 . THR A 1 179 ? 6.414   -8.629  -5.846  1.00 15.10 ? 179 THR A CG2 1 
ATOM   1178 N  N   . ALA A 1 180 ? 9.146   -7.550  -8.275  1.00 18.57 ? 180 ALA A N   1 
ATOM   1179 C  CA  . ALA A 1 180 ? 10.000  -6.368  -8.245  1.00 18.88 ? 180 ALA A CA  1 
ATOM   1180 C  C   . ALA A 1 180 ? 9.524   -5.348  -9.277  1.00 19.59 ? 180 ALA A C   1 
ATOM   1181 O  O   . ALA A 1 180 ? 9.448   -4.149  -8.998  1.00 18.62 ? 180 ALA A O   1 
ATOM   1182 C  CB  . ALA A 1 180 ? 11.447  -6.763  -8.532  1.00 16.49 ? 180 ALA A CB  1 
ATOM   1183 N  N   . ASP A 1 181 ? 9.207   -5.848  -10.467 1.00 20.39 ? 181 ASP A N   1 
ATOM   1184 C  CA  . ASP A 1 181 ? 8.728   -5.027  -11.566 1.00 21.51 ? 181 ASP A CA  1 
ATOM   1185 C  C   . ASP A 1 181 ? 7.421   -4.338  -11.164 1.00 20.14 ? 181 ASP A C   1 
ATOM   1186 O  O   . ASP A 1 181 ? 7.219   -3.147  -11.415 1.00 19.93 ? 181 ASP A O   1 
ATOM   1187 C  CB  . ASP A 1 181 ? 8.497   -5.914  -12.788 1.00 24.06 ? 181 ASP A CB  1 
ATOM   1188 C  CG  . ASP A 1 181 ? 8.265   -5.118  -14.049 1.00 26.77 ? 181 ASP A CG  1 
ATOM   1189 O  OD1 . ASP A 1 181 ? 9.239   -4.552  -14.578 1.00 29.54 ? 181 ASP A OD1 1 
ATOM   1190 O  OD2 . ASP A 1 181 ? 7.110   -5.056  -14.513 1.00 29.08 ? 181 ASP A OD2 1 
ATOM   1191 N  N   . MET A 1 182 ? 6.527   -5.094  -10.542 1.00 19.15 ? 182 MET A N   1 
ATOM   1192 C  CA  . MET A 1 182 ? 5.257   -4.525  -10.102 1.00 19.63 ? 182 MET A CA  1 
ATOM   1193 C  C   . MET A 1 182 ? 5.500   -3.352  -9.149  1.00 18.42 ? 182 MET A C   1 
ATOM   1194 O  O   . MET A 1 182 ? 4.860   -2.305  -9.258  1.00 18.17 ? 182 MET A O   1 
ATOM   1195 C  CB  . MET A 1 182 ? 4.428   -5.596  -9.405  1.00 18.02 ? 182 MET A CB  1 
ATOM   1196 C  CG  . MET A 1 182 ? 4.018   -6.718  -10.331 1.00 19.45 ? 182 MET A CG  1 
ATOM   1197 S  SD  . MET A 1 182 ? 3.218   -8.034  -9.438  1.00 19.30 ? 182 MET A SD  1 
ATOM   1198 C  CE  . MET A 1 182 ? 1.681   -7.231  -8.902  1.00 21.11 ? 182 MET A CE  1 
ATOM   1199 N  N   . TYR A 1 183 ? 6.442   -3.532  -8.226  1.00 17.90 ? 183 TYR A N   1 
ATOM   1200 C  CA  . TYR A 1 183 ? 6.769   -2.502  -7.249  1.00 17.21 ? 183 TYR A CA  1 
ATOM   1201 C  C   . TYR A 1 183 ? 7.363   -1.248  -7.888  1.00 17.01 ? 183 TYR A C   1 
ATOM   1202 O  O   . TYR A 1 183 ? 7.104   -0.137  -7.429  1.00 17.68 ? 183 TYR A O   1 
ATOM   1203 C  CB  . TYR A 1 183 ? 7.730   -3.064  -6.193  1.00 16.83 ? 183 TYR A CB  1 
ATOM   1204 C  CG  . TYR A 1 183 ? 7.095   -4.046  -5.227  1.00 17.43 ? 183 TYR A CG  1 
ATOM   1205 C  CD1 . TYR A 1 183 ? 7.885   -4.876  -4.433  1.00 16.21 ? 183 TYR A CD1 1 
ATOM   1206 C  CD2 . TYR A 1 183 ? 5.705   -4.133  -5.089  1.00 16.49 ? 183 TYR A CD2 1 
ATOM   1207 C  CE1 . TYR A 1 183 ? 7.317   -5.766  -3.522  1.00 17.39 ? 183 TYR A CE1 1 
ATOM   1208 C  CE2 . TYR A 1 183 ? 5.119   -5.027  -4.171  1.00 16.95 ? 183 TYR A CE2 1 
ATOM   1209 C  CZ  . TYR A 1 183 ? 5.939   -5.837  -3.389  1.00 17.41 ? 183 TYR A CZ  1 
ATOM   1210 O  OH  . TYR A 1 183 ? 5.397   -6.686  -2.448  1.00 15.06 ? 183 TYR A OH  1 
ATOM   1211 N  N   . ASN A 1 184 ? 8.162   -1.417  -8.935  1.00 17.24 ? 184 ASN A N   1 
ATOM   1212 C  CA  . ASN A 1 184 ? 8.744   -0.256  -9.606  1.00 18.00 ? 184 ASN A CA  1 
ATOM   1213 C  C   . ASN A 1 184 ? 7.619   0.650   -10.111 1.00 18.46 ? 184 ASN A C   1 
ATOM   1214 O  O   . ASN A 1 184 ? 7.682   1.879   -9.979  1.00 19.31 ? 184 ASN A O   1 
ATOM   1215 C  CB  . ASN A 1 184 ? 9.646   -0.696  -10.766 1.00 17.68 ? 184 ASN A CB  1 
ATOM   1216 C  CG  . ASN A 1 184 ? 10.865  -1.464  -10.292 1.00 17.69 ? 184 ASN A CG  1 
ATOM   1217 O  OD1 . ASN A 1 184 ? 11.392  -1.194  -9.217  1.00 20.56 ? 184 ASN A OD1 1 
ATOM   1218 N  ND2 . ASN A 1 184 ? 11.327  -2.418  -11.097 1.00 16.24 ? 184 ASN A ND2 1 
ATOM   1219 N  N   . GLY A 1 185 ? 6.585   0.041   -10.683 1.00 18.42 ? 185 GLY A N   1 
ATOM   1220 C  CA  . GLY A 1 185 ? 5.460   0.817   -11.165 1.00 17.69 ? 185 GLY A CA  1 
ATOM   1221 C  C   . GLY A 1 185 ? 4.730   1.509   -10.023 1.00 17.00 ? 185 GLY A C   1 
ATOM   1222 O  O   . GLY A 1 185 ? 4.479   2.710   -10.078 1.00 17.21 ? 185 GLY A O   1 
ATOM   1223 N  N   . TYR A 1 186 ? 4.402   0.758   -8.974  1.00 16.76 ? 186 TYR A N   1 
ATOM   1224 C  CA  . TYR A 1 186 ? 3.687   1.321   -7.827  1.00 16.82 ? 186 TYR A CA  1 
ATOM   1225 C  C   . TYR A 1 186 ? 4.482   2.471   -7.240  1.00 17.21 ? 186 TYR A C   1 
ATOM   1226 O  O   . TYR A 1 186 ? 3.935   3.534   -6.942  1.00 17.31 ? 186 TYR A O   1 
ATOM   1227 C  CB  . TYR A 1 186 ? 3.446   0.248   -6.752  1.00 16.38 ? 186 TYR A CB  1 
ATOM   1228 C  CG  . TYR A 1 186 ? 2.621   -0.935  -7.233  1.00 17.55 ? 186 TYR A CG  1 
ATOM   1229 C  CD1 . TYR A 1 186 ? 2.711   -2.172  -6.594  1.00 18.56 ? 186 TYR A CD1 1 
ATOM   1230 C  CD2 . TYR A 1 186 ? 1.775   -0.825  -8.341  1.00 17.68 ? 186 TYR A CD2 1 
ATOM   1231 C  CE1 . TYR A 1 186 ? 1.989   -3.272  -7.049  1.00 18.79 ? 186 TYR A CE1 1 
ATOM   1232 C  CE2 . TYR A 1 186 ? 1.040   -1.920  -8.804  1.00 18.77 ? 186 TYR A CE2 1 
ATOM   1233 C  CZ  . TYR A 1 186 ? 1.153   -3.144  -8.152  1.00 19.29 ? 186 TYR A CZ  1 
ATOM   1234 O  OH  . TYR A 1 186 ? 0.432   -4.234  -8.585  1.00 15.69 ? 186 TYR A OH  1 
ATOM   1235 N  N   . ALA A 1 187 ? 5.781   2.249   -7.082  1.00 18.20 ? 187 ALA A N   1 
ATOM   1236 C  CA  . ALA A 1 187 ? 6.664   3.271   -6.540  1.00 17.81 ? 187 ALA A CA  1 
ATOM   1237 C  C   . ALA A 1 187 ? 6.517   4.587   -7.312  1.00 17.85 ? 187 ALA A C   1 
ATOM   1238 O  O   . ALA A 1 187 ? 6.290   5.635   -6.712  1.00 17.78 ? 187 ALA A O   1 
ATOM   1239 C  CB  . ALA A 1 187 ? 8.110   2.783   -6.593  1.00 17.90 ? 187 ALA A CB  1 
ATOM   1240 N  N   . ALA A 1 188 ? 6.633   4.533   -8.640  1.00 18.39 ? 188 ALA A N   1 
ATOM   1241 C  CA  . ALA A 1 188 ? 6.514   5.742   -9.458  1.00 17.27 ? 188 ALA A CA  1 
ATOM   1242 C  C   . ALA A 1 188 ? 5.220   6.505   -9.181  1.00 16.92 ? 188 ALA A C   1 
ATOM   1243 O  O   . ALA A 1 188 ? 5.203   7.736   -9.183  1.00 16.53 ? 188 ALA A O   1 
ATOM   1244 C  CB  . ALA A 1 188 ? 6.607   5.388   -10.955 1.00 17.64 ? 188 ALA A CB  1 
ATOM   1245 N  N   . THR A 1 189 ? 4.139   5.769   -8.937  1.00 15.51 ? 189 THR A N   1 
ATOM   1246 C  CA  . THR A 1 189 ? 2.844   6.382   -8.652  1.00 16.70 ? 189 THR A CA  1 
ATOM   1247 C  C   . THR A 1 189 ? 2.811   7.051   -7.267  1.00 16.27 ? 189 THR A C   1 
ATOM   1248 O  O   . THR A 1 189 ? 2.297   8.158   -7.110  1.00 15.85 ? 189 THR A O   1 
ATOM   1249 C  CB  . THR A 1 189 ? 1.713   5.338   -8.741  1.00 16.11 ? 189 THR A CB  1 
ATOM   1250 O  OG1 . THR A 1 189 ? 1.616   4.869   -10.092 1.00 16.52 ? 189 THR A OG1 1 
ATOM   1251 C  CG2 . THR A 1 189 ? 0.375   5.951   -8.308  1.00 17.67 ? 189 THR A CG2 1 
ATOM   1252 N  N   . ILE A 1 190 ? 3.352   6.369   -6.267  1.00 17.07 ? 190 ILE A N   1 
ATOM   1253 C  CA  . ILE A 1 190 ? 3.387   6.916   -4.917  1.00 17.99 ? 190 ILE A CA  1 
ATOM   1254 C  C   . ILE A 1 190 ? 4.260   8.168   -4.893  1.00 18.08 ? 190 ILE A C   1 
ATOM   1255 O  O   . ILE A 1 190 ? 3.864   9.203   -4.351  1.00 19.89 ? 190 ILE A O   1 
ATOM   1256 C  CB  . ILE A 1 190 ? 3.962   5.893   -3.911  1.00 17.90 ? 190 ILE A CB  1 
ATOM   1257 C  CG1 . ILE A 1 190 ? 3.028   4.686   -3.795  1.00 17.77 ? 190 ILE A CG1 1 
ATOM   1258 C  CG2 . ILE A 1 190 ? 4.159   6.551   -2.557  1.00 16.80 ? 190 ILE A CG2 1 
ATOM   1259 C  CD1 . ILE A 1 190 ? 1.699   4.995   -3.169  1.00 16.18 ? 190 ILE A CD1 1 
ATOM   1260 N  N   . ASP A 1 191 ? 5.447   8.069   -5.485  1.00 17.85 ? 191 ASP A N   1 
ATOM   1261 C  CA  . ASP A 1 191 ? 6.383   9.187   -5.522  1.00 17.31 ? 191 ASP A CA  1 
ATOM   1262 C  C   . ASP A 1 191 ? 5.753   10.409  -6.178  1.00 18.01 ? 191 ASP A C   1 
ATOM   1263 O  O   . ASP A 1 191 ? 6.003   11.546  -5.770  1.00 18.74 ? 191 ASP A O   1 
ATOM   1264 C  CB  . ASP A 1 191 ? 7.653   8.807   -6.296  1.00 16.61 ? 191 ASP A CB  1 
ATOM   1265 C  CG  . ASP A 1 191 ? 8.464   7.714   -5.608  1.00 16.46 ? 191 ASP A CG  1 
ATOM   1266 O  OD1 . ASP A 1 191 ? 8.144   7.356   -4.456  1.00 15.96 ? 191 ASP A OD1 1 
ATOM   1267 O  OD2 . ASP A 1 191 ? 9.434   7.215   -6.222  1.00 17.44 ? 191 ASP A OD2 1 
ATOM   1268 N  N   . LYS A 1 192 ? 4.944   10.163  -7.201  1.00 18.17 ? 192 LYS A N   1 
ATOM   1269 C  CA  . LYS A 1 192 ? 4.278   11.234  -7.944  1.00 18.02 ? 192 LYS A CA  1 
ATOM   1270 C  C   . LYS A 1 192 ? 3.240   11.931  -7.070  1.00 17.11 ? 192 LYS A C   1 
ATOM   1271 O  O   . LYS A 1 192 ? 3.165   13.164  -7.042  1.00 15.72 ? 192 LYS A O   1 
ATOM   1272 C  CB  . LYS A 1 192 ? 3.611   10.647  -9.197  1.00 18.95 ? 192 LYS A CB  1 
ATOM   1273 C  CG  . LYS A 1 192 ? 3.009   11.657  -10.161 1.00 20.11 ? 192 LYS A CG  1 
ATOM   1274 C  CD  . LYS A 1 192 ? 2.386   10.910  -11.337 1.00 22.70 ? 192 LYS A CD  1 
ATOM   1275 C  CE  . LYS A 1 192 ? 1.721   11.841  -12.321 1.00 24.56 ? 192 LYS A CE  1 
ATOM   1276 N  NZ  . LYS A 1 192 ? 1.167   11.088  -13.487 1.00 25.98 ? 192 LYS A NZ  1 
ATOM   1277 N  N   . ILE A 1 193 ? 2.450   11.132  -6.358  1.00 16.69 ? 193 ILE A N   1 
ATOM   1278 C  CA  . ILE A 1 193 ? 1.406   11.645  -5.469  1.00 15.91 ? 193 ILE A CA  1 
ATOM   1279 C  C   . ILE A 1 193 ? 2.069   12.397  -4.316  1.00 15.50 ? 193 ILE A C   1 
ATOM   1280 O  O   . ILE A 1 193 ? 1.587   13.448  -3.884  1.00 13.89 ? 193 ILE A O   1 
ATOM   1281 C  CB  . ILE A 1 193 ? 0.532   10.485  -4.914  1.00 15.58 ? 193 ILE A CB  1 
ATOM   1282 C  CG1 . ILE A 1 193 ? -0.180  9.782   -6.082  1.00 17.86 ? 193 ILE A CG1 1 
ATOM   1283 C  CG2 . ILE A 1 193 ? -0.476  11.021  -3.884  1.00 12.64 ? 193 ILE A CG2 1 
ATOM   1284 C  CD1 . ILE A 1 193 ? -0.978  8.539   -5.696  1.00 15.90 ? 193 ILE A CD1 1 
ATOM   1285 N  N   . ARG A 1 194 ? 3.175   11.842  -3.825  1.00 16.29 ? 194 ARG A N   1 
ATOM   1286 C  CA  . ARG A 1 194 ? 3.941   12.453  -2.745  1.00 16.96 ? 194 ARG A CA  1 
ATOM   1287 C  C   . ARG A 1 194 ? 4.321   13.875  -3.144  1.00 17.25 ? 194 ARG A C   1 
ATOM   1288 O  O   . ARG A 1 194 ? 4.110   14.814  -2.380  1.00 17.83 ? 194 ARG A O   1 
ATOM   1289 C  CB  . ARG A 1 194 ? 5.211   11.640  -2.472  1.00 17.59 ? 194 ARG A CB  1 
ATOM   1290 C  CG  . ARG A 1 194 ? 6.271   12.350  -1.625  1.00 19.34 ? 194 ARG A CG  1 
ATOM   1291 C  CD  . ARG A 1 194 ? 7.400   11.388  -1.275  1.00 19.78 ? 194 ARG A CD  1 
ATOM   1292 N  NE  . ARG A 1 194 ? 8.432   11.984  -0.427  1.00 20.89 ? 194 ARG A NE  1 
ATOM   1293 C  CZ  . ARG A 1 194 ? 9.312   12.898  -0.830  1.00 19.61 ? 194 ARG A CZ  1 
ATOM   1294 N  NH1 . ARG A 1 194 ? 9.304   13.342  -2.078  1.00 18.91 ? 194 ARG A NH1 1 
ATOM   1295 N  NH2 . ARG A 1 194 ? 10.212  13.363  0.015   1.00 20.21 ? 194 ARG A NH2 1 
ATOM   1296 N  N   . TRP A 1 195 ? 4.885   14.020  -4.342  1.00 16.69 ? 195 TRP A N   1 
ATOM   1297 C  CA  . TRP A 1 195 ? 5.292   15.331  -4.860  1.00 16.64 ? 195 TRP A CA  1 
ATOM   1298 C  C   . TRP A 1 195 ? 4.155   16.351  -4.845  1.00 16.41 ? 195 TRP A C   1 
ATOM   1299 O  O   . TRP A 1 195 ? 4.307   17.448  -4.317  1.00 15.50 ? 195 TRP A O   1 
ATOM   1300 C  CB  . TRP A 1 195 ? 5.836   15.203  -6.295  1.00 17.69 ? 195 TRP A CB  1 
ATOM   1301 C  CG  . TRP A 1 195 ? 5.576   16.422  -7.180  1.00 18.85 ? 195 TRP A CG  1 
ATOM   1302 C  CD1 . TRP A 1 195 ? 5.818   17.742  -6.871  1.00 19.43 ? 195 TRP A CD1 1 
ATOM   1303 C  CD2 . TRP A 1 195 ? 4.984   16.422  -8.488  1.00 19.46 ? 195 TRP A CD2 1 
ATOM   1304 N  NE1 . TRP A 1 195 ? 5.401   18.552  -7.902  1.00 18.64 ? 195 TRP A NE1 1 
ATOM   1305 C  CE2 . TRP A 1 195 ? 4.886   17.774  -8.902  1.00 19.85 ? 195 TRP A CE2 1 
ATOM   1306 C  CE3 . TRP A 1 195 ? 4.520   15.412  -9.347  1.00 20.88 ? 195 TRP A CE3 1 
ATOM   1307 C  CZ2 . TRP A 1 195 ? 4.350   18.138  -10.143 1.00 19.60 ? 195 TRP A CZ2 1 
ATOM   1308 C  CZ3 . TRP A 1 195 ? 3.986   15.775  -10.583 1.00 19.32 ? 195 TRP A CZ3 1 
ATOM   1309 C  CH2 . TRP A 1 195 ? 3.903   17.129  -10.967 1.00 21.38 ? 195 TRP A CH2 1 
ATOM   1310 N  N   . MET A 1 196 ? 3.024   15.992  -5.437  1.00 16.14 ? 196 MET A N   1 
ATOM   1311 C  CA  . MET A 1 196 ? 1.889   16.904  -5.497  1.00 16.53 ? 196 MET A CA  1 
ATOM   1312 C  C   . MET A 1 196 ? 1.414   17.378  -4.122  1.00 16.86 ? 196 MET A C   1 
ATOM   1313 O  O   . MET A 1 196 ? 1.213   18.576  -3.908  1.00 15.50 ? 196 MET A O   1 
ATOM   1314 C  CB  . MET A 1 196 ? 0.739   16.256  -6.270  1.00 16.46 ? 196 MET A CB  1 
ATOM   1315 C  CG  . MET A 1 196 ? 1.057   16.012  -7.745  1.00 16.26 ? 196 MET A CG  1 
ATOM   1316 S  SD  . MET A 1 196 ? -0.372  15.429  -8.653  1.00 20.98 ? 196 MET A SD  1 
ATOM   1317 C  CE  . MET A 1 196 ? 0.187   15.622  -10.374 1.00 20.91 ? 196 MET A CE  1 
ATOM   1318 N  N   . LEU A 1 197 ? 1.249   16.450  -3.184  1.00 16.68 ? 197 LEU A N   1 
ATOM   1319 C  CA  . LEU A 1 197 ? 0.807   16.826  -1.846  1.00 17.85 ? 197 LEU A CA  1 
ATOM   1320 C  C   . LEU A 1 197 ? 1.862   17.675  -1.124  1.00 18.35 ? 197 LEU A C   1 
ATOM   1321 O  O   . LEU A 1 197 ? 1.525   18.657  -0.464  1.00 19.49 ? 197 LEU A O   1 
ATOM   1322 C  CB  . LEU A 1 197 ? 0.468   15.575  -1.029  1.00 17.71 ? 197 LEU A CB  1 
ATOM   1323 C  CG  . LEU A 1 197 ? -0.806  14.850  -1.479  1.00 18.89 ? 197 LEU A CG  1 
ATOM   1324 C  CD1 . LEU A 1 197 ? -0.901  13.503  -0.798  1.00 19.05 ? 197 LEU A CD1 1 
ATOM   1325 C  CD2 . LEU A 1 197 ? -2.033  15.715  -1.164  1.00 18.29 ? 197 LEU A CD2 1 
ATOM   1326 N  N   . GLN A 1 198 ? 3.135   17.314  -1.257  1.00 17.85 ? 198 GLN A N   1 
ATOM   1327 C  CA  . GLN A 1 198 ? 4.194   18.082  -0.602  1.00 19.10 ? 198 GLN A CA  1 
ATOM   1328 C  C   . GLN A 1 198 ? 4.218   19.510  -1.149  1.00 18.44 ? 198 GLN A C   1 
ATOM   1329 O  O   . GLN A 1 198 ? 4.400   20.476  -0.404  1.00 17.87 ? 198 GLN A O   1 
ATOM   1330 C  CB  . GLN A 1 198 ? 5.552   17.434  -0.850  1.00 19.40 ? 198 GLN A CB  1 
ATOM   1331 C  CG  . GLN A 1 198 ? 6.674   17.988  0.011   1.00 19.41 ? 198 GLN A CG  1 
ATOM   1332 C  CD  . GLN A 1 198 ? 8.036   17.695  -0.584  1.00 20.74 ? 198 GLN A CD  1 
ATOM   1333 O  OE1 . GLN A 1 198 ? 8.425   18.303  -1.576  1.00 20.56 ? 198 GLN A OE1 1 
ATOM   1334 N  NE2 . GLN A 1 198 ? 8.758   16.746  0.003   1.00 20.12 ? 198 GLN A NE2 1 
ATOM   1335 N  N   . ALA A 1 199 ? 4.029   19.631  -2.459  1.00 19.32 ? 199 ALA A N   1 
ATOM   1336 C  CA  . ALA A 1 199 ? 4.029   20.929  -3.114  1.00 18.89 ? 199 ALA A CA  1 
ATOM   1337 C  C   . ALA A 1 199 ? 2.907   21.791  -2.556  1.00 19.09 ? 199 ALA A C   1 
ATOM   1338 O  O   . ALA A 1 199 ? 3.101   22.979  -2.262  1.00 17.87 ? 199 ALA A O   1 
ATOM   1339 C  CB  . ALA A 1 199 ? 3.858   20.757  -4.630  1.00 19.33 ? 199 ALA A CB  1 
ATOM   1340 N  N   . ILE A 1 200 ? 1.729   21.189  -2.417  1.00 19.08 ? 200 ILE A N   1 
ATOM   1341 C  CA  . ILE A 1 200 ? 0.568   21.908  -1.904  1.00 19.74 ? 200 ILE A CA  1 
ATOM   1342 C  C   . ILE A 1 200 ? 0.789   22.501  -0.508  1.00 20.26 ? 200 ILE A C   1 
ATOM   1343 O  O   . ILE A 1 200 ? 0.379   23.635  -0.239  1.00 19.97 ? 200 ILE A O   1 
ATOM   1344 C  CB  . ILE A 1 200 ? -0.679  20.992  -1.841  1.00 18.79 ? 200 ILE A CB  1 
ATOM   1345 C  CG1 . ILE A 1 200 ? -1.206  20.722  -3.250  1.00 19.72 ? 200 ILE A CG1 1 
ATOM   1346 C  CG2 . ILE A 1 200 ? -1.750  21.631  -0.983  1.00 19.66 ? 200 ILE A CG2 1 
ATOM   1347 C  CD1 . ILE A 1 200 ? -2.326  19.688  -3.294  1.00 17.93 ? 200 ILE A CD1 1 
ATOM   1348 N  N   . MET A 1 201 ? 1.439   21.743  0.372   1.00 19.36 ? 201 MET A N   1 
ATOM   1349 C  CA  . MET A 1 201 ? 1.661   22.210  1.736   1.00 20.12 ? 201 MET A CA  1 
ATOM   1350 C  C   . MET A 1 201 ? 2.898   23.082  1.921   1.00 20.07 ? 201 MET A C   1 
ATOM   1351 O  O   . MET A 1 201 ? 3.089   23.674  2.982   1.00 20.97 ? 201 MET A O   1 
ATOM   1352 C  CB  . MET A 1 201 ? 1.725   21.018  2.705   1.00 19.59 ? 201 MET A CB  1 
ATOM   1353 C  CG  . MET A 1 201 ? 2.925   20.106  2.522   1.00 21.33 ? 201 MET A CG  1 
ATOM   1354 S  SD  . MET A 1 201 ? 3.050   18.859  3.830   1.00 22.92 ? 201 MET A SD  1 
ATOM   1355 C  CE  . MET A 1 201 ? 3.556   19.936  5.233   1.00 22.56 ? 201 MET A CE  1 
ATOM   1356 N  N   . ASP A 1 202 ? 3.740   23.168  0.901   1.00 20.71 ? 202 ASP A N   1 
ATOM   1357 C  CA  . ASP A 1 202 ? 4.938   23.984  1.005   1.00 20.52 ? 202 ASP A CA  1 
ATOM   1358 C  C   . ASP A 1 202 ? 4.498   25.441  0.853   1.00 21.85 ? 202 ASP A C   1 
ATOM   1359 O  O   . ASP A 1 202 ? 4.831   26.114  -0.119  1.00 20.97 ? 202 ASP A O   1 
ATOM   1360 C  CB  . ASP A 1 202 ? 5.936   23.599  -0.092  1.00 20.82 ? 202 ASP A CB  1 
ATOM   1361 C  CG  . ASP A 1 202 ? 7.364   23.942  0.281   1.00 21.88 ? 202 ASP A CG  1 
ATOM   1362 O  OD1 . ASP A 1 202 ? 7.557   24.945  1.006   1.00 23.06 ? 202 ASP A OD1 1 
ATOM   1363 O  OD2 . ASP A 1 202 ? 8.298   23.226  -0.147  1.00 22.68 ? 202 ASP A OD2 1 
ATOM   1364 N  N   . ASP A 1 203 ? 3.748   25.930  1.832   1.00 22.48 ? 203 ASP A N   1 
ATOM   1365 C  CA  . ASP A 1 203 ? 3.235   27.286  1.756   1.00 24.07 ? 203 ASP A CA  1 
ATOM   1366 C  C   . ASP A 1 203 ? 2.925   27.818  3.153   1.00 25.89 ? 203 ASP A C   1 
ATOM   1367 O  O   . ASP A 1 203 ? 2.133   27.216  3.887   1.00 25.03 ? 203 ASP A O   1 
ATOM   1368 C  CB  . ASP A 1 203 ? 1.959   27.270  0.915   1.00 21.62 ? 203 ASP A CB  1 
ATOM   1369 C  CG  . ASP A 1 203 ? 1.551   28.635  0.455   1.00 23.96 ? 203 ASP A CG  1 
ATOM   1370 O  OD1 . ASP A 1 203 ? 1.742   29.602  1.226   1.00 22.81 ? 203 ASP A OD1 1 
ATOM   1371 O  OD2 . ASP A 1 203 ? 1.024   28.736  -0.678  1.00 22.56 ? 203 ASP A OD2 1 
ATOM   1372 N  N   . GLU A 1 204 ? 3.531   28.949  3.515   1.00 28.01 ? 204 GLU A N   1 
ATOM   1373 C  CA  . GLU A 1 204 ? 3.293   29.528  4.830   1.00 30.89 ? 204 GLU A CA  1 
ATOM   1374 C  C   . GLU A 1 204 ? 1.908   30.110  4.985   1.00 30.99 ? 204 GLU A C   1 
ATOM   1375 O  O   . GLU A 1 204 ? 1.436   30.294  6.107   1.00 31.04 ? 204 GLU A O   1 
ATOM   1376 C  CB  . GLU A 1 204 ? 4.319   30.618  5.146   1.00 33.23 ? 204 GLU A CB  1 
ATOM   1377 C  CG  . GLU A 1 204 ? 5.458   30.103  5.998   1.00 39.71 ? 204 GLU A CG  1 
ATOM   1378 C  CD  . GLU A 1 204 ? 6.299   29.075  5.272   1.00 42.61 ? 204 GLU A CD  1 
ATOM   1379 O  OE1 . GLU A 1 204 ? 7.038   28.316  5.946   1.00 44.33 ? 204 GLU A OE1 1 
ATOM   1380 O  OE2 . GLU A 1 204 ? 6.226   29.034  4.018   1.00 45.45 ? 204 GLU A OE2 1 
ATOM   1381 N  N   . ARG A 1 205 ? 1.261   30.411  3.864   1.00 30.65 ? 205 ARG A N   1 
ATOM   1382 C  CA  . ARG A 1 205 ? -0.079  30.982  3.894   1.00 30.66 ? 205 ARG A CA  1 
ATOM   1383 C  C   . ARG A 1 205 ? -1.120  29.879  4.056   1.00 32.00 ? 205 ARG A C   1 
ATOM   1384 O  O   . ARG A 1 205 ? -2.326  30.152  4.175   1.00 32.04 ? 205 ARG A O   1 
ATOM   1385 C  CB  . ARG A 1 205 ? -0.343  31.773  2.613   1.00 30.76 ? 205 ARG A CB  1 
ATOM   1386 C  CG  . ARG A 1 205 ? 0.460   33.077  2.489   1.00 32.62 ? 205 ARG A CG  1 
ATOM   1387 C  CD  . ARG A 1 205 ? -0.116  34.169  3.383   1.00 33.47 ? 205 ARG A CD  1 
ATOM   1388 N  NE  . ARG A 1 205 ? -1.484  34.490  2.987   1.00 35.51 ? 205 ARG A NE  1 
ATOM   1389 C  CZ  . ARG A 1 205 ? -1.800  35.194  1.902   1.00 36.01 ? 205 ARG A CZ  1 
ATOM   1390 N  NH1 . ARG A 1 205 ? -0.835  35.662  1.112   1.00 36.22 ? 205 ARG A NH1 1 
ATOM   1391 N  NH2 . ARG A 1 205 ? -3.078  35.402  1.592   1.00 33.31 ? 205 ARG A NH2 1 
ATOM   1392 N  N   . LEU A 1 206 ? -0.662  28.630  4.061   1.00 32.24 ? 206 LEU A N   1 
ATOM   1393 C  CA  . LEU A 1 206 ? -1.582  27.515  4.224   1.00 33.44 ? 206 LEU A CA  1 
ATOM   1394 C  C   . LEU A 1 206 ? -1.831  27.369  5.716   1.00 34.16 ? 206 LEU A C   1 
ATOM   1395 O  O   . LEU A 1 206 ? -0.895  27.205  6.487   1.00 33.31 ? 206 LEU A O   1 
ATOM   1396 C  CB  . LEU A 1 206 ? -0.983  26.211  3.677   1.00 33.37 ? 206 LEU A CB  1 
ATOM   1397 C  CG  . LEU A 1 206 ? -1.956  25.104  3.248   1.00 33.95 ? 206 LEU A CG  1 
ATOM   1398 C  CD1 . LEU A 1 206 ? -1.232  23.775  3.232   1.00 31.90 ? 206 LEU A CD1 1 
ATOM   1399 C  CD2 . LEU A 1 206 ? -3.128  25.022  4.199   1.00 33.33 ? 206 LEU A CD2 1 
ATOM   1400 N  N   . ASP A 1 207 ? -3.106  27.438  6.089   1.00 35.80 ? 207 ASP A N   1 
ATOM   1401 C  CA  . ASP A 1 207 ? -3.591  27.316  7.462   1.00 37.12 ? 207 ASP A CA  1 
ATOM   1402 C  C   . ASP A 1 207 ? -4.766  28.281  7.618   1.00 37.64 ? 207 ASP A C   1 
ATOM   1403 O  O   . ASP A 1 207 ? -5.288  28.789  6.614   1.00 37.38 ? 207 ASP A O   1 
ATOM   1404 C  CB  . ASP A 1 207 ? -2.491  27.650  8.481   1.00 36.85 ? 207 ASP A CB  1 
ATOM   1405 C  CG  . ASP A 1 207 ? -1.772  26.411  8.991   1.00 36.89 ? 207 ASP A CG  1 
ATOM   1406 O  OD1 . ASP A 1 207 ? -2.137  25.283  8.564   1.00 36.08 ? 207 ASP A OD1 1 
ATOM   1407 O  OD2 . ASP A 1 207 ? -0.836  26.562  9.820   1.00 36.72 ? 207 ASP A OD2 1 
HETATM 1408 CO CO  . CO  B 2 .   ? -8.212  25.572  -5.631  0.33 23.00 ? 208 CO  A CO  1 
HETATM 1409 CO CO  . CO  C 2 .   ? -9.227  -10.251 -8.701  1.00 22.18 ? 209 CO  A CO  1 
HETATM 1410 CO CO  . CO  D 2 .   ? 5.845   -21.964 2.289   1.00 29.45 ? 210 CO  A CO  1 
HETATM 1411 CO CO  . CO  E 2 .   ? 8.471   -2.735  -16.060 0.33 38.30 ? 211 CO  A CO  1 
HETATM 1412 S  S   . SO4 F 3 .   ? -5.276  32.474  1.408   0.50 27.73 ? 301 SO4 A S   1 
HETATM 1413 O  O1  . SO4 F 3 .   ? -5.000  32.926  0.036   0.50 31.83 ? 301 SO4 A O1  1 
HETATM 1414 O  O2  . SO4 F 3 .   ? -4.971  33.509  2.428   0.50 30.59 ? 301 SO4 A O2  1 
HETATM 1415 O  O3  . SO4 F 3 .   ? -6.728  32.254  1.521   0.50 31.79 ? 301 SO4 A O3  1 
HETATM 1416 O  O4  . SO4 F 3 .   ? -4.608  31.194  1.685   0.50 31.83 ? 301 SO4 A O4  1 
HETATM 1417 O  O   . HOH G 4 .   ? 7.605   9.251   -9.869  1.00 18.55 ? 213 HOH A O   1 
HETATM 1418 O  O   . HOH G 4 .   ? 1.150   -19.498 -10.100 1.00 19.92 ? 214 HOH A O   1 
HETATM 1419 O  O   . HOH G 4 .   ? -1.347  -13.142 -10.048 1.00 18.23 ? 215 HOH A O   1 
HETATM 1420 O  O   . HOH G 4 .   ? -7.921  -3.491  -6.928  1.00 18.78 ? 216 HOH A O   1 
HETATM 1421 O  O   . HOH G 4 .   ? -5.721  -16.165 5.701   1.00 23.80 ? 217 HOH A O   1 
HETATM 1422 O  O   . HOH G 4 .   ? -1.291  -10.079 -10.072 1.00 24.82 ? 218 HOH A O   1 
HETATM 1423 O  O   . HOH G 4 .   ? -7.701  25.413  8.791   1.00 29.97 ? 219 HOH A O   1 
HETATM 1424 O  O   . HOH G 4 .   ? -11.001 -7.803  11.729  1.00 20.68 ? 220 HOH A O   1 
HETATM 1425 O  O   . HOH G 4 .   ? 3.308   -1.754  -11.294 1.00 18.69 ? 221 HOH A O   1 
HETATM 1426 O  O   . HOH G 4 .   ? -7.828  -11.317 6.399   1.00 18.28 ? 222 HOH A O   1 
HETATM 1427 O  O   . HOH G 4 .   ? -4.249  -9.691  -10.544 1.00 23.03 ? 223 HOH A O   1 
HETATM 1428 O  O   . HOH G 4 .   ? -10.481 12.813  9.301   1.00 18.37 ? 224 HOH A O   1 
HETATM 1429 O  O   . HOH G 4 .   ? -9.914  -4.946  -9.504  1.00 28.80 ? 225 HOH A O   1 
HETATM 1430 O  O   . HOH G 4 .   ? -8.689  23.240  6.482   1.00 23.11 ? 226 HOH A O   1 
HETATM 1431 O  O   . HOH G 4 .   ? -14.262 -7.773  10.224  1.00 17.75 ? 227 HOH A O   1 
HETATM 1432 O  O   . HOH G 4 .   ? 0.268   0.759   -4.645  1.00 21.85 ? 228 HOH A O   1 
HETATM 1433 O  O   . HOH G 4 .   ? -8.977  -31.453 -1.797  1.00 33.91 ? 229 HOH A O   1 
HETATM 1434 O  O   . HOH G 4 .   ? -1.521  -28.223 1.857   1.00 23.27 ? 230 HOH A O   1 
HETATM 1435 O  O   . HOH G 4 .   ? -9.415  23.722  3.117   1.00 19.72 ? 231 HOH A O   1 
HETATM 1436 O  O   . HOH G 4 .   ? -4.371  24.125  7.079   1.00 26.42 ? 232 HOH A O   1 
HETATM 1437 O  O   . HOH G 4 .   ? -15.597 -5.223  9.715   1.00 25.42 ? 233 HOH A O   1 
HETATM 1438 O  O   . HOH G 4 .   ? -8.689  19.461  12.160  1.00 30.85 ? 234 HOH A O   1 
HETATM 1439 O  O   . HOH G 4 .   ? 5.784   0.411   0.658   1.00 18.37 ? 235 HOH A O   1 
HETATM 1440 O  O   . HOH G 4 .   ? -14.939 4.172   -2.320  1.00 18.99 ? 236 HOH A O   1 
HETATM 1441 O  O   . HOH G 4 .   ? 1.306   0.447   -11.734 1.00 23.71 ? 237 HOH A O   1 
HETATM 1442 O  O   . HOH G 4 .   ? 10.282  -2.047  3.118   1.00 22.44 ? 238 HOH A O   1 
HETATM 1443 O  O   . HOH G 4 .   ? -6.064  26.315  5.816   1.00 40.04 ? 239 HOH A O   1 
HETATM 1444 O  O   . HOH G 4 .   ? 3.303   6.020   7.585   1.00 22.09 ? 240 HOH A O   1 
HETATM 1445 O  O   . HOH G 4 .   ? 16.385  -11.734 -9.741  1.00 23.79 ? 241 HOH A O   1 
HETATM 1446 O  O   . HOH G 4 .   ? -5.338  -17.612 -1.728  1.00 23.89 ? 242 HOH A O   1 
HETATM 1447 O  O   . HOH G 4 .   ? -2.489  0.858   -8.871  1.00 23.74 ? 244 HOH A O   1 
HETATM 1448 O  O   . HOH G 4 .   ? -6.561  -4.556  -10.366 1.00 21.34 ? 245 HOH A O   1 
HETATM 1449 O  O   . HOH G 4 .   ? -0.071  6.754   9.021   1.00 16.71 ? 246 HOH A O   1 
HETATM 1450 O  O   . HOH G 4 .   ? -0.022  2.222   -7.573  1.00 42.00 ? 248 HOH A O   1 
HETATM 1451 O  O   . HOH G 4 .   ? -8.467  -6.195  16.308  1.00 28.91 ? 249 HOH A O   1 
HETATM 1452 O  O   . HOH G 4 .   ? 11.401  12.772  2.753   1.00 34.49 ? 250 HOH A O   1 
HETATM 1453 O  O   . HOH G 4 .   ? 16.131  -10.189 -0.704  1.00 23.09 ? 251 HOH A O   1 
HETATM 1454 O  O   . HOH G 4 .   ? 3.134   31.245  -0.406  1.00 24.13 ? 252 HOH A O   1 
HETATM 1455 O  O   . HOH G 4 .   ? 1.829   9.818   8.817   1.00 25.45 ? 253 HOH A O   1 
HETATM 1456 O  O   . HOH G 4 .   ? 19.560  -12.980 -7.615  1.00 33.47 ? 254 HOH A O   1 
HETATM 1457 O  O   . HOH G 4 .   ? -11.363 13.646  -8.495  1.00 19.37 ? 255 HOH A O   1 
HETATM 1458 O  O   . HOH G 4 .   ? -18.218 18.649  6.171   1.00 17.76 ? 256 HOH A O   1 
HETATM 1459 O  O   . HOH G 4 .   ? -7.543  -10.445 -12.118 1.00 23.97 ? 257 HOH A O   1 
HETATM 1460 O  O   . HOH G 4 .   ? -6.016  -7.421  -10.916 1.00 23.84 ? 259 HOH A O   1 
HETATM 1461 O  O   . HOH G 4 .   ? 12.795  -24.204 -0.944  1.00 29.98 ? 260 HOH A O   1 
HETATM 1462 O  O   . HOH G 4 .   ? 10.601  -9.053  3.264   1.00 21.38 ? 261 HOH A O   1 
HETATM 1463 O  O   . HOH G 4 .   ? -5.418  -32.666 -8.464  1.00 38.88 ? 262 HOH A O   1 
HETATM 1464 O  O   . HOH G 4 .   ? 18.651  -22.122 2.153   1.00 52.83 ? 263 HOH A O   1 
HETATM 1465 O  O   . HOH G 4 .   ? 3.469   3.925   -12.542 1.00 34.52 ? 264 HOH A O   1 
HETATM 1466 O  O   . HOH G 4 .   ? 10.697  17.774  3.354   1.00 29.97 ? 265 HOH A O   1 
HETATM 1467 O  O   . HOH G 4 .   ? -12.881 14.082  15.812  1.00 34.34 ? 266 HOH A O   1 
HETATM 1468 O  O   . HOH G 4 .   ? -6.274  -10.364 14.904  1.00 26.59 ? 267 HOH A O   1 
HETATM 1469 O  O   . HOH G 4 .   ? -2.601  23.607  10.548  1.00 29.91 ? 268 HOH A O   1 
HETATM 1470 O  O   . HOH G 4 .   ? -21.288 18.428  7.012   1.00 32.70 ? 269 HOH A O   1 
HETATM 1471 O  O   . HOH G 4 .   ? 8.350   16.011  2.516   1.00 28.74 ? 270 HOH A O   1 
HETATM 1472 O  O   . HOH G 4 .   ? 7.092   -24.649 -3.374  1.00 38.89 ? 271 HOH A O   1 
HETATM 1473 O  O   . HOH G 4 .   ? 11.892  9.836   1.733   1.00 27.91 ? 272 HOH A O   1 
HETATM 1474 O  O   . HOH G 4 .   ? 1.194   -21.889 -6.504  1.00 30.88 ? 273 HOH A O   1 
HETATM 1475 O  O   . HOH G 4 .   ? 0.664   -22.719 4.989   1.00 24.60 ? 274 HOH A O   1 
HETATM 1476 O  O   . HOH G 4 .   ? -3.342  -10.024 12.100  1.00 28.72 ? 275 HOH A O   1 
HETATM 1477 O  O   . HOH G 4 .   ? -13.315 11.817  19.291  1.00 49.46 ? 276 HOH A O   1 
HETATM 1478 O  O   . HOH G 4 .   ? 17.878  -17.063 -2.607  1.00 30.45 ? 277 HOH A O   1 
HETATM 1479 O  O   . HOH G 4 .   ? 1.015   -3.681  -12.373 1.00 35.38 ? 278 HOH A O   1 
HETATM 1480 O  O   . HOH G 4 .   ? -16.207 17.482  4.295   1.00 18.03 ? 279 HOH A O   1 
HETATM 1481 O  O   . HOH G 4 .   ? -1.392  -1.109  -11.000 1.00 26.10 ? 280 HOH A O   1 
HETATM 1482 O  O   . HOH G 4 .   ? 14.481  -22.200 1.251   1.00 35.53 ? 281 HOH A O   1 
HETATM 1483 O  O   . HOH G 4 .   ? -13.426 4.935   -4.798  1.00 35.01 ? 282 HOH A O   1 
HETATM 1484 O  O   . HOH G 4 .   ? -11.542 -32.311 -2.947  1.00 30.35 ? 283 HOH A O   1 
HETATM 1485 O  O   . HOH G 4 .   ? -3.692  -30.358 1.414   1.00 32.80 ? 284 HOH A O   1 
HETATM 1486 O  O   . HOH G 4 .   ? -8.321  -9.111  16.541  1.00 23.53 ? 285 HOH A O   1 
HETATM 1487 O  O   . HOH G 4 .   ? -7.588  27.220  -3.989  0.33 72.20 ? 286 HOH A O   1 
HETATM 1488 O  O   . HOH G 4 .   ? -7.090  9.725   14.394  1.00 39.26 ? 287 HOH A O   1 
HETATM 1489 O  O   . HOH G 4 .   ? 1.437   29.738  -2.975  1.00 32.39 ? 288 HOH A O   1 
HETATM 1490 O  O   . HOH G 4 .   ? -1.220  38.708  -0.139  1.00 39.90 ? 289 HOH A O   1 
HETATM 1491 O  O   . HOH G 4 .   ? 13.121  -6.528  -11.952 1.00 35.81 ? 290 HOH A O   1 
HETATM 1492 O  O   . HOH G 4 .   ? 6.162   3.748   -14.239 1.00 42.60 ? 291 HOH A O   1 
HETATM 1493 O  O   . HOH G 4 .   ? -3.365  9.325   11.094  1.00 41.02 ? 292 HOH A O   1 
HETATM 1494 O  O   . HOH G 4 .   ? -1.599  11.607  -9.683  1.00 44.36 ? 293 HOH A O   1 
HETATM 1495 O  O   . HOH G 4 .   ? -16.735 13.006  -4.270  1.00 29.36 ? 294 HOH A O   1 
HETATM 1496 O  O   . HOH G 4 .   ? -12.316 2.661   -7.086  1.00 38.74 ? 295 HOH A O   1 
HETATM 1497 O  O   . HOH G 4 .   ? 8.563   13.437  4.153   1.00 30.92 ? 296 HOH A O   1 
HETATM 1498 O  O   . HOH G 4 .   ? 10.649  7.341   4.873   1.00 43.84 ? 297 HOH A O   1 
HETATM 1499 O  O   . HOH G 4 .   ? -0.462  15.985  10.337  1.00 19.63 ? 298 HOH A O   1 
HETATM 1500 O  O   . HOH G 4 .   ? -15.872 9.999   -4.697  1.00 17.54 ? 299 HOH A O   1 
HETATM 1501 O  O   . HOH G 4 .   ? -11.696 7.456   -7.249  1.00 34.16 ? 300 HOH A O   1 
HETATM 1502 O  O   . HOH G 4 .   ? 4.839   15.867  6.322   1.00 25.65 ? 302 HOH A O   1 
HETATM 1503 O  O   . HOH G 4 .   ? 5.175   -7.271  7.570   1.00 30.19 ? 303 HOH A O   1 
HETATM 1504 O  O   . HOH G 4 .   ? -1.967  0.021   10.507  1.00 38.90 ? 304 HOH A O   1 
HETATM 1505 O  O   . HOH G 4 .   ? 4.177   -29.060 3.081   1.00 36.50 ? 305 HOH A O   1 
HETATM 1506 O  O   . HOH G 4 .   ? 17.499  -9.557  -11.733 1.00 55.57 ? 306 HOH A O   1 
HETATM 1507 O  O   . HOH G 4 .   ? 12.266  -4.913  1.755   1.00 25.25 ? 307 HOH A O   1 
HETATM 1508 O  O   . HOH G 4 .   ? 8.336   -0.001  4.664   1.00 41.21 ? 308 HOH A O   1 
HETATM 1509 O  O   . HOH G 4 .   ? 0.238   -27.888 -0.968  1.00 35.08 ? 309 HOH A O   1 
HETATM 1510 O  O   . HOH G 4 .   ? 3.746   34.426  4.068   1.00 41.92 ? 310 HOH A O   1 
HETATM 1511 O  O   . HOH G 4 .   ? -3.024  10.985  -14.104 1.00 48.26 ? 311 HOH A O   1 
HETATM 1512 O  O   . HOH G 4 .   ? 20.487  -16.430 -5.898  1.00 37.60 ? 312 HOH A O   1 
HETATM 1513 O  O   . HOH G 4 .   ? -6.552  7.361   -12.966 1.00 40.89 ? 313 HOH A O   1 
HETATM 1514 O  O   . HOH G 4 .   ? -4.769  -13.233 10.167  1.00 42.23 ? 314 HOH A O   1 
HETATM 1515 O  O   . HOH G 4 .   ? 0.284   9.006   -9.593  1.00 39.46 ? 315 HOH A O   1 
HETATM 1516 O  O   . HOH G 4 .   ? -19.619 16.780  8.826   1.00 22.53 ? 316 HOH A O   1 
HETATM 1517 O  O   . HOH G 4 .   ? 18.369  2.684   2.639   1.00 41.21 ? 317 HOH A O   1 
HETATM 1518 O  O   . HOH G 4 .   ? -11.409 24.484  -3.126  1.00 23.93 ? 318 HOH A O   1 
HETATM 1519 O  O   . HOH G 4 .   ? 17.345  -12.964 -0.599  1.00 27.98 ? 319 HOH A O   1 
HETATM 1520 O  O   . HOH G 4 .   ? 11.510  -24.023 -6.757  1.00 43.88 ? 320 HOH A O   1 
HETATM 1521 O  O   . HOH G 4 .   ? -5.296  -32.074 -5.438  1.00 62.20 ? 321 HOH A O   1 
HETATM 1522 O  O   . HOH G 4 .   ? -10.751 19.559  -11.721 0.33 23.47 ? 322 HOH A O   1 
HETATM 1523 O  O   . HOH G 4 .   ? 3.971   -4.585  8.257   1.00 31.29 ? 323 HOH A O   1 
HETATM 1524 O  O   . HOH G 4 .   ? -2.092  -0.054  13.801  1.00 48.67 ? 324 HOH A O   1 
HETATM 1525 O  O   . HOH G 4 .   ? -8.759  3.073   -10.998 1.00 29.71 ? 325 HOH A O   1 
HETATM 1526 O  O   . HOH G 4 .   ? -10.545 -10.376 14.932  1.00 45.22 ? 326 HOH A O   1 
HETATM 1527 O  O   . HOH G 4 .   ? 5.037   26.319  5.222   1.00 45.52 ? 327 HOH A O   1 
HETATM 1528 O  O   . HOH G 4 .   ? 7.012   -4.494  -17.277 1.00 38.66 ? 328 HOH A O   1 
HETATM 1529 O  O   . HOH G 4 .   ? 5.946   -7.744  -13.526 1.00 28.41 ? 329 HOH A O   1 
HETATM 1530 O  O   . HOH G 4 .   ? -10.242 20.764  -10.511 0.33 23.70 ? 331 HOH A O   1 
HETATM 1531 O  O   . HOH G 4 .   ? 15.553  -9.682  -14.315 1.00 30.10 ? 340 HOH A O   1 
# 
